data_4BIU
#
_entry.id   4BIU
#
_cell.length_a   143.274
_cell.length_b   191.697
_cell.length_c   205.013
_cell.angle_alpha   90.00
_cell.angle_beta   90.00
_cell.angle_gamma   90.00
#
_symmetry.space_group_name_H-M   'C 2 2 21'
#
loop_
_entity.id
_entity.type
_entity.pdbx_description
1 polymer 'SENSOR PROTEIN CPXA'
2 non-polymer "ADENOSINE-5'-DIPHOSPHATE"
3 non-polymer 'SULFATE ION'
#
_entity_poly.entity_id   1
_entity_poly.type   'polypeptide(L)'
_entity_poly.pdbx_seq_one_letter_code
;MGSSHHHHHHSSGLVPRGSHMENLYFQGKPARKLKNAADEVAQGNLRQHPELEAGPQEFLAAGASFNQMVTALERMMTSQ
QRLLSDISHELRTPLTRLQLGTALLRRRSGESKELERIETEAQRLDSMINDLLVMSRNQQKNALVSETIKANQLWSEVLD
NAAFEAEQMGKSLTVNFPPGPWPLYGNPNALESALENIVRNALRYSHTKIEVGFAVDKDGITITVDDDGPGVSPEDREQI
FRPFYRTDEARDRESGGTGLGLAIVETAIQQHRGWVKAEDSPLGGLRLVIWLPLYKRS
;
_entity_poly.pdbx_strand_id   A,B,C,D,E,F
#
loop_
_chem_comp.id
_chem_comp.type
_chem_comp.name
_chem_comp.formula
ADP non-polymer ADENOSINE-5'-DIPHOSPHATE 'C10 H15 N5 O10 P2'
SO4 non-polymer 'SULFATE ION' 'O4 S -2'
#
# COMPACT_ATOMS: atom_id res chain seq x y z
N LYS A 29 -3.26 -3.49 60.56
CA LYS A 29 -3.01 -2.26 59.81
C LYS A 29 -3.02 -2.50 58.30
N PRO A 30 -3.78 -1.67 57.53
CA PRO A 30 -3.86 -1.88 56.09
C PRO A 30 -2.69 -1.29 55.30
N ALA A 31 -2.13 -0.15 55.76
CA ALA A 31 -1.01 0.53 55.14
C ALA A 31 0.24 -0.33 55.21
N ARG A 32 0.43 -1.05 56.34
CA ARG A 32 1.57 -1.94 56.54
C ARG A 32 1.42 -3.16 55.65
N LYS A 33 0.18 -3.67 55.46
CA LYS A 33 -0.11 -4.79 54.57
C LYS A 33 0.25 -4.45 53.14
N LEU A 34 -0.24 -3.29 52.64
CA LEU A 34 0.03 -2.83 51.27
C LEU A 34 1.50 -2.45 51.07
N LYS A 35 2.17 -1.91 52.10
CA LYS A 35 3.59 -1.57 52.02
C LYS A 35 4.44 -2.83 51.89
N ASN A 36 4.16 -3.85 52.72
CA ASN A 36 4.88 -5.13 52.71
C ASN A 36 4.60 -5.91 51.44
N ALA A 37 3.39 -5.79 50.88
CA ALA A 37 3.03 -6.45 49.62
C ALA A 37 3.74 -5.78 48.44
N ALA A 38 3.83 -4.43 48.43
CA ALA A 38 4.54 -3.66 47.39
C ALA A 38 6.04 -3.90 47.46
N ASP A 39 6.60 -4.06 48.68
CA ASP A 39 8.03 -4.35 48.89
C ASP A 39 8.35 -5.78 48.52
N GLU A 40 7.32 -6.66 48.60
CA GLU A 40 7.35 -8.06 48.25
C GLU A 40 7.42 -8.19 46.74
N VAL A 41 6.39 -7.68 46.00
CA VAL A 41 6.30 -7.68 44.52
C VAL A 41 7.56 -7.05 43.92
N ALA A 42 8.08 -5.97 44.55
CA ALA A 42 9.30 -5.28 44.12
C ALA A 42 10.50 -6.23 44.07
N GLN A 43 10.40 -7.39 44.78
CA GLN A 43 11.43 -8.42 44.81
C GLN A 43 11.09 -9.54 43.83
N GLY A 44 10.11 -10.39 44.13
CA GLY A 44 9.73 -11.46 43.22
C GLY A 44 8.77 -12.50 43.77
N ASN A 45 7.79 -12.05 44.56
CA ASN A 45 6.77 -12.93 45.13
C ASN A 45 5.50 -12.88 44.30
N LEU A 46 5.45 -13.71 43.24
CA LEU A 46 4.33 -13.77 42.31
C LEU A 46 3.12 -14.57 42.84
N ARG A 47 3.06 -14.84 44.17
CA ARG A 47 1.96 -15.59 44.77
C ARG A 47 1.51 -14.92 46.08
N GLN A 48 0.58 -13.95 45.99
CA GLN A 48 0.12 -13.22 47.17
C GLN A 48 -1.37 -13.32 47.38
N HIS A 49 -1.78 -13.48 48.65
CA HIS A 49 -3.17 -13.55 49.07
C HIS A 49 -3.42 -12.76 50.38
N PRO A 50 -3.34 -11.40 50.33
CA PRO A 50 -3.60 -10.61 51.55
C PRO A 50 -5.02 -10.80 52.07
N GLU A 51 -6.02 -10.94 51.17
CA GLU A 51 -7.43 -11.11 51.49
C GLU A 51 -8.11 -12.06 50.50
N GLU A 58 -12.57 -0.32 53.24
CA GLU A 58 -12.36 0.46 52.02
C GLU A 58 -11.14 0.00 51.21
N PHE A 59 -10.15 -0.60 51.90
CA PHE A 59 -8.90 -1.08 51.31
C PHE A 59 -9.07 -2.51 50.76
N LEU A 60 -10.33 -2.99 50.60
CA LEU A 60 -10.66 -4.32 50.06
C LEU A 60 -10.61 -4.31 48.53
N ALA A 61 -11.17 -3.25 47.91
CA ALA A 61 -11.12 -3.05 46.45
C ALA A 61 -9.69 -2.72 46.04
N ALA A 62 -8.93 -1.98 46.89
CA ALA A 62 -7.51 -1.65 46.65
C ALA A 62 -6.64 -2.91 46.71
N GLY A 63 -6.92 -3.81 47.67
CA GLY A 63 -6.23 -5.08 47.85
C GLY A 63 -6.50 -6.04 46.71
N ALA A 64 -7.78 -6.14 46.27
CA ALA A 64 -8.19 -7.01 45.16
C ALA A 64 -7.62 -6.51 43.84
N SER A 65 -7.56 -5.17 43.63
CA SER A 65 -6.98 -4.59 42.41
C SER A 65 -5.46 -4.76 42.40
N PHE A 66 -4.84 -4.82 43.60
CA PHE A 66 -3.40 -5.04 43.78
C PHE A 66 -3.05 -6.47 43.38
N ASN A 67 -3.84 -7.48 43.80
CA ASN A 67 -3.63 -8.88 43.46
C ASN A 67 -3.87 -9.11 41.96
N GLN A 68 -4.82 -8.34 41.37
CA GLN A 68 -5.09 -8.37 39.93
C GLN A 68 -3.88 -7.83 39.19
N MET A 69 -3.21 -6.80 39.78
CA MET A 69 -1.98 -6.19 39.25
C MET A 69 -0.85 -7.21 39.28
N VAL A 70 -0.72 -8.01 40.36
CA VAL A 70 0.29 -9.05 40.52
C VAL A 70 0.13 -10.09 39.40
N THR A 71 -1.11 -10.58 39.17
CA THR A 71 -1.43 -11.56 38.13
C THR A 71 -1.06 -11.01 36.75
N ALA A 72 -1.41 -9.74 36.48
CA ALA A 72 -1.13 -9.04 35.21
C ALA A 72 0.37 -8.90 34.99
N LEU A 73 1.14 -8.56 36.07
CA LEU A 73 2.60 -8.41 36.01
C LEU A 73 3.27 -9.73 35.70
N GLU A 74 2.79 -10.82 36.29
CA GLU A 74 3.32 -12.16 36.07
C GLU A 74 3.12 -12.55 34.60
N ARG A 75 1.92 -12.29 34.02
CA ARG A 75 1.64 -12.55 32.60
C ARG A 75 2.53 -11.69 31.70
N MET A 76 2.77 -10.41 32.09
CA MET A 76 3.62 -9.45 31.36
C MET A 76 5.09 -9.84 31.38
N MET A 77 5.53 -10.57 32.43
CA MET A 77 6.93 -11.02 32.58
C MET A 77 7.17 -12.34 31.82
N THR A 78 6.18 -13.26 31.84
CA THR A 78 6.24 -14.55 31.11
C THR A 78 6.22 -14.33 29.59
N SER A 79 5.57 -13.24 29.14
CA SER A 79 5.44 -12.84 27.74
C SER A 79 6.79 -12.54 27.14
N GLN A 80 7.70 -11.82 27.84
CA GLN A 80 9.04 -11.46 27.35
C GLN A 80 9.92 -12.65 27.05
N GLN A 81 10.07 -13.58 28.03
CA GLN A 81 10.90 -14.78 27.88
C GLN A 81 10.30 -15.72 26.85
N ARG A 82 8.95 -15.74 26.78
CA ARG A 82 8.20 -16.53 25.81
C ARG A 82 8.52 -16.05 24.41
N LEU A 83 8.54 -14.71 24.22
CA LEU A 83 8.83 -14.09 22.92
C LEU A 83 10.16 -14.51 22.41
N LEU A 84 11.22 -14.31 23.24
CA LEU A 84 12.60 -14.62 22.90
C LEU A 84 12.78 -16.09 22.56
N SER A 85 12.28 -17.00 23.42
CA SER A 85 12.41 -18.45 23.17
C SER A 85 11.59 -18.89 21.96
N ASP A 86 10.42 -18.25 21.73
CA ASP A 86 9.59 -18.62 20.60
C ASP A 86 10.24 -18.19 19.32
N ILE A 87 10.76 -16.95 19.24
CA ILE A 87 11.40 -16.42 18.02
C ILE A 87 12.65 -17.26 17.69
N SER A 88 13.39 -17.66 18.73
CA SER A 88 14.57 -18.49 18.59
C SER A 88 14.22 -19.80 17.86
N HIS A 89 13.15 -20.48 18.29
CA HIS A 89 12.69 -21.73 17.69
C HIS A 89 12.03 -21.55 16.32
N GLU A 90 11.26 -20.45 16.18
CA GLU A 90 10.52 -20.11 14.96
C GLU A 90 11.42 -19.80 13.82
N LEU A 91 12.57 -19.18 14.08
CA LEU A 91 13.45 -18.76 13.01
C LEU A 91 14.22 -19.94 12.42
N ARG A 92 14.52 -20.98 13.20
CA ARG A 92 15.30 -22.14 12.76
C ARG A 92 14.70 -22.90 11.57
N THR A 93 13.42 -23.29 11.68
CA THR A 93 12.73 -24.12 10.70
C THR A 93 12.75 -23.58 9.23
N PRO A 94 12.37 -22.30 8.90
CA PRO A 94 12.39 -21.88 7.48
C PRO A 94 13.80 -21.68 6.96
N LEU A 95 14.73 -21.34 7.88
CA LEU A 95 16.15 -21.16 7.58
C LEU A 95 16.73 -22.45 7.07
N THR A 96 16.33 -23.60 7.67
CA THR A 96 16.77 -24.94 7.26
C THR A 96 16.28 -25.22 5.87
N ARG A 97 14.99 -24.89 5.57
CA ARG A 97 14.36 -25.08 4.25
C ARG A 97 15.06 -24.21 3.21
N LEU A 98 15.47 -22.99 3.62
CA LEU A 98 16.21 -22.04 2.80
C LEU A 98 17.58 -22.62 2.45
N GLN A 99 18.30 -23.13 3.47
CA GLN A 99 19.64 -23.72 3.32
C GLN A 99 19.59 -24.95 2.43
N LEU A 100 18.45 -25.66 2.46
CA LEU A 100 18.23 -26.85 1.65
C LEU A 100 17.94 -26.47 0.20
N GLY A 101 17.23 -25.35 0.07
CA GLY A 101 16.85 -24.74 -1.19
C GLY A 101 18.05 -24.33 -2.02
N THR A 102 19.00 -23.61 -1.38
CA THR A 102 20.27 -23.15 -1.96
C THR A 102 21.14 -24.33 -2.38
N ALA A 103 21.11 -25.42 -1.58
CA ALA A 103 21.83 -26.66 -1.86
C ALA A 103 21.32 -27.29 -3.15
N LEU A 104 20.01 -27.17 -3.42
CA LEU A 104 19.39 -27.70 -4.64
C LEU A 104 19.74 -26.85 -5.86
N LEU A 105 20.08 -25.57 -5.63
CA LEU A 105 20.50 -24.68 -6.71
C LEU A 105 21.90 -25.02 -7.18
N ARG A 106 22.81 -25.45 -6.25
CA ARG A 106 24.15 -25.95 -6.59
C ARG A 106 24.04 -27.24 -7.43
N ARG A 107 22.87 -27.92 -7.34
CA ARG A 107 22.57 -29.15 -8.05
C ARG A 107 22.06 -28.87 -9.46
N ARG A 108 20.96 -28.10 -9.61
CA ARG A 108 20.36 -27.78 -10.92
C ARG A 108 21.24 -26.81 -11.72
N SER A 109 21.84 -25.84 -11.02
CA SER A 109 22.73 -24.84 -11.61
C SER A 109 24.10 -25.02 -10.98
N GLY A 110 25.09 -24.25 -11.42
CA GLY A 110 26.44 -24.34 -10.89
C GLY A 110 26.70 -23.33 -9.79
N GLU A 111 27.96 -22.94 -9.65
CA GLU A 111 28.39 -21.98 -8.66
C GLU A 111 28.44 -20.60 -9.25
N SER A 112 27.62 -19.74 -8.71
CA SER A 112 27.57 -18.35 -9.11
C SER A 112 28.10 -17.50 -7.98
N LYS A 113 28.23 -16.18 -8.19
CA LYS A 113 28.68 -15.25 -7.17
C LYS A 113 27.51 -14.91 -6.26
N GLU A 114 26.28 -14.84 -6.82
CA GLU A 114 25.03 -14.52 -6.11
C GLU A 114 24.68 -15.66 -5.16
N LEU A 115 24.92 -16.93 -5.59
CA LEU A 115 24.70 -18.11 -4.74
C LEU A 115 25.65 -18.10 -3.57
N GLU A 116 26.88 -17.63 -3.82
CA GLU A 116 27.90 -17.50 -2.79
C GLU A 116 27.48 -16.47 -1.78
N ARG A 117 26.78 -15.42 -2.22
CA ARG A 117 26.26 -14.34 -1.40
C ARG A 117 25.15 -14.88 -0.50
N ILE A 118 24.16 -15.59 -1.09
CA ILE A 118 23.00 -16.17 -0.38
C ILE A 118 23.49 -17.18 0.65
N GLU A 119 24.41 -18.10 0.28
CA GLU A 119 24.93 -19.11 1.21
C GLU A 119 25.77 -18.49 2.33
N THR A 120 26.50 -17.41 2.03
CA THR A 120 27.32 -16.71 3.03
C THR A 120 26.40 -16.11 4.08
N GLU A 121 25.37 -15.37 3.63
CA GLU A 121 24.41 -14.71 4.50
C GLU A 121 23.59 -15.74 5.25
N ALA A 122 23.29 -16.89 4.60
CA ALA A 122 22.54 -18.01 5.21
C ALA A 122 23.30 -18.58 6.38
N GLN A 123 24.65 -18.71 6.25
CA GLN A 123 25.51 -19.21 7.33
C GLN A 123 25.61 -18.19 8.46
N ARG A 124 25.63 -16.88 8.10
CA ARG A 124 25.67 -15.79 9.07
C ARG A 124 24.42 -15.85 9.94
N LEU A 125 23.24 -16.00 9.30
CA LEU A 125 21.95 -16.12 9.98
C LEU A 125 21.89 -17.39 10.78
N ASP A 126 22.44 -18.50 10.23
CA ASP A 126 22.47 -19.81 10.89
C ASP A 126 23.17 -19.73 12.25
N SER A 127 24.40 -19.18 12.26
CA SER A 127 25.18 -19.04 13.49
C SER A 127 24.43 -18.15 14.50
N MET A 128 23.80 -17.06 14.01
CA MET A 128 23.03 -16.13 14.82
C MET A 128 21.85 -16.82 15.50
N ILE A 129 21.13 -17.70 14.78
CA ILE A 129 19.98 -18.45 15.31
C ILE A 129 20.45 -19.38 16.41
N ASN A 130 21.57 -20.09 16.17
CA ASN A 130 22.15 -21.02 17.12
C ASN A 130 22.49 -20.30 18.41
N ASP A 131 23.09 -19.09 18.30
CA ASP A 131 23.46 -18.26 19.46
C ASP A 131 22.23 -17.75 20.18
N LEU A 132 21.16 -17.41 19.43
CA LEU A 132 19.88 -16.97 20.00
C LEU A 132 19.27 -18.08 20.82
N LEU A 133 19.35 -19.31 20.28
CA LEU A 133 18.86 -20.51 20.94
C LEU A 133 19.59 -20.73 22.26
N VAL A 134 20.93 -20.63 22.24
CA VAL A 134 21.78 -20.80 23.40
C VAL A 134 21.49 -19.71 24.43
N MET A 135 21.52 -18.45 23.96
CA MET A 135 21.33 -17.28 24.81
C MET A 135 19.88 -16.99 25.14
N SER A 136 19.01 -18.01 25.03
CA SER A 136 17.61 -17.96 25.44
C SER A 136 17.36 -19.18 26.29
N ARG A 137 18.24 -20.19 26.14
CA ARG A 137 18.24 -21.42 26.93
C ARG A 137 18.83 -21.12 28.30
N ASN A 138 19.87 -20.26 28.34
CA ASN A 138 20.54 -19.86 29.57
C ASN A 138 19.76 -18.74 30.25
N GLN A 139 19.11 -17.86 29.47
CA GLN A 139 18.27 -16.77 30.00
C GLN A 139 17.00 -17.33 30.62
N GLN A 140 16.44 -18.42 30.03
CA GLN A 140 15.25 -19.09 30.56
C GLN A 140 15.54 -19.70 31.93
N LYS A 141 16.82 -20.06 32.18
CA LYS A 141 17.29 -20.66 33.43
C LYS A 141 17.45 -19.65 34.59
N ASN A 142 17.04 -18.39 34.41
CA ASN A 142 17.14 -17.38 35.45
C ASN A 142 15.79 -17.14 36.10
N ALA A 143 14.76 -16.79 35.29
CA ALA A 143 13.36 -16.54 35.68
C ALA A 143 13.29 -15.53 36.86
N LEU A 144 13.01 -16.02 38.10
CA LEU A 144 12.89 -15.25 39.35
C LEU A 144 14.15 -14.42 39.53
N VAL A 145 13.95 -13.10 39.60
CA VAL A 145 14.99 -12.07 39.51
C VAL A 145 15.81 -11.72 40.77
N SER A 146 15.21 -11.20 41.85
CA SER A 146 16.03 -10.58 42.90
C SER A 146 16.40 -11.35 44.17
N GLU A 147 17.61 -11.01 44.72
CA GLU A 147 18.21 -11.52 45.96
C GLU A 147 19.45 -10.68 46.41
N THR A 148 19.84 -10.78 47.72
CA THR A 148 21.03 -10.16 48.34
C THR A 148 22.19 -11.20 48.36
N ILE A 149 23.34 -10.83 47.77
CA ILE A 149 24.51 -11.71 47.68
C ILE A 149 25.81 -10.95 47.99
N LYS A 150 26.85 -11.69 48.39
CA LYS A 150 28.20 -11.14 48.66
C LYS A 150 29.14 -11.49 47.50
N ALA A 151 29.89 -10.49 47.01
CA ALA A 151 30.81 -10.54 45.86
C ALA A 151 31.68 -11.79 45.78
N ASN A 152 32.45 -12.12 46.84
CA ASN A 152 33.33 -13.30 46.88
C ASN A 152 32.53 -14.59 46.70
N GLN A 153 31.38 -14.71 47.42
CA GLN A 153 30.46 -15.85 47.37
C GLN A 153 29.92 -16.02 45.97
N LEU A 154 29.64 -14.89 45.31
CA LEU A 154 29.11 -14.82 43.97
C LEU A 154 30.11 -15.24 42.87
N TRP A 155 31.31 -14.62 42.82
CA TRP A 155 32.26 -14.82 41.73
C TRP A 155 33.45 -15.76 41.97
N SER A 156 33.69 -16.23 43.22
CA SER A 156 34.83 -17.14 43.52
C SER A 156 34.83 -18.36 42.61
N GLU A 157 33.67 -19.05 42.50
CA GLU A 157 33.44 -20.24 41.70
C GLU A 157 33.79 -19.99 40.23
N VAL A 158 33.32 -18.85 39.66
CA VAL A 158 33.54 -18.42 38.28
C VAL A 158 35.05 -18.25 38.03
N LEU A 159 35.75 -17.61 38.97
CA LEU A 159 37.19 -17.36 38.89
C LEU A 159 38.00 -18.66 38.95
N ASP A 160 37.55 -19.64 39.77
CA ASP A 160 38.23 -20.93 39.92
C ASP A 160 38.06 -21.76 38.65
N ASN A 161 36.83 -21.80 38.08
CA ASN A 161 36.53 -22.52 36.85
C ASN A 161 37.27 -21.88 35.68
N ALA A 162 37.41 -20.53 35.70
CA ALA A 162 38.17 -19.78 34.69
C ALA A 162 39.65 -20.11 34.81
N ALA A 163 40.16 -20.33 36.05
CA ALA A 163 41.56 -20.70 36.31
C ALA A 163 41.85 -22.07 35.73
N PHE A 164 40.91 -23.02 35.90
CA PHE A 164 41.03 -24.38 35.35
C PHE A 164 41.02 -24.32 33.82
N GLU A 165 40.07 -23.55 33.24
CA GLU A 165 39.93 -23.35 31.79
C GLU A 165 41.20 -22.76 31.20
N ALA A 166 41.83 -21.79 31.92
CA ALA A 166 43.09 -21.16 31.54
C ALA A 166 44.21 -22.17 31.52
N GLU A 167 44.30 -23.00 32.59
CA GLU A 167 45.29 -24.06 32.74
C GLU A 167 45.20 -25.06 31.57
N GLN A 168 43.97 -25.39 31.14
CA GLN A 168 43.73 -26.34 30.05
C GLN A 168 44.11 -25.76 28.68
N MET A 169 44.06 -24.44 28.53
CA MET A 169 44.41 -23.77 27.28
C MET A 169 45.92 -23.46 27.20
N GLY A 170 46.66 -23.76 28.27
CA GLY A 170 48.09 -23.48 28.37
C GLY A 170 48.33 -21.99 28.56
N LYS A 171 47.34 -21.32 29.17
CA LYS A 171 47.35 -19.89 29.44
C LYS A 171 47.39 -19.61 30.94
N SER A 172 47.77 -18.38 31.32
CA SER A 172 47.89 -17.97 32.71
C SER A 172 46.82 -16.98 33.12
N LEU A 173 46.29 -17.16 34.33
CA LEU A 173 45.30 -16.29 34.93
C LEU A 173 45.84 -15.72 36.21
N THR A 174 45.87 -14.39 36.33
CA THR A 174 46.35 -13.76 37.56
C THR A 174 45.30 -12.81 38.09
N VAL A 175 44.83 -13.11 39.30
CA VAL A 175 43.82 -12.31 39.97
C VAL A 175 44.59 -11.32 40.85
N ASN A 176 44.86 -10.12 40.30
CA ASN A 176 45.60 -9.03 40.96
C ASN A 176 45.01 -8.73 42.32
N PHE A 177 43.68 -8.75 42.45
CA PHE A 177 42.98 -8.55 43.72
C PHE A 177 41.67 -9.34 43.71
N PRO A 178 41.47 -10.24 44.70
CA PRO A 178 40.25 -11.05 44.73
C PRO A 178 39.01 -10.33 45.28
N PRO A 179 37.79 -10.86 44.98
CA PRO A 179 36.59 -10.23 45.56
C PRO A 179 36.42 -10.62 47.03
N GLY A 180 35.98 -9.65 47.82
CA GLY A 180 35.75 -9.84 49.24
C GLY A 180 34.28 -9.95 49.57
N PRO A 181 33.91 -10.11 50.86
CA PRO A 181 32.48 -10.19 51.23
C PRO A 181 31.79 -8.82 51.13
N TRP A 182 31.66 -8.34 49.90
CA TRP A 182 31.07 -7.04 49.60
C TRP A 182 29.60 -7.21 49.22
N PRO A 183 28.69 -6.46 49.90
CA PRO A 183 27.25 -6.63 49.68
C PRO A 183 26.70 -6.11 48.35
N LEU A 184 25.93 -6.95 47.68
CA LEU A 184 25.29 -6.64 46.40
C LEU A 184 23.84 -7.08 46.41
N TYR A 185 23.01 -6.43 45.58
CA TYR A 185 21.60 -6.79 45.47
C TYR A 185 21.21 -6.96 43.99
N GLY A 186 20.69 -8.14 43.69
CA GLY A 186 20.24 -8.53 42.35
C GLY A 186 20.28 -10.01 42.04
N ASN A 187 20.14 -10.36 40.75
CA ASN A 187 20.12 -11.76 40.30
C ASN A 187 21.52 -12.37 40.35
N PRO A 188 21.73 -13.40 41.22
CA PRO A 188 23.06 -14.03 41.31
C PRO A 188 23.53 -14.67 40.01
N ASN A 189 22.66 -15.44 39.34
CA ASN A 189 22.98 -16.12 38.07
C ASN A 189 23.31 -15.11 36.98
N ALA A 190 22.66 -13.92 37.00
CA ALA A 190 22.88 -12.83 36.03
C ALA A 190 24.28 -12.25 36.15
N LEU A 191 24.71 -11.92 37.38
CA LEU A 191 26.04 -11.35 37.64
C LEU A 191 27.12 -12.41 37.45
N GLU A 192 26.84 -13.67 37.87
CA GLU A 192 27.71 -14.83 37.69
C GLU A 192 28.06 -14.98 36.23
N SER A 193 26.99 -14.97 35.38
CA SER A 193 27.08 -15.10 33.94
C SER A 193 27.73 -13.88 33.33
N ALA A 194 27.55 -12.67 33.92
CA ALA A 194 28.17 -11.44 33.41
C ALA A 194 29.68 -11.54 33.49
N LEU A 195 30.21 -11.87 34.67
CA LEU A 195 31.64 -12.02 34.85
C LEU A 195 32.17 -13.21 34.05
N GLU A 196 31.42 -14.34 34.06
CA GLU A 196 31.75 -15.57 33.32
C GLU A 196 31.94 -15.27 31.85
N ASN A 197 31.04 -14.46 31.26
CA ASN A 197 31.11 -14.08 29.86
C ASN A 197 32.33 -13.22 29.58
N ILE A 198 32.59 -12.21 30.45
CA ILE A 198 33.73 -11.30 30.31
C ILE A 198 35.04 -12.06 30.35
N VAL A 199 35.25 -12.88 31.39
CA VAL A 199 36.48 -13.64 31.61
C VAL A 199 36.67 -14.71 30.53
N ARG A 200 35.60 -15.41 30.10
CA ARG A 200 35.67 -16.44 29.06
C ARG A 200 36.03 -15.81 27.74
N ASN A 201 35.50 -14.61 27.47
CA ASN A 201 35.78 -13.81 26.29
C ASN A 201 37.27 -13.43 26.28
N ALA A 202 37.77 -12.96 27.43
CA ALA A 202 39.17 -12.60 27.63
C ALA A 202 40.07 -13.82 27.46
N LEU A 203 39.59 -15.00 27.90
CA LEU A 203 40.30 -16.27 27.77
C LEU A 203 40.43 -16.66 26.31
N ARG A 204 39.35 -16.46 25.51
CA ARG A 204 39.31 -16.78 24.09
C ARG A 204 40.29 -15.95 23.28
N TYR A 205 40.14 -14.61 23.30
CA TYR A 205 40.91 -13.70 22.47
C TYR A 205 42.34 -13.44 22.97
N SER A 206 42.69 -13.86 24.20
CA SER A 206 44.06 -13.66 24.72
C SER A 206 45.07 -14.57 24.02
N HIS A 207 46.35 -14.22 24.12
CA HIS A 207 47.42 -15.01 23.56
C HIS A 207 47.99 -15.95 24.61
N THR A 208 48.39 -15.42 25.78
CA THR A 208 48.99 -16.22 26.85
C THR A 208 48.51 -15.85 28.26
N LYS A 209 48.20 -14.57 28.51
CA LYS A 209 47.82 -14.16 29.87
C LYS A 209 46.52 -13.35 29.95
N ILE A 210 45.85 -13.49 31.10
CA ILE A 210 44.59 -12.80 31.44
C ILE A 210 44.72 -12.36 32.89
N GLU A 211 44.31 -11.12 33.16
CA GLU A 211 44.37 -10.54 34.50
C GLU A 211 43.02 -10.03 34.97
N VAL A 212 42.61 -10.44 36.17
CA VAL A 212 41.34 -10.01 36.76
C VAL A 212 41.63 -9.24 38.06
N GLY A 213 41.16 -8.00 38.15
CA GLY A 213 41.37 -7.19 39.33
C GLY A 213 40.10 -6.60 39.91
N PHE A 214 39.84 -6.88 41.20
CA PHE A 214 38.68 -6.35 41.93
C PHE A 214 39.10 -5.16 42.75
N ALA A 215 38.14 -4.25 43.01
CA ALA A 215 38.35 -3.03 43.77
C ALA A 215 37.04 -2.56 44.37
N VAL A 216 37.06 -2.18 45.64
CA VAL A 216 35.86 -1.71 46.33
C VAL A 216 36.12 -0.41 47.07
N ASP A 217 35.06 0.37 47.22
CA ASP A 217 35.02 1.59 48.00
C ASP A 217 33.63 1.63 48.64
N LYS A 218 33.27 2.71 49.33
CA LYS A 218 31.96 2.84 49.96
C LYS A 218 30.77 2.76 48.97
N ASP A 219 30.98 3.14 47.69
CA ASP A 219 29.93 3.24 46.68
C ASP A 219 29.74 1.97 45.84
N GLY A 220 30.82 1.30 45.43
CA GLY A 220 30.67 0.08 44.64
C GLY A 220 31.91 -0.66 44.20
N ILE A 221 31.69 -1.90 43.72
CA ILE A 221 32.73 -2.82 43.24
C ILE A 221 33.07 -2.51 41.78
N THR A 222 34.37 -2.53 41.45
CA THR A 222 34.88 -2.30 40.10
C THR A 222 35.79 -3.46 39.66
N ILE A 223 35.34 -4.21 38.64
CA ILE A 223 36.07 -5.36 38.09
C ILE A 223 36.80 -4.98 36.81
N THR A 224 38.10 -5.29 36.72
CA THR A 224 38.88 -5.01 35.52
C THR A 224 39.49 -6.30 34.96
N VAL A 225 39.10 -6.64 33.73
CA VAL A 225 39.58 -7.85 33.05
C VAL A 225 40.45 -7.45 31.84
N ASP A 226 41.72 -7.84 31.89
CA ASP A 226 42.71 -7.55 30.86
C ASP A 226 43.19 -8.82 30.17
N ASP A 227 43.60 -8.71 28.90
CA ASP A 227 44.14 -9.84 28.11
C ASP A 227 45.33 -9.38 27.27
N ASP A 228 46.26 -10.30 27.00
CA ASP A 228 47.46 -10.01 26.22
C ASP A 228 47.25 -10.25 24.73
N GLY A 229 45.99 -10.43 24.33
CA GLY A 229 45.62 -10.68 22.95
C GLY A 229 45.80 -9.50 22.03
N PRO A 230 45.21 -9.55 20.82
CA PRO A 230 45.35 -8.42 19.90
C PRO A 230 44.43 -7.28 20.31
N GLY A 231 44.97 -6.05 20.28
CA GLY A 231 44.27 -4.82 20.63
C GLY A 231 43.01 -4.59 19.83
N VAL A 232 42.04 -3.85 20.42
CA VAL A 232 40.78 -3.57 19.75
C VAL A 232 40.75 -2.10 19.39
N SER A 233 40.51 -1.82 18.09
CA SER A 233 40.44 -0.46 17.55
C SER A 233 39.36 0.37 18.25
N PRO A 234 39.66 1.67 18.51
CA PRO A 234 38.70 2.55 19.20
C PRO A 234 37.30 2.59 18.61
N GLU A 235 37.15 2.19 17.32
CA GLU A 235 35.86 2.15 16.63
C GLU A 235 35.11 0.92 17.11
N ASP A 236 35.77 -0.25 17.08
CA ASP A 236 35.24 -1.55 17.48
C ASP A 236 34.92 -1.59 18.97
N ARG A 237 35.76 -0.95 19.80
CA ARG A 237 35.58 -0.87 21.26
C ARG A 237 34.25 -0.22 21.65
N GLU A 238 33.80 0.78 20.87
CA GLU A 238 32.55 1.50 21.12
C GLU A 238 31.33 0.68 20.73
N GLN A 239 31.48 -0.26 19.77
CA GLN A 239 30.38 -1.09 19.31
C GLN A 239 30.68 -2.58 19.54
N ILE A 240 31.28 -2.91 20.68
CA ILE A 240 31.62 -4.29 21.04
C ILE A 240 30.46 -4.96 21.78
N PHE A 241 29.56 -4.16 22.38
CA PHE A 241 28.42 -4.67 23.15
C PHE A 241 27.21 -4.80 22.24
N ARG A 242 27.44 -4.74 20.92
CA ARG A 242 26.39 -4.95 19.94
C ARG A 242 26.09 -6.45 19.88
N PRO A 243 24.80 -6.90 19.86
CA PRO A 243 24.53 -8.34 19.76
C PRO A 243 25.16 -8.93 18.50
N PHE A 244 25.71 -10.17 18.59
CA PHE A 244 26.33 -10.92 17.49
C PHE A 244 27.57 -10.24 16.88
N TYR A 245 28.07 -9.18 17.51
CA TYR A 245 29.16 -8.38 16.97
C TYR A 245 30.51 -9.11 16.81
N ARG A 246 30.99 -9.13 15.56
CA ARG A 246 32.25 -9.74 15.19
C ARG A 246 33.16 -8.72 14.52
N THR A 247 34.36 -8.52 15.08
CA THR A 247 35.37 -7.59 14.53
C THR A 247 36.17 -8.30 13.45
N ASP A 248 36.25 -7.68 12.26
CA ASP A 248 37.00 -8.25 11.16
C ASP A 248 38.43 -7.76 11.19
N GLY A 259 30.38 -12.50 20.89
CA GLY A 259 29.13 -12.98 20.31
C GLY A 259 27.92 -12.32 20.93
N LEU A 260 27.02 -13.14 21.50
CA LEU A 260 25.81 -12.61 22.14
C LEU A 260 26.04 -12.25 23.60
N GLY A 261 26.98 -12.95 24.21
CA GLY A 261 27.39 -12.77 25.59
C GLY A 261 27.54 -11.34 26.05
N LEU A 262 28.40 -10.53 25.35
CA LEU A 262 28.69 -9.13 25.73
C LEU A 262 27.49 -8.22 25.77
N ALA A 263 26.54 -8.35 24.81
CA ALA A 263 25.32 -7.56 24.82
C ALA A 263 24.46 -7.91 26.04
N ILE A 264 24.45 -9.21 26.43
CA ILE A 264 23.77 -9.71 27.62
C ILE A 264 24.44 -9.10 28.85
N VAL A 265 25.78 -9.09 28.87
CA VAL A 265 26.60 -8.51 29.94
C VAL A 265 26.18 -7.08 30.19
N GLU A 266 26.20 -6.26 29.12
CA GLU A 266 25.88 -4.85 29.17
C GLU A 266 24.48 -4.62 29.71
N THR A 267 23.46 -5.28 29.14
CA THR A 267 22.06 -5.15 29.58
C THR A 267 21.86 -5.62 31.00
N ALA A 268 22.49 -6.76 31.40
CA ALA A 268 22.40 -7.32 32.77
C ALA A 268 23.03 -6.39 33.80
N ILE A 269 24.20 -5.82 33.51
CA ILE A 269 24.85 -4.94 34.47
C ILE A 269 24.12 -3.59 34.54
N GLN A 270 23.63 -3.07 33.39
CA GLN A 270 22.89 -1.81 33.34
C GLN A 270 21.57 -1.90 34.10
N GLN A 271 20.91 -3.09 34.07
CA GLN A 271 19.67 -3.33 34.80
C GLN A 271 19.99 -3.53 36.31
N HIS A 272 21.26 -3.81 36.64
CA HIS A 272 21.75 -3.94 38.00
C HIS A 272 22.29 -2.61 38.50
N ARG A 273 21.85 -1.50 37.85
CA ARG A 273 22.19 -0.10 38.16
C ARG A 273 23.71 0.21 38.02
N GLY A 274 24.43 -0.67 37.32
CA GLY A 274 25.86 -0.51 37.11
C GLY A 274 26.18 -0.03 35.70
N TRP A 275 27.43 -0.24 35.26
CA TRP A 275 27.87 0.13 33.91
C TRP A 275 29.05 -0.72 33.45
N VAL A 276 29.28 -0.74 32.13
CA VAL A 276 30.37 -1.49 31.50
C VAL A 276 31.13 -0.57 30.54
N LYS A 277 32.47 -0.68 30.54
CA LYS A 277 33.35 0.09 29.65
C LYS A 277 34.36 -0.82 28.96
N ALA A 278 34.74 -0.49 27.71
CA ALA A 278 35.74 -1.23 26.94
C ALA A 278 36.87 -0.28 26.54
N GLU A 279 38.05 -0.52 27.11
CA GLU A 279 39.26 0.29 26.87
C GLU A 279 40.39 -0.55 26.34
N ASP A 280 41.54 0.09 26.06
CA ASP A 280 42.74 -0.59 25.59
C ASP A 280 43.51 -1.11 26.79
N SER A 281 43.91 -2.37 26.72
CA SER A 281 44.59 -3.03 27.82
C SER A 281 46.09 -2.75 27.89
N PRO A 282 46.63 -2.59 29.13
CA PRO A 282 48.08 -2.43 29.29
C PRO A 282 48.81 -3.74 28.96
N LEU A 283 48.07 -4.86 28.89
CA LEU A 283 48.62 -6.17 28.52
C LEU A 283 48.79 -6.23 27.01
N GLY A 284 48.10 -5.33 26.34
CA GLY A 284 48.15 -5.21 24.90
C GLY A 284 46.81 -5.45 24.22
N GLY A 285 45.93 -6.23 24.83
CA GLY A 285 44.64 -6.57 24.25
C GLY A 285 43.49 -5.66 24.62
N LEU A 286 42.44 -6.27 25.16
CA LEU A 286 41.24 -5.53 25.54
C LEU A 286 41.04 -5.48 27.05
N ARG A 287 40.66 -4.29 27.52
CA ARG A 287 40.35 -4.07 28.92
C ARG A 287 38.85 -3.90 29.07
N LEU A 288 38.26 -4.70 29.97
CA LEU A 288 36.83 -4.62 30.24
C LEU A 288 36.60 -4.26 31.67
N VAL A 289 35.85 -3.17 31.89
CA VAL A 289 35.58 -2.66 33.22
C VAL A 289 34.08 -2.79 33.53
N ILE A 290 33.78 -3.42 34.67
CA ILE A 290 32.41 -3.55 35.18
C ILE A 290 32.30 -2.81 36.50
N TRP A 291 31.24 -2.04 36.69
CA TRP A 291 31.01 -1.39 37.98
C TRP A 291 29.61 -1.67 38.45
N LEU A 292 29.49 -2.06 39.72
CA LEU A 292 28.21 -2.36 40.36
C LEU A 292 28.13 -1.65 41.69
N PRO A 293 26.96 -1.04 42.02
CA PRO A 293 26.84 -0.36 43.31
C PRO A 293 26.62 -1.32 44.47
N LEU A 294 27.00 -0.91 45.69
CA LEU A 294 26.85 -1.73 46.89
C LEU A 294 25.48 -1.56 47.50
N TYR A 295 25.01 -2.63 48.16
CA TYR A 295 23.72 -2.65 48.81
C TYR A 295 23.82 -2.06 50.22
N LYS A 296 22.83 -1.24 50.63
CA LYS A 296 22.82 -0.64 51.97
C LYS A 296 21.42 -0.78 52.57
N LYS B 29 -8.51 10.06 50.49
CA LYS B 29 -8.77 9.03 49.48
C LYS B 29 -7.50 8.19 49.22
N PRO B 30 -6.97 7.46 50.23
CA PRO B 30 -5.73 6.70 50.00
C PRO B 30 -5.97 5.38 49.27
N ALA B 31 -7.08 4.67 49.58
CA ALA B 31 -7.49 3.41 48.97
C ALA B 31 -7.79 3.60 47.50
N ARG B 32 -8.40 4.75 47.13
CA ARG B 32 -8.71 5.15 45.76
C ARG B 32 -7.41 5.36 45.00
N LYS B 33 -6.42 6.02 45.64
CA LYS B 33 -5.10 6.30 45.07
C LYS B 33 -4.36 5.00 44.74
N LEU B 34 -4.27 4.08 45.72
CA LEU B 34 -3.60 2.79 45.57
C LEU B 34 -4.32 1.88 44.60
N LYS B 35 -5.67 1.91 44.58
CA LYS B 35 -6.47 1.11 43.65
C LYS B 35 -6.25 1.57 42.21
N ASN B 36 -6.30 2.90 41.96
CA ASN B 36 -6.10 3.48 40.64
C ASN B 36 -4.67 3.31 40.16
N ALA B 37 -3.69 3.33 41.09
CA ALA B 37 -2.27 3.12 40.77
C ALA B 37 -2.03 1.67 40.39
N ALA B 38 -2.64 0.70 41.13
CA ALA B 38 -2.52 -0.73 40.84
C ALA B 38 -3.22 -1.08 39.54
N ASP B 39 -4.37 -0.44 39.25
CA ASP B 39 -5.14 -0.67 38.01
C ASP B 39 -4.46 -0.09 36.80
N GLU B 40 -3.70 1.01 37.00
CA GLU B 40 -2.96 1.66 35.94
C GLU B 40 -1.77 0.77 35.56
N VAL B 41 -0.91 0.45 36.56
CA VAL B 41 0.29 -0.40 36.43
C VAL B 41 -0.09 -1.77 35.84
N ALA B 42 -1.25 -2.33 36.26
CA ALA B 42 -1.76 -3.63 35.83
C ALA B 42 -1.96 -3.72 34.32
N GLN B 43 -2.13 -2.60 33.63
CA GLN B 43 -2.34 -2.62 32.20
C GLN B 43 -1.04 -2.38 31.42
N GLY B 44 -0.02 -1.83 32.07
CA GLY B 44 1.27 -1.57 31.45
C GLY B 44 1.78 -0.15 31.54
N ASN B 45 1.19 0.67 32.43
CA ASN B 45 1.62 2.04 32.63
C ASN B 45 2.56 2.07 33.84
N LEU B 46 3.84 1.76 33.57
CA LEU B 46 4.87 1.66 34.59
C LEU B 46 5.48 3.02 34.96
N ARG B 47 4.65 4.06 34.94
CA ARG B 47 4.99 5.42 35.34
C ARG B 47 3.85 5.88 36.21
N GLN B 48 4.12 6.05 37.51
CA GLN B 48 3.06 6.37 38.45
C GLN B 48 3.19 7.74 39.07
N HIS B 49 2.02 8.33 39.38
CA HIS B 49 1.83 9.62 40.03
C HIS B 49 2.56 9.70 41.37
N PRO B 50 2.98 10.92 41.80
CA PRO B 50 3.70 11.06 43.08
C PRO B 50 2.89 10.60 44.30
N GLU B 51 1.84 11.35 44.70
CA GLU B 51 0.92 11.10 45.83
C GLU B 51 1.60 11.46 47.17
N GLU B 58 -0.30 8.92 57.35
CA GLU B 58 0.34 7.64 57.66
C GLU B 58 0.55 6.79 56.41
N PHE B 59 -0.26 7.04 55.36
CA PHE B 59 -0.22 6.29 54.10
C PHE B 59 0.84 6.83 53.13
N LEU B 60 2.04 7.10 53.63
CA LEU B 60 3.09 7.65 52.77
C LEU B 60 4.15 6.62 52.48
N ALA B 61 4.48 5.77 53.47
CA ALA B 61 5.49 4.74 53.31
C ALA B 61 5.02 3.68 52.32
N ALA B 62 3.71 3.35 52.33
CA ALA B 62 3.11 2.37 51.41
C ALA B 62 3.13 2.88 49.97
N GLY B 63 2.81 4.18 49.80
CA GLY B 63 2.81 4.86 48.51
C GLY B 63 4.19 4.98 47.93
N ALA B 64 5.18 5.36 48.76
CA ALA B 64 6.59 5.51 48.36
C ALA B 64 7.19 4.16 47.99
N SER B 65 6.87 3.08 48.74
CA SER B 65 7.37 1.74 48.43
C SER B 65 6.72 1.18 47.16
N PHE B 66 5.48 1.63 46.87
CA PHE B 66 4.74 1.23 45.66
C PHE B 66 5.40 1.87 44.43
N ASN B 67 5.76 3.17 44.51
CA ASN B 67 6.42 3.90 43.43
C ASN B 67 7.82 3.36 43.20
N GLN B 68 8.50 2.89 44.28
CA GLN B 68 9.82 2.25 44.20
C GLN B 68 9.68 0.95 43.43
N MET B 69 8.56 0.22 43.66
CA MET B 69 8.22 -1.02 42.97
C MET B 69 8.04 -0.77 41.47
N VAL B 70 7.32 0.32 41.13
CA VAL B 70 7.05 0.74 39.74
C VAL B 70 8.37 0.99 39.02
N THR B 71 9.27 1.79 39.64
CA THR B 71 10.59 2.14 39.09
C THR B 71 11.40 0.88 38.82
N ALA B 72 11.41 -0.05 39.80
CA ALA B 72 12.14 -1.32 39.73
C ALA B 72 11.63 -2.18 38.57
N LEU B 73 10.30 -2.29 38.42
CA LEU B 73 9.65 -3.07 37.37
C LEU B 73 9.98 -2.52 36.00
N GLU B 74 9.89 -1.19 35.86
CA GLU B 74 10.14 -0.46 34.61
C GLU B 74 11.53 -0.67 34.14
N ARG B 75 12.58 -0.43 34.97
CA ARG B 75 13.94 -0.66 34.53
C ARG B 75 14.19 -2.12 34.18
N MET B 76 13.58 -3.04 34.93
CA MET B 76 13.80 -4.45 34.73
C MET B 76 13.16 -5.00 33.44
N MET B 77 12.02 -4.45 33.04
CA MET B 77 11.33 -4.90 31.84
C MET B 77 11.85 -4.20 30.59
N THR B 78 12.09 -2.87 30.66
CA THR B 78 12.58 -2.04 29.55
C THR B 78 13.98 -2.44 29.13
N SER B 79 14.79 -3.03 30.05
CA SER B 79 16.14 -3.48 29.73
C SER B 79 16.09 -4.65 28.72
N GLN B 80 15.17 -5.61 28.95
CA GLN B 80 14.94 -6.77 28.09
C GLN B 80 14.34 -6.35 26.76
N GLN B 81 13.41 -5.34 26.77
CA GLN B 81 12.78 -4.77 25.55
C GLN B 81 13.85 -4.14 24.67
N ARG B 82 14.82 -3.45 25.29
CA ARG B 82 15.98 -2.84 24.62
C ARG B 82 16.84 -3.91 23.94
N LEU B 83 17.16 -5.00 24.66
CA LEU B 83 17.95 -6.13 24.16
C LEU B 83 17.28 -6.83 22.98
N LEU B 84 15.97 -7.15 23.13
CA LEU B 84 15.19 -7.82 22.08
C LEU B 84 15.18 -7.01 20.80
N SER B 85 14.88 -5.69 20.89
CA SER B 85 14.86 -4.77 19.76
C SER B 85 16.24 -4.65 19.09
N ASP B 86 17.36 -4.72 19.86
CA ASP B 86 18.73 -4.64 19.32
C ASP B 86 19.11 -5.92 18.57
N ILE B 87 18.69 -7.09 19.09
CA ILE B 87 18.90 -8.39 18.41
C ILE B 87 18.20 -8.32 17.06
N SER B 88 16.95 -7.79 17.04
CA SER B 88 16.14 -7.64 15.83
C SER B 88 16.82 -6.73 14.82
N HIS B 89 17.43 -5.59 15.28
CA HIS B 89 18.18 -4.65 14.43
C HIS B 89 19.43 -5.29 13.82
N GLU B 90 20.11 -6.17 14.57
CA GLU B 90 21.30 -6.89 14.12
C GLU B 90 20.98 -8.05 13.13
N LEU B 91 19.79 -8.64 13.29
CA LEU B 91 19.32 -9.73 12.44
C LEU B 91 18.81 -9.26 11.06
N ARG B 92 18.28 -8.03 11.00
CA ARG B 92 17.72 -7.44 9.78
C ARG B 92 18.70 -7.40 8.60
N THR B 93 19.88 -6.80 8.83
CA THR B 93 20.95 -6.53 7.85
C THR B 93 21.45 -7.75 7.04
N PRO B 94 21.83 -8.94 7.59
CA PRO B 94 22.31 -10.04 6.72
C PRO B 94 21.20 -10.66 5.87
N LEU B 95 19.98 -10.66 6.42
CA LEU B 95 18.80 -11.16 5.74
C LEU B 95 18.53 -10.34 4.48
N THR B 96 18.75 -9.00 4.55
CA THR B 96 18.59 -8.09 3.42
C THR B 96 19.63 -8.40 2.37
N ARG B 97 20.89 -8.68 2.78
CA ARG B 97 21.98 -9.02 1.86
C ARG B 97 21.67 -10.35 1.17
N LEU B 98 21.03 -11.28 1.90
CA LEU B 98 20.60 -12.57 1.39
C LEU B 98 19.49 -12.36 0.33
N GLN B 99 18.48 -11.54 0.67
CA GLN B 99 17.35 -11.20 -0.20
C GLN B 99 17.83 -10.47 -1.45
N LEU B 100 18.96 -9.75 -1.32
CA LEU B 100 19.59 -9.04 -2.43
C LEU B 100 20.27 -10.03 -3.35
N GLY B 101 20.93 -11.04 -2.78
CA GLY B 101 21.61 -12.09 -3.52
C GLY B 101 20.68 -12.84 -4.43
N THR B 102 19.53 -13.27 -3.87
CA THR B 102 18.45 -14.00 -4.58
C THR B 102 17.86 -13.11 -5.69
N ALA B 103 17.68 -11.82 -5.39
CA ALA B 103 17.15 -10.81 -6.30
C ALA B 103 18.08 -10.62 -7.51
N LEU B 104 19.41 -10.74 -7.30
CA LEU B 104 20.41 -10.62 -8.36
C LEU B 104 20.49 -11.88 -9.19
N LEU B 105 20.10 -13.03 -8.61
CA LEU B 105 20.08 -14.32 -9.30
C LEU B 105 18.98 -14.38 -10.32
N ARG B 106 17.77 -13.96 -9.92
CA ARG B 106 16.59 -13.95 -10.79
C ARG B 106 16.75 -12.92 -11.93
N ARG B 107 17.62 -11.92 -11.73
CA ARG B 107 17.91 -10.86 -12.67
C ARG B 107 18.77 -11.40 -13.83
N ARG B 108 19.94 -11.94 -13.49
CA ARG B 108 20.93 -12.44 -14.43
C ARG B 108 20.65 -13.84 -14.97
N SER B 109 19.99 -14.73 -14.19
CA SER B 109 19.76 -16.09 -14.64
C SER B 109 18.28 -16.49 -14.75
N GLY B 110 17.38 -15.76 -14.07
CA GLY B 110 15.96 -16.05 -14.14
C GLY B 110 15.37 -16.76 -12.94
N GLU B 111 14.08 -17.08 -13.04
CA GLU B 111 13.30 -17.72 -11.99
C GLU B 111 13.32 -19.24 -12.05
N SER B 112 13.75 -19.85 -10.97
CA SER B 112 13.76 -21.29 -10.78
C SER B 112 12.73 -21.63 -9.69
N LYS B 113 12.54 -22.92 -9.41
CA LYS B 113 11.62 -23.38 -8.37
C LYS B 113 12.31 -23.25 -7.02
N GLU B 114 13.65 -23.46 -6.99
CA GLU B 114 14.51 -23.38 -5.80
C GLU B 114 14.61 -21.94 -5.35
N LEU B 115 14.69 -20.98 -6.30
CA LEU B 115 14.73 -19.54 -5.99
C LEU B 115 13.43 -19.11 -5.35
N GLU B 116 12.32 -19.70 -5.82
CA GLU B 116 11.00 -19.46 -5.26
C GLU B 116 10.95 -19.92 -3.82
N ARG B 117 11.65 -21.02 -3.50
CA ARG B 117 11.69 -21.53 -2.14
C ARG B 117 12.57 -20.69 -1.24
N ILE B 118 13.77 -20.32 -1.73
CA ILE B 118 14.69 -19.50 -0.96
C ILE B 118 14.02 -18.17 -0.64
N GLU B 119 13.37 -17.53 -1.61
CA GLU B 119 12.69 -16.25 -1.41
C GLU B 119 11.53 -16.39 -0.46
N THR B 120 10.78 -17.52 -0.52
CA THR B 120 9.62 -17.75 0.36
C THR B 120 10.09 -17.82 1.79
N GLU B 121 11.12 -18.64 2.06
CA GLU B 121 11.70 -18.83 3.40
C GLU B 121 12.33 -17.53 3.91
N ALA B 122 12.96 -16.78 2.98
CA ALA B 122 13.60 -15.49 3.27
C ALA B 122 12.55 -14.46 3.74
N GLN B 123 11.35 -14.49 3.13
CA GLN B 123 10.28 -13.56 3.50
C GLN B 123 9.67 -14.00 4.81
N ARG B 124 9.66 -15.34 5.06
CA ARG B 124 9.16 -15.88 6.32
C ARG B 124 10.03 -15.35 7.48
N LEU B 125 11.39 -15.41 7.31
CA LEU B 125 12.36 -14.90 8.28
C LEU B 125 12.24 -13.39 8.42
N ASP B 126 11.99 -12.70 7.28
CA ASP B 126 11.80 -11.24 7.27
C ASP B 126 10.60 -10.82 8.17
N SER B 127 9.45 -11.47 7.99
CA SER B 127 8.27 -11.19 8.80
C SER B 127 8.54 -11.51 10.28
N MET B 128 9.30 -12.58 10.54
CA MET B 128 9.66 -12.98 11.91
C MET B 128 10.53 -11.92 12.59
N ILE B 129 11.46 -11.28 11.85
CA ILE B 129 12.31 -10.22 12.39
C ILE B 129 11.43 -9.02 12.73
N ASN B 130 10.48 -8.68 11.83
CA ASN B 130 9.56 -7.56 12.03
C ASN B 130 8.75 -7.77 13.29
N ASP B 131 8.30 -9.02 13.55
CA ASP B 131 7.55 -9.38 14.77
C ASP B 131 8.40 -9.20 16.02
N LEU B 132 9.73 -9.49 15.97
CA LEU B 132 10.64 -9.26 17.13
C LEU B 132 10.63 -7.79 17.51
N LEU B 133 10.78 -6.88 16.51
CA LEU B 133 10.80 -5.45 16.73
C LEU B 133 9.47 -4.94 17.22
N VAL B 134 8.35 -5.36 16.58
CA VAL B 134 7.00 -4.91 16.93
C VAL B 134 6.63 -5.45 18.30
N MET B 135 6.84 -6.76 18.49
CA MET B 135 6.49 -7.44 19.73
C MET B 135 7.48 -7.17 20.87
N SER B 136 8.51 -6.32 20.66
CA SER B 136 9.38 -5.95 21.78
C SER B 136 8.93 -4.59 22.31
N ARG B 137 7.99 -3.95 21.60
CA ARG B 137 7.46 -2.64 21.94
C ARG B 137 6.07 -2.71 22.53
N ASN B 138 5.20 -3.58 21.96
CA ASN B 138 3.80 -3.69 22.35
C ASN B 138 3.44 -5.00 23.07
N GLN B 139 4.35 -5.52 23.90
CA GLN B 139 4.12 -6.74 24.68
C GLN B 139 3.05 -6.54 25.74
N GLN B 140 3.14 -5.39 26.44
CA GLN B 140 2.28 -4.99 27.54
C GLN B 140 0.84 -4.77 27.09
N LYS B 141 0.63 -4.30 25.85
CA LYS B 141 -0.69 -4.05 25.27
C LYS B 141 -1.36 -5.30 24.71
N ASN B 142 -0.60 -6.13 23.96
CA ASN B 142 -1.10 -7.30 23.26
C ASN B 142 -1.75 -8.36 24.12
N ALA B 143 -1.06 -8.80 25.22
CA ALA B 143 -1.48 -9.90 26.07
C ALA B 143 -1.69 -11.13 25.16
N LEU B 144 -2.84 -11.82 25.23
CA LEU B 144 -3.08 -13.02 24.40
C LEU B 144 -4.13 -12.78 23.31
N VAL B 145 -3.68 -12.32 22.12
CA VAL B 145 -4.52 -12.03 20.95
C VAL B 145 -4.84 -13.33 20.16
N SER B 146 -6.08 -13.82 20.29
CA SER B 146 -6.55 -15.06 19.64
C SER B 146 -7.58 -14.80 18.53
N GLU B 147 -7.64 -15.70 17.51
CA GLU B 147 -8.61 -15.58 16.41
C GLU B 147 -9.20 -16.92 16.00
N THR B 148 -10.26 -16.86 15.19
CA THR B 148 -10.95 -18.06 14.71
C THR B 148 -10.30 -18.55 13.40
N ILE B 149 -9.82 -19.80 13.40
CA ILE B 149 -9.18 -20.40 12.22
C ILE B 149 -9.68 -21.84 11.98
N LYS B 150 -9.57 -22.33 10.73
CA LYS B 150 -9.93 -23.71 10.35
C LYS B 150 -8.68 -24.57 10.22
N ALA B 151 -8.73 -25.78 10.81
CA ALA B 151 -7.65 -26.77 10.91
C ALA B 151 -6.85 -26.98 9.61
N ASN B 152 -7.50 -27.28 8.46
CA ASN B 152 -6.83 -27.49 7.16
C ASN B 152 -6.06 -26.24 6.72
N GLN B 153 -6.71 -25.06 6.84
CA GLN B 153 -6.19 -23.74 6.49
C GLN B 153 -4.97 -23.43 7.35
N LEU B 154 -5.02 -23.89 8.61
CA LEU B 154 -3.98 -23.70 9.60
C LEU B 154 -2.71 -24.52 9.34
N TRP B 155 -2.84 -25.85 9.19
CA TRP B 155 -1.71 -26.75 9.13
C TRP B 155 -1.28 -27.27 7.74
N SER B 156 -2.04 -26.99 6.67
CA SER B 156 -1.70 -27.45 5.31
C SER B 156 -0.27 -27.06 4.90
N GLU B 157 0.08 -25.77 5.08
CA GLU B 157 1.40 -25.18 4.76
C GLU B 157 2.53 -25.91 5.48
N VAL B 158 2.34 -26.17 6.79
CA VAL B 158 3.28 -26.87 7.67
C VAL B 158 3.52 -28.28 7.15
N LEU B 159 2.44 -28.98 6.78
CA LEU B 159 2.49 -30.35 6.26
C LEU B 159 3.21 -30.41 4.92
N ASP B 160 3.04 -29.40 4.05
CA ASP B 160 3.70 -29.33 2.73
C ASP B 160 5.19 -29.10 2.87
N ASN B 161 5.58 -28.15 3.74
CA ASN B 161 6.99 -27.82 4.02
C ASN B 161 7.68 -29.00 4.70
N ALA B 162 6.94 -29.75 5.56
CA ALA B 162 7.43 -30.96 6.22
C ALA B 162 7.61 -32.05 5.18
N ALA B 163 6.72 -32.12 4.16
CA ALA B 163 6.80 -33.12 3.08
C ALA B 163 8.03 -32.88 2.25
N PHE B 164 8.34 -31.58 1.94
CA PHE B 164 9.54 -31.20 1.19
C PHE B 164 10.78 -31.59 1.96
N GLU B 165 10.82 -31.26 3.26
CA GLU B 165 11.92 -31.57 4.17
C GLU B 165 12.19 -33.06 4.22
N ALA B 166 11.10 -33.88 4.26
CA ALA B 166 11.18 -35.33 4.26
C ALA B 166 11.77 -35.84 2.97
N GLU B 167 11.25 -35.33 1.85
CA GLU B 167 11.70 -35.69 0.51
C GLU B 167 13.21 -35.44 0.36
N GLN B 168 13.71 -34.33 0.93
CA GLN B 168 15.12 -33.96 0.87
C GLN B 168 15.99 -34.80 1.78
N MET B 169 15.42 -35.37 2.85
CA MET B 169 16.14 -36.23 3.79
C MET B 169 16.17 -37.70 3.32
N GLY B 170 15.46 -37.98 2.23
CA GLY B 170 15.34 -39.32 1.67
C GLY B 170 14.43 -40.16 2.55
N LYS B 171 13.49 -39.48 3.23
CA LYS B 171 12.53 -40.10 4.13
C LYS B 171 11.12 -39.91 3.59
N SER B 172 10.18 -40.74 4.09
CA SER B 172 8.81 -40.71 3.61
C SER B 172 7.88 -40.16 4.66
N LEU B 173 6.93 -39.32 4.19
CA LEU B 173 5.89 -38.73 5.00
C LEU B 173 4.54 -39.16 4.46
N THR B 174 3.72 -39.77 5.31
CA THR B 174 2.39 -40.21 4.89
C THR B 174 1.34 -39.63 5.82
N VAL B 175 0.43 -38.85 5.24
CA VAL B 175 -0.66 -38.23 5.98
C VAL B 175 -1.86 -39.18 5.86
N ASN B 176 -1.99 -40.08 6.85
CA ASN B 176 -3.04 -41.10 6.94
C ASN B 176 -4.42 -40.49 6.76
N PHE B 177 -4.65 -39.32 7.37
CA PHE B 177 -5.90 -38.60 7.25
C PHE B 177 -5.63 -37.10 7.34
N PRO B 178 -6.03 -36.34 6.31
CA PRO B 178 -5.74 -34.91 6.29
C PRO B 178 -6.65 -34.06 7.18
N PRO B 179 -6.19 -32.84 7.56
CA PRO B 179 -7.08 -31.97 8.35
C PRO B 179 -8.15 -31.37 7.46
N GLY B 180 -9.37 -31.29 7.99
CA GLY B 180 -10.48 -30.73 7.27
C GLY B 180 -10.82 -29.33 7.77
N PRO B 181 -11.88 -28.71 7.21
CA PRO B 181 -12.26 -27.37 7.66
C PRO B 181 -12.94 -27.40 9.04
N TRP B 182 -12.14 -27.74 10.06
CA TRP B 182 -12.61 -27.88 11.44
C TRP B 182 -12.32 -26.62 12.23
N PRO B 183 -13.35 -26.05 12.89
CA PRO B 183 -13.18 -24.77 13.58
C PRO B 183 -12.34 -24.80 14.86
N LEU B 184 -11.40 -23.87 14.96
CA LEU B 184 -10.52 -23.70 16.11
C LEU B 184 -10.43 -22.25 16.51
N TYR B 185 -10.10 -21.98 17.78
CA TYR B 185 -9.97 -20.61 18.25
C TYR B 185 -8.67 -20.46 19.05
N GLY B 186 -7.84 -19.50 18.63
CA GLY B 186 -6.57 -19.19 19.26
C GLY B 186 -5.54 -18.57 18.34
N ASN B 187 -4.29 -18.47 18.82
CA ASN B 187 -3.16 -17.90 18.06
C ASN B 187 -2.73 -18.90 16.96
N PRO B 188 -2.89 -18.48 15.67
CA PRO B 188 -2.57 -19.38 14.56
C PRO B 188 -1.10 -19.76 14.45
N ASN B 189 -0.17 -18.80 14.66
CA ASN B 189 1.27 -19.07 14.59
C ASN B 189 1.70 -20.04 15.68
N ALA B 190 1.04 -19.99 16.86
CA ALA B 190 1.34 -20.85 17.99
C ALA B 190 1.07 -22.31 17.67
N LEU B 191 -0.13 -22.59 17.10
CA LEU B 191 -0.60 -23.93 16.72
C LEU B 191 0.14 -24.44 15.48
N GLU B 192 0.42 -23.54 14.51
CA GLU B 192 1.23 -23.83 13.33
C GLU B 192 2.59 -24.38 13.75
N SER B 193 3.26 -23.62 14.65
CA SER B 193 4.57 -23.93 15.18
C SER B 193 4.56 -25.15 16.08
N ALA B 194 3.44 -25.40 16.81
CA ALA B 194 3.30 -26.58 17.68
C ALA B 194 3.37 -27.85 16.86
N LEU B 195 2.56 -27.95 15.79
CA LEU B 195 2.56 -29.10 14.89
C LEU B 195 3.90 -29.20 14.17
N GLU B 196 4.42 -28.04 13.72
CA GLU B 196 5.70 -27.95 13.00
C GLU B 196 6.82 -28.53 13.82
N ASN B 197 6.86 -28.22 15.14
CA ASN B 197 7.88 -28.71 16.06
C ASN B 197 7.76 -30.22 16.22
N ILE B 198 6.53 -30.73 16.42
CA ILE B 198 6.26 -32.17 16.59
C ILE B 198 6.73 -32.95 15.36
N VAL B 199 6.26 -32.55 14.17
CA VAL B 199 6.54 -33.22 12.89
C VAL B 199 8.03 -33.11 12.51
N ARG B 200 8.66 -31.95 12.75
CA ARG B 200 10.08 -31.74 12.43
C ARG B 200 10.94 -32.61 13.31
N ASN B 201 10.56 -32.72 14.59
CA ASN B 201 11.22 -33.54 15.57
C ASN B 201 11.13 -35.00 15.13
N ALA B 202 9.92 -35.46 14.73
CA ALA B 202 9.65 -36.80 14.21
C ALA B 202 10.43 -37.06 12.94
N LEU B 203 10.61 -36.03 12.08
CA LEU B 203 11.41 -36.10 10.86
C LEU B 203 12.87 -36.37 11.18
N ARG B 204 13.39 -35.69 12.21
CA ARG B 204 14.77 -35.80 12.61
C ARG B 204 15.13 -37.17 13.19
N TYR B 205 14.45 -37.61 14.25
CA TYR B 205 14.76 -38.83 14.98
C TYR B 205 14.26 -40.12 14.29
N SER B 206 13.47 -40.00 13.20
CA SER B 206 13.01 -41.18 12.45
C SER B 206 14.14 -41.81 11.68
N HIS B 207 13.95 -43.07 11.26
CA HIS B 207 14.93 -43.76 10.45
C HIS B 207 14.59 -43.60 8.97
N THR B 208 13.34 -43.91 8.58
CA THR B 208 12.90 -43.84 7.18
C THR B 208 11.48 -43.27 6.99
N LYS B 209 10.57 -43.51 7.93
CA LYS B 209 9.18 -43.08 7.74
C LYS B 209 8.59 -42.30 8.92
N ILE B 210 7.64 -41.39 8.59
CA ILE B 210 6.88 -40.55 9.51
C ILE B 210 5.44 -40.52 9.04
N GLU B 211 4.51 -40.65 9.99
CA GLU B 211 3.09 -40.68 9.67
C GLU B 211 2.32 -39.65 10.47
N VAL B 212 1.47 -38.85 9.79
CA VAL B 212 0.65 -37.82 10.44
C VAL B 212 -0.82 -38.16 10.19
N GLY B 213 -1.57 -38.33 11.26
CA GLY B 213 -2.98 -38.67 11.17
C GLY B 213 -3.91 -37.74 11.94
N PHE B 214 -4.89 -37.16 11.23
CA PHE B 214 -5.86 -36.26 11.82
C PHE B 214 -7.15 -37.03 12.11
N ALA B 215 -7.92 -36.56 13.10
CA ALA B 215 -9.19 -37.16 13.51
C ALA B 215 -10.03 -36.14 14.22
N VAL B 216 -11.31 -36.08 13.88
CA VAL B 216 -12.24 -35.12 14.48
C VAL B 216 -13.53 -35.80 14.94
N ASP B 217 -14.13 -35.23 15.96
CA ASP B 217 -15.42 -35.62 16.50
C ASP B 217 -16.07 -34.32 16.95
N LYS B 218 -17.23 -34.40 17.58
CA LYS B 218 -17.96 -33.21 18.05
C LYS B 218 -17.17 -32.35 19.06
N ASP B 219 -16.23 -32.97 19.83
CA ASP B 219 -15.49 -32.31 20.89
C ASP B 219 -14.16 -31.69 20.46
N GLY B 220 -13.39 -32.38 19.62
CA GLY B 220 -12.13 -31.80 19.19
C GLY B 220 -11.26 -32.62 18.25
N ILE B 221 -10.24 -31.94 17.69
CA ILE B 221 -9.29 -32.51 16.74
C ILE B 221 -8.18 -33.24 17.50
N THR B 222 -7.80 -34.43 16.99
CA THR B 222 -6.73 -35.24 17.54
C THR B 222 -5.70 -35.56 16.46
N ILE B 223 -4.51 -34.99 16.61
CA ILE B 223 -3.40 -35.18 15.65
C ILE B 223 -2.41 -36.18 16.22
N THR B 224 -2.07 -37.20 15.43
CA THR B 224 -1.11 -38.24 15.85
C THR B 224 0.09 -38.30 14.91
N VAL B 225 1.29 -38.11 15.47
CA VAL B 225 2.53 -38.12 14.70
C VAL B 225 3.41 -39.30 15.14
N ASP B 226 3.66 -40.21 14.20
CA ASP B 226 4.46 -41.42 14.42
C ASP B 226 5.75 -41.41 13.63
N ASP B 227 6.77 -42.10 14.15
CA ASP B 227 8.07 -42.24 13.48
C ASP B 227 8.61 -43.63 13.70
N ASP B 228 9.42 -44.14 12.75
CA ASP B 228 10.00 -45.48 12.79
C ASP B 228 11.38 -45.48 13.44
N GLY B 229 11.75 -44.37 14.08
CA GLY B 229 13.03 -44.22 14.75
C GLY B 229 13.18 -45.08 15.99
N PRO B 230 14.18 -44.77 16.83
CA PRO B 230 14.37 -45.57 18.05
C PRO B 230 13.33 -45.20 19.12
N GLY B 231 12.73 -46.22 19.74
CA GLY B 231 11.73 -46.05 20.79
C GLY B 231 12.20 -45.26 21.99
N VAL B 232 11.25 -44.66 22.72
CA VAL B 232 11.53 -43.86 23.89
C VAL B 232 11.00 -44.61 25.10
N SER B 233 11.88 -44.81 26.11
CA SER B 233 11.53 -45.53 27.33
C SER B 233 10.37 -44.87 28.08
N PRO B 234 9.45 -45.69 28.66
CA PRO B 234 8.29 -45.17 29.37
C PRO B 234 8.59 -44.11 30.46
N GLU B 235 9.83 -44.07 30.95
CA GLU B 235 10.29 -43.11 31.96
C GLU B 235 10.52 -41.76 31.28
N ASP B 236 11.29 -41.80 30.17
CA ASP B 236 11.63 -40.62 29.37
C ASP B 236 10.42 -40.02 28.69
N ARG B 237 9.45 -40.86 28.25
CA ARG B 237 8.20 -40.43 27.62
C ARG B 237 7.37 -39.53 28.53
N GLU B 238 7.39 -39.79 29.84
CA GLU B 238 6.65 -39.01 30.83
C GLU B 238 7.30 -37.65 31.08
N GLN B 239 8.62 -37.53 30.88
CA GLN B 239 9.33 -36.28 31.10
C GLN B 239 10.02 -35.78 29.83
N ILE B 240 9.36 -35.93 28.68
CA ILE B 240 9.93 -35.50 27.39
C ILE B 240 9.59 -34.04 27.08
N PHE B 241 8.54 -33.51 27.71
CA PHE B 241 8.10 -32.13 27.47
C PHE B 241 8.77 -31.19 28.45
N ARG B 242 9.73 -31.72 29.22
CA ARG B 242 10.46 -30.94 30.20
C ARG B 242 11.48 -30.08 29.46
N PRO B 243 11.74 -28.83 29.88
CA PRO B 243 12.58 -27.94 29.09
C PRO B 243 13.95 -28.48 28.63
N PHE B 244 14.85 -28.84 29.56
CA PHE B 244 16.19 -29.31 29.19
C PHE B 244 16.43 -30.72 29.65
N TYR B 245 15.50 -31.62 29.32
CA TYR B 245 15.62 -33.01 29.71
C TYR B 245 15.83 -33.89 28.48
N GLY B 259 14.18 -30.71 19.32
CA GLY B 259 14.38 -31.40 20.57
C GLY B 259 13.82 -30.64 21.76
N LEU B 260 13.99 -29.31 21.78
CA LEU B 260 13.49 -28.43 22.85
C LEU B 260 12.07 -28.02 22.62
N GLY B 261 11.77 -27.77 21.35
CA GLY B 261 10.46 -27.37 20.83
C GLY B 261 9.26 -28.01 21.50
N LEU B 262 9.42 -29.27 22.00
CA LEU B 262 8.39 -30.05 22.69
C LEU B 262 7.87 -29.37 23.93
N ALA B 263 8.77 -28.75 24.71
CA ALA B 263 8.47 -28.00 25.93
C ALA B 263 7.60 -26.80 25.60
N ILE B 264 7.86 -26.16 24.44
CA ILE B 264 7.05 -25.04 23.92
C ILE B 264 5.69 -25.56 23.51
N VAL B 265 5.68 -26.65 22.69
CA VAL B 265 4.49 -27.33 22.15
C VAL B 265 3.46 -27.52 23.25
N GLU B 266 3.84 -28.22 24.34
CA GLU B 266 2.97 -28.51 25.48
C GLU B 266 2.37 -27.23 26.02
N THR B 267 3.21 -26.24 26.40
CA THR B 267 2.78 -24.93 26.93
C THR B 267 1.91 -24.19 25.90
N ALA B 268 2.21 -24.33 24.60
CA ALA B 268 1.44 -23.72 23.52
C ALA B 268 0.04 -24.34 23.39
N ILE B 269 -0.06 -25.68 23.50
CA ILE B 269 -1.32 -26.44 23.35
C ILE B 269 -2.15 -26.39 24.65
N GLN B 270 -1.50 -26.43 25.81
CA GLN B 270 -2.19 -26.39 27.11
C GLN B 270 -2.85 -25.04 27.32
N GLN B 271 -2.24 -23.94 26.82
CA GLN B 271 -2.83 -22.62 26.93
C GLN B 271 -3.97 -22.48 25.90
N HIS B 272 -4.01 -23.38 24.91
CA HIS B 272 -5.07 -23.44 23.90
C HIS B 272 -6.15 -24.43 24.32
N ARG B 273 -6.21 -24.69 25.65
CA ARG B 273 -7.18 -25.57 26.33
C ARG B 273 -7.11 -27.04 25.86
N GLY B 274 -6.01 -27.41 25.20
CA GLY B 274 -5.82 -28.76 24.72
C GLY B 274 -4.87 -29.56 25.59
N TRP B 275 -4.31 -30.64 25.04
CA TRP B 275 -3.35 -31.47 25.74
C TRP B 275 -2.42 -32.20 24.78
N VAL B 276 -1.28 -32.68 25.30
CA VAL B 276 -0.28 -33.42 24.54
C VAL B 276 0.08 -34.70 25.31
N LYS B 277 0.25 -35.81 24.58
CA LYS B 277 0.64 -37.13 25.12
C LYS B 277 1.78 -37.73 24.32
N ALA B 278 2.66 -38.49 24.99
CA ALA B 278 3.79 -39.18 24.34
C ALA B 278 3.68 -40.66 24.62
N GLU B 279 3.47 -41.44 23.56
CA GLU B 279 3.30 -42.89 23.65
C GLU B 279 4.30 -43.61 22.75
N ASP B 280 4.27 -44.96 22.76
CA ASP B 280 5.13 -45.77 21.90
C ASP B 280 4.44 -45.93 20.57
N SER B 281 5.18 -45.62 19.50
CA SER B 281 4.64 -45.66 18.15
C SER B 281 4.56 -47.08 17.59
N PRO B 282 3.47 -47.39 16.83
CA PRO B 282 3.37 -48.69 16.17
C PRO B 282 4.42 -48.84 15.07
N LEU B 283 5.02 -47.71 14.62
CA LEU B 283 6.08 -47.69 13.63
C LEU B 283 7.40 -48.13 14.27
N GLY B 284 7.43 -48.07 15.60
CA GLY B 284 8.58 -48.49 16.39
C GLY B 284 9.26 -47.40 17.19
N GLY B 285 9.06 -46.14 16.78
CA GLY B 285 9.67 -44.99 17.44
C GLY B 285 8.80 -44.34 18.48
N LEU B 286 8.56 -43.04 18.32
CA LEU B 286 7.76 -42.25 19.25
C LEU B 286 6.45 -41.75 18.63
N ARG B 287 5.37 -41.87 19.40
CA ARG B 287 4.06 -41.39 19.01
C ARG B 287 3.74 -40.14 19.81
N LEU B 288 3.37 -39.07 19.11
CA LEU B 288 3.00 -37.82 19.76
C LEU B 288 1.57 -37.47 19.42
N VAL B 289 0.75 -37.29 20.45
CA VAL B 289 -0.66 -37.02 20.29
C VAL B 289 -0.99 -35.62 20.78
N ILE B 290 -1.64 -34.83 19.91
CA ILE B 290 -2.10 -33.48 20.24
C ILE B 290 -3.61 -33.46 20.17
N TRP B 291 -4.23 -32.84 21.15
CA TRP B 291 -5.66 -32.68 21.14
C TRP B 291 -5.98 -31.23 21.38
N LEU B 292 -6.92 -30.73 20.56
CA LEU B 292 -7.39 -29.37 20.67
C LEU B 292 -8.90 -29.36 20.57
N PRO B 293 -9.58 -28.56 21.42
CA PRO B 293 -11.05 -28.53 21.36
C PRO B 293 -11.55 -27.69 20.20
N LEU B 294 -12.77 -27.99 19.73
CA LEU B 294 -13.39 -27.25 18.63
C LEU B 294 -14.08 -26.00 19.14
N TYR B 295 -14.12 -24.98 18.29
CA TYR B 295 -14.78 -23.72 18.59
C TYR B 295 -16.27 -23.81 18.32
N LYS B 296 -17.06 -23.23 19.23
CA LYS B 296 -18.52 -23.17 19.19
C LYS B 296 -18.99 -21.77 19.54
N LYS C 29 -9.29 -16.87 -55.72
CA LYS C 29 -9.13 -15.42 -55.80
C LYS C 29 -7.99 -14.95 -54.88
N PRO C 30 -7.24 -13.88 -55.26
CA PRO C 30 -6.17 -13.35 -54.39
C PRO C 30 -6.71 -12.46 -53.27
N ALA C 31 -7.82 -11.71 -53.56
CA ALA C 31 -8.52 -10.84 -52.61
C ALA C 31 -9.15 -11.68 -51.51
N ARG C 32 -9.63 -12.90 -51.85
CA ARG C 32 -10.22 -13.81 -50.88
C ARG C 32 -9.14 -14.37 -49.96
N LYS C 33 -7.95 -14.67 -50.53
CA LYS C 33 -6.79 -15.15 -49.79
C LYS C 33 -6.35 -14.11 -48.75
N LEU C 34 -6.19 -12.85 -49.18
CA LEU C 34 -5.77 -11.75 -48.31
C LEU C 34 -6.85 -11.40 -47.29
N LYS C 35 -8.15 -11.52 -47.66
CA LYS C 35 -9.27 -11.27 -46.75
C LYS C 35 -9.30 -12.32 -45.64
N ASN C 36 -9.14 -13.62 -45.98
CA ASN C 36 -9.12 -14.72 -45.02
C ASN C 36 -7.88 -14.66 -44.13
N ALA C 37 -6.74 -14.19 -44.67
CA ALA C 37 -5.50 -14.04 -43.91
C ALA C 37 -5.63 -12.89 -42.91
N ALA C 38 -6.27 -11.77 -43.32
CA ALA C 38 -6.49 -10.59 -42.45
C ALA C 38 -7.52 -10.92 -41.38
N ASP C 39 -8.53 -11.73 -41.71
CA ASP C 39 -9.57 -12.14 -40.77
C ASP C 39 -9.03 -13.15 -39.77
N GLU C 40 -7.98 -13.89 -40.15
CA GLU C 40 -7.34 -14.85 -39.27
C GLU C 40 -6.48 -14.09 -38.26
N VAL C 41 -5.56 -13.22 -38.74
CA VAL C 41 -4.68 -12.38 -37.91
C VAL C 41 -5.52 -11.52 -36.92
N ALA C 42 -6.69 -11.01 -37.38
CA ALA C 42 -7.63 -10.23 -36.58
C ALA C 42 -8.16 -11.01 -35.36
N GLN C 43 -8.12 -12.35 -35.44
CA GLN C 43 -8.57 -13.24 -34.37
C GLN C 43 -7.42 -13.63 -33.43
N GLY C 44 -6.21 -13.15 -33.72
CA GLY C 44 -5.02 -13.40 -32.93
C GLY C 44 -4.11 -14.47 -33.53
N ASN C 45 -4.38 -14.84 -34.79
CA ASN C 45 -3.60 -15.86 -35.47
C ASN C 45 -2.41 -15.26 -36.21
N LEU C 46 -1.40 -14.87 -35.42
CA LEU C 46 -0.12 -14.44 -35.93
C LEU C 46 0.71 -15.69 -36.14
N ARG C 47 0.40 -16.71 -35.30
CA ARG C 47 1.04 -18.02 -35.25
C ARG C 47 0.72 -18.86 -36.49
N GLN C 48 0.66 -18.20 -37.66
CA GLN C 48 0.41 -18.84 -38.95
C GLN C 48 0.82 -17.92 -40.08
N HIS C 49 1.52 -18.49 -41.05
CA HIS C 49 1.92 -17.78 -42.25
C HIS C 49 1.23 -18.41 -43.45
N PRO C 50 0.07 -17.85 -43.88
CA PRO C 50 -0.62 -18.41 -45.07
C PRO C 50 0.26 -18.31 -46.32
N GLU C 51 -0.11 -19.05 -47.38
CA GLU C 51 0.66 -19.04 -48.62
C GLU C 51 0.06 -18.05 -49.61
N LEU C 52 0.33 -16.77 -49.36
CA LEU C 52 -0.12 -15.65 -50.19
C LEU C 52 0.93 -15.32 -51.25
N GLU C 53 2.00 -16.12 -51.27
CA GLU C 53 3.13 -15.93 -52.17
C GLU C 53 3.12 -16.94 -53.34
N ALA C 54 1.94 -17.46 -53.70
CA ALA C 54 1.80 -18.40 -54.82
C ALA C 54 0.59 -18.06 -55.70
N GLY C 55 0.82 -17.15 -56.65
CA GLY C 55 -0.20 -16.72 -57.59
C GLY C 55 0.24 -15.63 -58.54
N PRO C 56 -0.67 -14.70 -58.91
CA PRO C 56 -0.29 -13.59 -59.81
C PRO C 56 0.90 -12.82 -59.26
N GLN C 57 1.83 -12.43 -60.15
CA GLN C 57 3.08 -11.73 -59.82
C GLN C 57 2.91 -10.47 -58.99
N GLU C 58 1.77 -9.77 -59.14
CA GLU C 58 1.50 -8.54 -58.41
C GLU C 58 1.13 -8.75 -56.94
N PHE C 59 0.44 -9.85 -56.62
CA PHE C 59 -0.05 -10.15 -55.27
C PHE C 59 0.99 -10.88 -54.44
N LEU C 60 2.18 -11.11 -55.01
CA LEU C 60 3.27 -11.81 -54.34
C LEU C 60 4.03 -10.89 -53.42
N ALA C 61 4.29 -9.64 -53.85
CA ALA C 61 4.97 -8.66 -53.01
C ALA C 61 4.05 -8.25 -51.85
N ALA C 62 2.72 -8.15 -52.11
CA ALA C 62 1.71 -7.82 -51.09
C ALA C 62 1.58 -8.95 -50.07
N GLY C 63 1.59 -10.20 -50.55
CA GLY C 63 1.53 -11.39 -49.72
C GLY C 63 2.76 -11.58 -48.84
N ALA C 64 3.95 -11.37 -49.44
CA ALA C 64 5.22 -11.48 -48.72
C ALA C 64 5.38 -10.37 -47.69
N SER C 65 4.92 -9.13 -47.99
CA SER C 65 4.98 -8.02 -47.06
C SER C 65 3.96 -8.21 -45.93
N PHE C 66 2.85 -8.94 -46.21
CA PHE C 66 1.80 -9.26 -45.25
C PHE C 66 2.35 -10.26 -44.24
N ASN C 67 3.09 -11.30 -44.69
CA ASN C 67 3.69 -12.31 -43.82
C ASN C 67 4.79 -11.70 -42.98
N GLN C 68 5.51 -10.70 -43.54
CA GLN C 68 6.54 -9.94 -42.83
C GLN C 68 5.87 -9.13 -41.72
N MET C 69 4.66 -8.59 -41.99
CA MET C 69 3.85 -7.85 -41.02
C MET C 69 3.42 -8.77 -39.87
N VAL C 70 3.01 -10.01 -40.18
CA VAL C 70 2.60 -11.02 -39.20
C VAL C 70 3.78 -11.31 -38.24
N THR C 71 4.99 -11.55 -38.81
CA THR C 71 6.20 -11.84 -38.03
C THR C 71 6.54 -10.68 -37.13
N ALA C 72 6.47 -9.43 -37.65
CA ALA C 72 6.73 -8.18 -36.92
C ALA C 72 5.75 -8.00 -35.76
N LEU C 73 4.45 -8.28 -35.99
CA LEU C 73 3.40 -8.20 -34.95
C LEU C 73 3.65 -9.20 -33.82
N GLU C 74 4.01 -10.44 -34.18
CA GLU C 74 4.34 -11.49 -33.23
C GLU C 74 5.57 -11.09 -32.38
N ARG C 75 6.59 -10.53 -33.04
CA ARG C 75 7.83 -10.03 -32.45
C ARG C 75 7.55 -8.82 -31.52
N MET C 76 6.52 -8.00 -31.86
CA MET C 76 6.09 -6.81 -31.10
C MET C 76 5.32 -7.18 -29.87
N MET C 77 4.46 -8.25 -29.92
CA MET C 77 3.65 -8.68 -28.80
C MET C 77 4.45 -9.49 -27.79
N THR C 78 5.38 -10.36 -28.22
CA THR C 78 6.21 -11.12 -27.27
C THR C 78 7.19 -10.17 -26.49
N SER C 79 7.61 -9.08 -27.13
CA SER C 79 8.46 -8.03 -26.53
C SER C 79 7.71 -7.26 -25.45
N GLN C 80 6.42 -6.91 -25.68
CA GLN C 80 5.55 -6.21 -24.70
C GLN C 80 5.39 -7.07 -23.44
N GLN C 81 5.17 -8.40 -23.64
CA GLN C 81 5.03 -9.40 -22.56
C GLN C 81 6.33 -9.54 -21.81
N ARG C 82 7.47 -9.55 -22.54
CA ARG C 82 8.81 -9.61 -21.96
C ARG C 82 9.04 -8.41 -21.05
N LEU C 83 8.57 -7.21 -21.44
CA LEU C 83 8.74 -6.00 -20.67
C LEU C 83 8.09 -6.14 -19.31
N LEU C 84 6.85 -6.63 -19.24
CA LEU C 84 6.16 -6.79 -17.96
C LEU C 84 6.82 -7.86 -17.10
N SER C 85 7.28 -8.95 -17.75
CA SER C 85 7.97 -10.05 -17.11
C SER C 85 9.37 -9.66 -16.58
N ASP C 86 9.91 -8.50 -16.99
CA ASP C 86 11.24 -8.00 -16.61
C ASP C 86 11.20 -6.85 -15.61
N ILE C 87 10.13 -6.03 -15.62
CA ILE C 87 9.94 -4.90 -14.71
C ILE C 87 10.20 -5.30 -13.25
N SER C 88 9.53 -6.40 -12.82
CA SER C 88 9.59 -7.00 -11.49
C SER C 88 11.04 -7.25 -11.09
N HIS C 89 11.79 -7.93 -11.99
CA HIS C 89 13.20 -8.28 -11.84
C HIS C 89 14.11 -7.06 -11.78
N GLU C 90 13.84 -6.06 -12.60
CA GLU C 90 14.67 -4.87 -12.66
C GLU C 90 14.47 -3.95 -11.47
N LEU C 91 13.23 -3.80 -11.00
CA LEU C 91 12.88 -2.94 -9.88
C LEU C 91 13.21 -3.53 -8.55
N ARG C 92 13.21 -4.88 -8.44
CA ARG C 92 13.44 -5.56 -7.17
C ARG C 92 14.78 -5.24 -6.55
N THR C 93 15.85 -5.45 -7.32
CA THR C 93 17.24 -5.31 -6.89
C THR C 93 17.60 -3.95 -6.24
N PRO C 94 17.33 -2.73 -6.80
CA PRO C 94 17.75 -1.51 -6.10
C PRO C 94 16.93 -1.23 -4.84
N LEU C 95 15.67 -1.67 -4.85
CA LEU C 95 14.77 -1.52 -3.71
C LEU C 95 15.30 -2.31 -2.52
N THR C 96 15.90 -3.49 -2.78
CA THR C 96 16.50 -4.33 -1.74
C THR C 96 17.72 -3.62 -1.15
N ARG C 97 18.53 -2.98 -2.03
CA ARG C 97 19.72 -2.23 -1.61
C ARG C 97 19.28 -1.00 -0.78
N LEU C 98 18.13 -0.41 -1.14
CA LEU C 98 17.53 0.72 -0.42
C LEU C 98 17.08 0.26 0.95
N GLN C 99 16.40 -0.89 1.02
CA GLN C 99 15.90 -1.49 2.26
C GLN C 99 17.06 -1.88 3.17
N LEU C 100 18.23 -2.20 2.59
CA LEU C 100 19.46 -2.49 3.31
C LEU C 100 19.99 -1.22 3.94
N GLY C 101 20.00 -0.12 3.20
CA GLY C 101 20.46 1.19 3.66
C GLY C 101 19.72 1.69 4.88
N THR C 102 18.37 1.62 4.80
CA THR C 102 17.48 2.04 5.89
C THR C 102 17.70 1.19 7.13
N ALA C 103 17.89 -0.14 6.95
CA ALA C 103 18.14 -1.12 8.02
C ALA C 103 19.43 -0.80 8.75
N LEU C 104 20.46 -0.35 8.00
CA LEU C 104 21.76 0.03 8.54
C LEU C 104 21.67 1.32 9.32
N LEU C 105 20.70 2.19 8.98
CA LEU C 105 20.50 3.44 9.68
C LEU C 105 19.87 3.19 11.04
N ARG C 106 18.93 2.23 11.13
CA ARG C 106 18.32 1.83 12.40
C ARG C 106 19.40 1.19 13.31
N ARG C 107 20.51 0.75 12.70
CA ARG C 107 21.64 0.16 13.42
C ARG C 107 22.58 1.27 13.94
N ARG C 108 23.10 2.15 13.05
CA ARG C 108 24.02 3.24 13.43
C ARG C 108 23.31 4.39 14.19
N SER C 109 22.07 4.70 13.83
CA SER C 109 21.27 5.72 14.49
C SER C 109 20.08 5.05 15.14
N GLY C 110 19.26 5.82 15.86
CA GLY C 110 18.08 5.30 16.52
C GLY C 110 16.86 5.25 15.60
N GLU C 111 15.68 5.20 16.22
CA GLU C 111 14.42 5.16 15.47
C GLU C 111 13.91 6.60 15.21
N SER C 112 14.45 7.25 14.12
CA SER C 112 14.03 8.61 13.76
C SER C 112 12.62 8.58 13.21
N LYS C 113 12.01 9.75 13.06
CA LYS C 113 10.65 9.85 12.54
C LYS C 113 10.68 9.75 11.03
N GLU C 114 11.76 10.26 10.41
CA GLU C 114 11.95 10.30 8.97
C GLU C 114 12.23 8.91 8.47
N LEU C 115 12.98 8.09 9.26
CA LEU C 115 13.25 6.69 8.91
C LEU C 115 11.98 5.90 8.92
N GLU C 116 11.07 6.20 9.87
CA GLU C 116 9.76 5.55 9.94
C GLU C 116 8.96 5.87 8.69
N ARG C 117 9.10 7.10 8.16
CA ARG C 117 8.44 7.58 6.94
C ARG C 117 8.97 6.85 5.69
N ILE C 118 10.31 6.82 5.53
CA ILE C 118 11.01 6.18 4.41
C ILE C 118 10.73 4.69 4.40
N GLU C 119 10.77 4.04 5.59
CA GLU C 119 10.50 2.62 5.71
C GLU C 119 9.06 2.32 5.39
N THR C 120 8.10 3.22 5.72
CA THR C 120 6.67 3.02 5.40
C THR C 120 6.51 2.91 3.89
N GLU C 121 7.06 3.91 3.15
CA GLU C 121 6.99 3.98 1.69
C GLU C 121 7.79 2.84 1.06
N ALA C 122 8.93 2.45 1.68
CA ALA C 122 9.77 1.34 1.22
C ALA C 122 9.00 0.04 1.28
N GLN C 123 8.19 -0.19 2.36
CA GLN C 123 7.36 -1.38 2.53
C GLN C 123 6.21 -1.38 1.54
N ARG C 124 5.65 -0.19 1.23
CA ARG C 124 4.58 -0.05 0.25
C ARG C 124 5.08 -0.52 -1.11
N LEU C 125 6.26 -0.01 -1.52
CA LEU C 125 6.91 -0.35 -2.77
C LEU C 125 7.31 -1.80 -2.76
N ASP C 126 7.81 -2.29 -1.62
CA ASP C 126 8.24 -3.67 -1.44
C ASP C 126 7.14 -4.62 -1.76
N SER C 127 5.95 -4.48 -1.13
CA SER C 127 4.80 -5.36 -1.36
C SER C 127 4.39 -5.34 -2.83
N MET C 128 4.37 -4.14 -3.45
CA MET C 128 4.03 -3.93 -4.86
C MET C 128 4.96 -4.71 -5.78
N ILE C 129 6.28 -4.64 -5.52
CA ILE C 129 7.31 -5.31 -6.30
C ILE C 129 7.17 -6.82 -6.14
N ASN C 130 6.95 -7.29 -4.92
CA ASN C 130 6.77 -8.71 -4.62
C ASN C 130 5.58 -9.29 -5.40
N ASP C 131 4.49 -8.51 -5.49
CA ASP C 131 3.29 -8.91 -6.22
C ASP C 131 3.55 -8.90 -7.71
N LEU C 132 4.40 -7.96 -8.18
CA LEU C 132 4.80 -7.88 -9.59
C LEU C 132 5.65 -9.09 -9.92
N LEU C 133 6.53 -9.52 -8.97
CA LEU C 133 7.38 -10.71 -9.11
C LEU C 133 6.51 -11.92 -9.30
N VAL C 134 5.44 -12.05 -8.49
CA VAL C 134 4.48 -13.16 -8.58
C VAL C 134 3.85 -13.15 -10.01
N MET C 135 3.55 -11.95 -10.56
CA MET C 135 2.96 -11.76 -11.90
C MET C 135 3.93 -12.17 -13.01
N SER C 136 5.24 -12.01 -12.79
CA SER C 136 6.22 -12.41 -13.81
C SER C 136 6.54 -13.89 -13.69
N ARG C 137 6.22 -14.55 -12.56
CA ARG C 137 6.41 -16.00 -12.44
C ARG C 137 5.27 -16.69 -13.14
N ASN C 138 4.06 -16.11 -13.03
CA ASN C 138 2.85 -16.65 -13.65
C ASN C 138 2.89 -16.38 -15.14
N GLN C 139 3.47 -15.24 -15.56
CA GLN C 139 3.61 -14.99 -16.99
C GLN C 139 4.68 -15.89 -17.56
N GLN C 140 5.80 -16.12 -16.85
CA GLN C 140 6.88 -17.01 -17.31
C GLN C 140 6.40 -18.46 -17.45
N LYS C 141 5.44 -18.90 -16.62
CA LYS C 141 4.92 -20.26 -16.72
C LYS C 141 3.88 -20.36 -17.84
N ASN C 142 2.86 -19.48 -17.82
CA ASN C 142 1.76 -19.47 -18.80
C ASN C 142 2.19 -18.98 -20.19
N ALA C 143 3.38 -18.35 -20.34
CA ALA C 143 3.87 -17.83 -21.62
C ALA C 143 4.10 -18.94 -22.63
N LEU C 144 3.29 -18.95 -23.70
CA LEU C 144 3.36 -19.94 -24.78
C LEU C 144 2.91 -19.32 -26.10
N VAL C 145 2.75 -20.19 -27.10
CA VAL C 145 2.25 -19.86 -28.42
C VAL C 145 0.74 -19.95 -28.36
N SER C 146 0.03 -18.89 -28.81
CA SER C 146 -1.43 -18.91 -28.87
C SER C 146 -1.84 -19.99 -29.90
N GLU C 147 -2.86 -20.78 -29.58
CA GLU C 147 -3.27 -21.92 -30.38
C GLU C 147 -4.78 -22.10 -30.34
N THR C 148 -5.28 -23.00 -31.17
CA THR C 148 -6.71 -23.26 -31.27
C THR C 148 -7.10 -24.33 -30.24
N ILE C 149 -8.00 -23.95 -29.33
CA ILE C 149 -8.45 -24.83 -28.27
C ILE C 149 -9.99 -24.82 -28.16
N LYS C 150 -10.55 -25.92 -27.64
CA LYS C 150 -11.98 -26.05 -27.42
C LYS C 150 -12.27 -25.85 -25.93
N ALA C 151 -13.29 -25.01 -25.64
CA ALA C 151 -13.75 -24.57 -24.31
C ALA C 151 -13.79 -25.67 -23.25
N ASN C 152 -14.49 -26.80 -23.52
CA ASN C 152 -14.61 -27.92 -22.58
C ASN C 152 -13.24 -28.52 -22.26
N GLN C 153 -12.40 -28.74 -23.31
CA GLN C 153 -11.05 -29.29 -23.22
C GLN C 153 -10.18 -28.38 -22.39
N LEU C 154 -10.37 -27.07 -22.55
CA LEU C 154 -9.63 -26.04 -21.85
C LEU C 154 -9.94 -25.93 -20.37
N TRP C 155 -11.21 -25.81 -20.01
CA TRP C 155 -11.57 -25.53 -18.64
C TRP C 155 -12.11 -26.67 -17.79
N SER C 156 -12.40 -27.86 -18.36
CA SER C 156 -12.92 -29.02 -17.59
C SER C 156 -12.08 -29.29 -16.35
N GLU C 157 -10.74 -29.36 -16.52
CA GLU C 157 -9.75 -29.60 -15.48
C GLU C 157 -9.83 -28.56 -14.37
N VAL C 158 -9.92 -27.26 -14.74
CA VAL C 158 -10.03 -26.13 -13.82
C VAL C 158 -11.30 -26.26 -12.97
N LEU C 159 -12.42 -26.63 -13.60
CA LEU C 159 -13.71 -26.80 -12.96
C LEU C 159 -13.70 -27.97 -11.98
N ASP C 160 -12.97 -29.06 -12.33
CA ASP C 160 -12.87 -30.25 -11.47
C ASP C 160 -12.02 -29.96 -10.25
N ASN C 161 -10.87 -29.27 -10.44
CA ASN C 161 -9.97 -28.88 -9.35
C ASN C 161 -10.68 -27.89 -8.43
N ALA C 162 -11.50 -26.99 -9.01
CA ALA C 162 -12.29 -26.02 -8.24
C ALA C 162 -13.36 -26.75 -7.44
N ALA C 163 -13.96 -27.85 -8.00
CA ALA C 163 -14.98 -28.65 -7.33
C ALA C 163 -14.39 -29.35 -6.12
N PHE C 164 -13.16 -29.90 -6.25
CA PHE C 164 -12.43 -30.55 -5.17
C PHE C 164 -12.10 -29.54 -4.08
N GLU C 165 -11.59 -28.36 -4.47
CA GLU C 165 -11.24 -27.27 -3.56
C GLU C 165 -12.47 -26.80 -2.77
N ALA C 166 -13.65 -26.75 -3.43
CA ALA C 166 -14.92 -26.38 -2.83
C ALA C 166 -15.30 -27.40 -1.77
N GLU C 167 -15.20 -28.70 -2.13
CA GLU C 167 -15.50 -29.84 -1.25
C GLU C 167 -14.63 -29.81 0.01
N GLN C 168 -13.35 -29.42 -0.14
CA GLN C 168 -12.39 -29.35 0.97
C GLN C 168 -12.67 -28.18 1.89
N MET C 169 -13.28 -27.11 1.38
CA MET C 169 -13.61 -25.93 2.18
C MET C 169 -14.97 -26.05 2.87
N GLY C 170 -15.68 -27.14 2.58
CA GLY C 170 -17.02 -27.37 3.10
C GLY C 170 -18.02 -26.47 2.42
N LYS C 171 -17.71 -26.10 1.16
CA LYS C 171 -18.53 -25.21 0.33
C LYS C 171 -19.05 -25.97 -0.89
N SER C 172 -20.10 -25.44 -1.52
CA SER C 172 -20.72 -26.07 -2.67
C SER C 172 -20.45 -25.34 -3.96
N LEU C 173 -20.18 -26.11 -5.02
CA LEU C 173 -19.98 -25.65 -6.38
C LEU C 173 -20.99 -26.28 -7.29
N THR C 174 -21.75 -25.46 -8.00
CA THR C 174 -22.75 -25.96 -8.95
C THR C 174 -22.47 -25.34 -10.32
N VAL C 175 -22.18 -26.20 -11.30
CA VAL C 175 -21.94 -25.79 -12.67
C VAL C 175 -23.29 -25.88 -13.38
N ASN C 176 -24.04 -24.76 -13.39
CA ASN C 176 -25.36 -24.63 -14.00
C ASN C 176 -25.38 -25.13 -15.44
N PHE C 177 -24.32 -24.81 -16.20
CA PHE C 177 -24.18 -25.27 -17.57
C PHE C 177 -22.70 -25.44 -17.91
N PRO C 178 -22.32 -26.65 -18.35
CA PRO C 178 -20.91 -26.92 -18.61
C PRO C 178 -20.41 -26.36 -19.95
N PRO C 179 -19.07 -26.18 -20.09
CA PRO C 179 -18.55 -25.74 -21.40
C PRO C 179 -18.57 -26.88 -22.39
N GLY C 180 -18.91 -26.57 -23.63
CA GLY C 180 -18.97 -27.55 -24.70
C GLY C 180 -17.77 -27.41 -25.63
N PRO C 181 -17.70 -28.25 -26.71
CA PRO C 181 -16.57 -28.15 -27.65
C PRO C 181 -16.68 -26.89 -28.53
N TRP C 182 -16.54 -25.73 -27.88
CA TRP C 182 -16.67 -24.44 -28.55
C TRP C 182 -15.29 -23.90 -28.91
N PRO C 183 -15.10 -23.53 -30.18
CA PRO C 183 -13.77 -23.10 -30.64
C PRO C 183 -13.31 -21.72 -30.14
N LEU C 184 -12.06 -21.71 -29.65
CA LEU C 184 -11.39 -20.51 -29.16
C LEU C 184 -9.97 -20.46 -29.69
N TYR C 185 -9.39 -19.26 -29.77
CA TYR C 185 -8.01 -19.10 -30.21
C TYR C 185 -7.26 -18.22 -29.25
N GLY C 186 -6.15 -18.75 -28.75
CA GLY C 186 -5.31 -18.02 -27.82
C GLY C 186 -4.47 -18.91 -26.94
N ASN C 187 -3.81 -18.30 -25.96
CA ASN C 187 -2.95 -19.01 -25.02
C ASN C 187 -3.80 -19.82 -24.03
N PRO C 188 -3.70 -21.17 -24.07
CA PRO C 188 -4.53 -22.01 -23.20
C PRO C 188 -4.25 -21.83 -21.71
N ASN C 189 -2.97 -21.74 -21.31
CA ASN C 189 -2.57 -21.56 -19.91
C ASN C 189 -3.07 -20.23 -19.35
N ALA C 190 -3.15 -19.19 -20.21
CA ALA C 190 -3.63 -17.85 -19.85
C ALA C 190 -5.10 -17.86 -19.48
N LEU C 191 -5.95 -18.49 -20.33
CA LEU C 191 -7.40 -18.60 -20.13
C LEU C 191 -7.70 -19.53 -18.97
N GLU C 192 -6.93 -20.63 -18.86
CA GLU C 192 -7.00 -21.59 -17.77
C GLU C 192 -6.84 -20.85 -16.44
N SER C 193 -5.77 -20.04 -16.34
CA SER C 193 -5.46 -19.24 -15.16
C SER C 193 -6.48 -18.13 -14.93
N ALA C 194 -7.05 -17.56 -16.01
CA ALA C 194 -8.05 -16.49 -15.88
C ALA C 194 -9.31 -17.02 -15.19
N LEU C 195 -9.86 -18.15 -15.68
CA LEU C 195 -11.04 -18.76 -15.08
C LEU C 195 -10.70 -19.27 -13.68
N GLU C 196 -9.52 -19.89 -13.52
CA GLU C 196 -9.01 -20.43 -12.25
C GLU C 196 -8.98 -19.35 -11.19
N ASN C 197 -8.49 -18.14 -11.54
CA ASN C 197 -8.41 -17.02 -10.62
C ASN C 197 -9.79 -16.56 -10.21
N ILE C 198 -10.72 -16.42 -11.18
CA ILE C 198 -12.10 -15.96 -10.94
C ILE C 198 -12.81 -16.90 -9.98
N VAL C 199 -12.82 -18.21 -10.30
CA VAL C 199 -13.50 -19.24 -9.51
C VAL C 199 -12.87 -19.43 -8.12
N ARG C 200 -11.52 -19.37 -8.02
CA ARG C 200 -10.82 -19.52 -6.75
C ARG C 200 -11.13 -18.34 -5.85
N ASN C 201 -11.23 -17.15 -6.45
CA ASN C 201 -11.56 -15.90 -5.78
C ASN C 201 -12.98 -16.00 -5.22
N ALA C 202 -13.90 -16.50 -6.04
CA ALA C 202 -15.28 -16.72 -5.65
C ALA C 202 -15.38 -17.77 -4.54
N LEU C 203 -14.47 -18.78 -4.52
CA LEU C 203 -14.42 -19.80 -3.47
C LEU C 203 -13.98 -19.18 -2.16
N ARG C 204 -12.97 -18.30 -2.23
CA ARG C 204 -12.40 -17.62 -1.07
C ARG C 204 -13.43 -16.75 -0.35
N TYR C 205 -13.98 -15.75 -1.05
CA TYR C 205 -14.89 -14.77 -0.47
C TYR C 205 -16.33 -15.24 -0.28
N SER C 206 -16.71 -16.41 -0.81
CA SER C 206 -18.07 -16.92 -0.61
C SER C 206 -18.31 -17.38 0.83
N HIS C 207 -19.59 -17.52 1.20
CA HIS C 207 -19.96 -17.99 2.51
C HIS C 207 -20.17 -19.50 2.47
N THR C 208 -21.01 -19.98 1.54
CA THR C 208 -21.32 -21.42 1.42
C THR C 208 -21.41 -21.92 -0.02
N LYS C 209 -21.87 -21.08 -0.97
CA LYS C 209 -22.07 -21.55 -2.33
C LYS C 209 -21.45 -20.66 -3.42
N ILE C 210 -21.09 -21.31 -4.55
CA ILE C 210 -20.51 -20.71 -5.76
C ILE C 210 -21.17 -21.39 -6.95
N GLU C 211 -21.52 -20.61 -7.97
CA GLU C 211 -22.16 -21.13 -9.18
C GLU C 211 -21.41 -20.70 -10.42
N VAL C 212 -21.13 -21.65 -11.34
CA VAL C 212 -20.43 -21.36 -12.60
C VAL C 212 -21.36 -21.75 -13.75
N GLY C 213 -21.69 -20.78 -14.61
CA GLY C 213 -22.56 -21.02 -15.74
C GLY C 213 -21.99 -20.60 -17.08
N PHE C 214 -21.92 -21.56 -18.01
CA PHE C 214 -21.44 -21.29 -19.38
C PHE C 214 -22.62 -21.06 -20.29
N ALA C 215 -22.41 -20.29 -21.36
CA ALA C 215 -23.41 -19.96 -22.37
C ALA C 215 -22.75 -19.59 -23.68
N VAL C 216 -23.27 -20.13 -24.79
CA VAL C 216 -22.70 -19.88 -26.11
C VAL C 216 -23.78 -19.44 -27.11
N ASP C 217 -23.36 -18.65 -28.08
CA ASP C 217 -24.14 -18.20 -29.22
C ASP C 217 -23.19 -18.15 -30.40
N LYS C 218 -23.63 -17.66 -31.56
CA LYS C 218 -22.80 -17.55 -32.76
C LYS C 218 -21.54 -16.69 -32.57
N ASP C 219 -21.59 -15.70 -31.65
CA ASP C 219 -20.50 -14.74 -31.46
C ASP C 219 -19.48 -15.13 -30.40
N GLY C 220 -19.92 -15.67 -29.27
CA GLY C 220 -18.98 -16.05 -28.23
C GLY C 220 -19.50 -16.65 -26.94
N ILE C 221 -18.58 -17.20 -26.16
CA ILE C 221 -18.83 -17.85 -24.87
C ILE C 221 -18.92 -16.82 -23.76
N THR C 222 -19.91 -16.98 -22.87
CA THR C 222 -20.11 -16.10 -21.72
C THR C 222 -20.13 -16.93 -20.44
N ILE C 223 -19.09 -16.76 -19.60
CA ILE C 223 -18.95 -17.47 -18.34
C ILE C 223 -19.38 -16.56 -17.18
N THR C 224 -20.26 -17.06 -16.32
CA THR C 224 -20.76 -16.30 -15.18
C THR C 224 -20.47 -17.02 -13.87
N VAL C 225 -19.70 -16.36 -12.98
CA VAL C 225 -19.31 -16.92 -11.69
C VAL C 225 -19.94 -16.10 -10.56
N ASP C 226 -20.79 -16.78 -9.78
CA ASP C 226 -21.52 -16.18 -8.66
C ASP C 226 -21.12 -16.78 -7.33
N ASP C 227 -21.27 -15.99 -6.24
CA ASP C 227 -20.97 -16.45 -4.89
C ASP C 227 -21.96 -15.84 -3.91
N ASP C 228 -22.22 -16.52 -2.81
CA ASP C 228 -23.17 -16.06 -1.81
C ASP C 228 -22.49 -15.22 -0.71
N GLY C 229 -21.23 -14.84 -0.96
CA GLY C 229 -20.46 -14.05 -0.02
C GLY C 229 -20.94 -12.62 0.16
N PRO C 230 -20.10 -11.75 0.75
CA PRO C 230 -20.51 -10.35 0.91
C PRO C 230 -20.37 -9.60 -0.42
N GLY C 231 -21.40 -8.82 -0.72
CA GLY C 231 -21.45 -8.02 -1.94
C GLY C 231 -20.34 -7.00 -2.03
N VAL C 232 -20.11 -6.52 -3.24
CA VAL C 232 -19.08 -5.53 -3.51
C VAL C 232 -19.81 -4.24 -3.92
N SER C 233 -19.49 -3.13 -3.24
CA SER C 233 -20.11 -1.84 -3.50
C SER C 233 -19.87 -1.37 -4.93
N PRO C 234 -20.90 -0.74 -5.56
CA PRO C 234 -20.79 -0.29 -6.97
C PRO C 234 -19.57 0.58 -7.29
N GLU C 235 -18.98 1.21 -6.27
CA GLU C 235 -17.77 2.03 -6.42
C GLU C 235 -16.57 1.09 -6.58
N ASP C 236 -16.45 0.11 -5.66
CA ASP C 236 -15.38 -0.88 -5.62
C ASP C 236 -15.43 -1.82 -6.82
N ARG C 237 -16.65 -2.15 -7.33
CA ARG C 237 -16.85 -3.03 -8.49
C ARG C 237 -16.19 -2.45 -9.73
N GLU C 238 -16.15 -1.11 -9.84
CA GLU C 238 -15.54 -0.41 -10.99
C GLU C 238 -14.02 -0.34 -10.88
N GLN C 239 -13.48 -0.42 -9.65
CA GLN C 239 -12.05 -0.37 -9.43
C GLN C 239 -11.54 -1.64 -8.74
N ILE C 240 -12.12 -2.81 -9.10
CA ILE C 240 -11.70 -4.11 -8.57
C ILE C 240 -10.57 -4.70 -9.44
N PHE C 241 -10.53 -4.32 -10.72
CA PHE C 241 -9.56 -4.78 -11.69
C PHE C 241 -8.34 -3.86 -11.71
N ARG C 242 -8.20 -2.98 -10.67
CA ARG C 242 -7.06 -2.08 -10.52
C ARG C 242 -5.85 -2.89 -10.10
N PRO C 243 -4.64 -2.56 -10.63
CA PRO C 243 -3.46 -3.38 -10.37
C PRO C 243 -3.14 -3.65 -8.90
N PHE C 244 -2.98 -2.60 -8.09
CA PHE C 244 -2.65 -2.78 -6.68
C PHE C 244 -3.78 -2.31 -5.80
N TYR C 245 -4.51 -3.29 -5.23
CA TYR C 245 -5.65 -3.05 -4.35
C TYR C 245 -6.01 -4.34 -3.59
N GLY C 259 -0.69 -13.91 -6.19
CA GLY C 259 -0.88 -12.55 -5.74
C GLY C 259 -0.69 -11.52 -6.84
N LEU C 260 -1.37 -11.74 -7.99
CA LEU C 260 -1.29 -10.84 -9.15
C LEU C 260 -2.36 -9.76 -9.14
N GLY C 261 -3.56 -10.15 -8.70
CA GLY C 261 -4.78 -9.34 -8.71
C GLY C 261 -5.60 -9.69 -9.94
N LEU C 262 -6.87 -9.30 -9.97
CA LEU C 262 -7.84 -9.50 -11.06
C LEU C 262 -7.49 -8.63 -12.29
N ALA C 263 -6.44 -7.79 -12.13
CA ALA C 263 -5.94 -6.92 -13.20
C ALA C 263 -5.37 -7.79 -14.28
N ILE C 264 -4.72 -8.92 -13.91
CA ILE C 264 -4.16 -9.89 -14.84
C ILE C 264 -5.30 -10.54 -15.60
N VAL C 265 -6.39 -10.92 -14.89
CA VAL C 265 -7.58 -11.52 -15.47
C VAL C 265 -8.13 -10.60 -16.57
N GLU C 266 -8.36 -9.32 -16.23
CA GLU C 266 -8.89 -8.31 -17.15
C GLU C 266 -8.01 -8.12 -18.36
N THR C 267 -6.69 -7.88 -18.17
CA THR C 267 -5.73 -7.68 -19.27
C THR C 267 -5.57 -8.93 -20.11
N ALA C 268 -5.57 -10.12 -19.51
CA ALA C 268 -5.46 -11.39 -20.24
C ALA C 268 -6.69 -11.66 -21.10
N ILE C 269 -7.91 -11.41 -20.58
CA ILE C 269 -9.12 -11.63 -21.36
C ILE C 269 -9.25 -10.54 -22.43
N GLN C 270 -8.85 -9.29 -22.13
CA GLN C 270 -8.91 -8.17 -23.08
C GLN C 270 -7.95 -8.39 -24.24
N GLN C 271 -6.78 -9.04 -23.97
CA GLN C 271 -5.80 -9.36 -25.02
C GLN C 271 -6.30 -10.55 -25.83
N HIS C 272 -7.29 -11.29 -25.28
CA HIS C 272 -7.93 -12.42 -25.95
C HIS C 272 -9.20 -11.94 -26.64
N ARG C 273 -9.27 -10.61 -26.92
CA ARG C 273 -10.36 -9.89 -27.62
C ARG C 273 -11.72 -9.98 -26.89
N GLY C 274 -11.70 -10.36 -25.62
CA GLY C 274 -12.90 -10.48 -24.83
C GLY C 274 -13.08 -9.33 -23.86
N TRP C 275 -13.89 -9.52 -22.81
CA TRP C 275 -14.11 -8.53 -21.76
C TRP C 275 -14.53 -9.16 -20.44
N VAL C 276 -14.38 -8.39 -19.35
CA VAL C 276 -14.75 -8.83 -18.00
C VAL C 276 -15.61 -7.75 -17.37
N LYS C 277 -16.66 -8.19 -16.66
CA LYS C 277 -17.58 -7.31 -15.95
C LYS C 277 -17.78 -7.81 -14.52
N ALA C 278 -17.94 -6.85 -13.59
CA ALA C 278 -18.19 -7.16 -12.19
C ALA C 278 -19.53 -6.55 -11.80
N GLU C 279 -20.50 -7.43 -11.49
CA GLU C 279 -21.85 -7.03 -11.11
C GLU C 279 -22.21 -7.61 -9.75
N ASP C 280 -23.40 -7.27 -9.27
CA ASP C 280 -23.91 -7.79 -8.00
C ASP C 280 -24.58 -9.14 -8.27
N SER C 281 -24.18 -10.17 -7.52
CA SER C 281 -24.66 -11.52 -7.71
C SER C 281 -26.06 -11.75 -7.15
N PRO C 282 -26.89 -12.58 -7.86
CA PRO C 282 -28.21 -12.94 -7.33
C PRO C 282 -28.08 -13.83 -6.10
N LEU C 283 -26.89 -14.43 -5.89
CA LEU C 283 -26.61 -15.25 -4.72
C LEU C 283 -26.36 -14.36 -3.51
N GLY C 284 -26.07 -13.08 -3.77
CA GLY C 284 -25.84 -12.08 -2.75
C GLY C 284 -24.45 -11.47 -2.74
N GLY C 285 -23.48 -12.19 -3.31
CA GLY C 285 -22.10 -11.76 -3.36
C GLY C 285 -21.71 -11.03 -4.62
N LEU C 286 -20.64 -11.51 -5.27
CA LEU C 286 -20.11 -10.90 -6.47
C LEU C 286 -20.33 -11.77 -7.68
N ARG C 287 -20.78 -11.13 -8.75
CA ARG C 287 -20.97 -11.77 -10.04
C ARG C 287 -19.85 -11.34 -10.96
N LEU C 288 -19.14 -12.31 -11.54
CA LEU C 288 -18.07 -12.03 -12.48
C LEU C 288 -18.42 -12.63 -13.81
N VAL C 289 -18.44 -11.76 -14.84
CA VAL C 289 -18.81 -12.18 -16.18
C VAL C 289 -17.60 -12.06 -17.09
N ILE C 290 -17.29 -13.16 -17.78
CA ILE C 290 -16.21 -13.20 -18.75
C ILE C 290 -16.84 -13.48 -20.09
N TRP C 291 -16.42 -12.72 -21.09
CA TRP C 291 -16.88 -12.98 -22.44
C TRP C 291 -15.69 -13.14 -23.36
N LEU C 292 -15.72 -14.19 -24.18
CA LEU C 292 -14.67 -14.47 -25.15
C LEU C 292 -15.30 -14.77 -26.51
N PRO C 293 -14.72 -14.23 -27.60
CA PRO C 293 -15.30 -14.50 -28.93
C PRO C 293 -14.88 -15.86 -29.47
N LEU C 294 -15.71 -16.42 -30.37
CA LEU C 294 -15.43 -17.72 -30.97
C LEU C 294 -14.51 -17.60 -32.17
N TYR C 295 -13.67 -18.62 -32.37
CA TYR C 295 -12.72 -18.66 -33.49
C TYR C 295 -13.42 -19.16 -34.77
N LYS C 296 -13.12 -18.55 -35.93
CA LYS C 296 -13.71 -19.04 -37.19
C LYS C 296 -12.63 -19.13 -38.28
N ARG C 297 -12.49 -20.32 -38.90
CA ARG C 297 -11.51 -20.54 -39.98
C ARG C 297 -12.00 -19.92 -41.29
N LYS D 29 -2.66 -1.31 -58.44
CA LYS D 29 -3.33 -0.33 -57.58
C LYS D 29 -3.87 -0.99 -56.29
N PRO D 30 -4.64 -2.12 -56.31
CA PRO D 30 -5.13 -2.65 -55.01
C PRO D 30 -4.06 -3.40 -54.24
N ALA D 31 -3.17 -4.15 -54.96
CA ALA D 31 -2.06 -4.90 -54.39
C ALA D 31 -1.05 -3.95 -53.78
N ARG D 32 -0.85 -2.79 -54.42
CA ARG D 32 0.04 -1.72 -53.97
C ARG D 32 -0.50 -1.13 -52.66
N LYS D 33 -1.83 -0.92 -52.59
CA LYS D 33 -2.53 -0.39 -51.42
C LYS D 33 -2.39 -1.31 -50.22
N LEU D 34 -2.66 -2.61 -50.42
CA LEU D 34 -2.56 -3.63 -49.38
C LEU D 34 -1.13 -3.87 -48.95
N LYS D 35 -0.16 -3.80 -49.89
CA LYS D 35 1.26 -3.96 -49.59
C LYS D 35 1.75 -2.82 -48.70
N ASN D 36 1.40 -1.57 -49.07
CA ASN D 36 1.80 -0.37 -48.33
C ASN D 36 1.12 -0.31 -46.96
N ALA D 37 -0.12 -0.83 -46.85
CA ALA D 37 -0.86 -0.87 -45.59
C ALA D 37 -0.26 -1.92 -44.66
N ALA D 38 0.15 -3.10 -45.21
CA ALA D 38 0.77 -4.18 -44.44
C ALA D 38 2.17 -3.75 -43.98
N ASP D 39 2.90 -3.00 -44.81
CA ASP D 39 4.25 -2.51 -44.50
C ASP D 39 4.20 -1.40 -43.47
N GLU D 40 3.08 -0.66 -43.42
CA GLU D 40 2.86 0.42 -42.47
C GLU D 40 2.60 -0.19 -41.11
N VAL D 41 1.58 -1.10 -41.02
CA VAL D 41 1.20 -1.82 -39.78
C VAL D 41 2.43 -2.56 -39.20
N ALA D 42 3.27 -3.16 -40.08
CA ALA D 42 4.49 -3.90 -39.70
C ALA D 42 5.53 -3.03 -38.97
N GLN D 43 5.47 -1.69 -39.17
CA GLN D 43 6.43 -0.76 -38.54
C GLN D 43 5.91 -0.21 -37.19
N GLY D 44 4.62 -0.37 -36.93
CA GLY D 44 4.00 0.07 -35.68
C GLY D 44 2.92 1.12 -35.85
N ASN D 45 2.50 1.35 -37.11
CA ASN D 45 1.46 2.32 -37.42
C ASN D 45 0.13 1.58 -37.52
N LEU D 46 -0.45 1.29 -36.35
CA LEU D 46 -1.73 0.56 -36.27
C LEU D 46 -2.91 1.52 -36.41
N ARG D 47 -3.06 2.10 -37.61
CA ARG D 47 -4.15 3.04 -37.87
C ARG D 47 -4.93 2.60 -39.10
N GLN D 48 -6.21 3.01 -39.14
CA GLN D 48 -7.15 2.68 -40.20
C GLN D 48 -6.72 3.22 -41.56
N HIS D 49 -6.84 2.37 -42.59
CA HIS D 49 -6.55 2.76 -43.97
C HIS D 49 -7.88 2.82 -44.72
N PRO D 50 -8.50 4.03 -44.76
CA PRO D 50 -9.77 4.19 -45.48
C PRO D 50 -9.60 3.93 -46.97
N GLU D 51 -8.35 4.07 -47.43
CA GLU D 51 -7.85 3.86 -48.77
C GLU D 51 -8.18 2.47 -49.29
N LEU D 52 -8.39 1.51 -48.39
CA LEU D 52 -8.73 0.13 -48.72
C LEU D 52 -10.24 -0.08 -48.85
N GLU D 53 -11.02 0.98 -48.53
CA GLU D 53 -12.48 0.97 -48.60
C GLU D 53 -12.95 1.76 -49.83
N ALA D 54 -12.04 1.97 -50.79
CA ALA D 54 -12.30 2.69 -52.05
C ALA D 54 -11.84 1.85 -53.22
N GLY D 55 -11.20 0.73 -52.90
CA GLY D 55 -10.67 -0.24 -53.85
C GLY D 55 -11.68 -0.66 -54.90
N PRO D 56 -11.31 -0.62 -56.20
CA PRO D 56 -12.27 -1.04 -57.23
C PRO D 56 -12.78 -2.45 -57.00
N GLN D 57 -14.08 -2.66 -57.25
CA GLN D 57 -14.79 -3.92 -57.19
C GLN D 57 -14.65 -4.73 -55.87
N GLU D 58 -13.91 -5.85 -55.94
CA GLU D 58 -13.78 -6.92 -54.97
C GLU D 58 -12.74 -6.72 -53.85
N PHE D 59 -11.76 -5.81 -53.98
CA PHE D 59 -10.78 -5.59 -52.92
C PHE D 59 -11.33 -4.72 -51.75
N LEU D 60 -12.67 -4.56 -51.70
CA LEU D 60 -13.37 -3.87 -50.63
C LEU D 60 -13.58 -4.80 -49.47
N ALA D 61 -13.90 -6.10 -49.71
CA ALA D 61 -14.04 -7.06 -48.61
C ALA D 61 -12.69 -7.32 -47.98
N ALA D 62 -11.62 -7.39 -48.80
CA ALA D 62 -10.25 -7.61 -48.33
C ALA D 62 -9.73 -6.38 -47.56
N GLY D 63 -10.01 -5.18 -48.08
CA GLY D 63 -9.64 -3.92 -47.47
C GLY D 63 -10.37 -3.66 -46.17
N ALA D 64 -11.69 -3.94 -46.15
CA ALA D 64 -12.52 -3.77 -44.94
C ALA D 64 -12.15 -4.78 -43.87
N SER D 65 -11.81 -6.04 -44.26
CA SER D 65 -11.39 -7.06 -43.30
C SER D 65 -10.00 -6.74 -42.75
N PHE D 66 -9.19 -6.01 -43.55
CA PHE D 66 -7.84 -5.58 -43.16
C PHE D 66 -7.94 -4.51 -42.10
N ASN D 67 -8.86 -3.53 -42.26
CA ASN D 67 -9.08 -2.45 -41.30
C ASN D 67 -9.69 -3.00 -40.02
N GLN D 68 -10.54 -4.05 -40.13
CA GLN D 68 -11.13 -4.75 -38.98
C GLN D 68 -10.01 -5.42 -38.19
N MET D 69 -9.01 -5.96 -38.92
CA MET D 69 -7.82 -6.62 -38.36
C MET D 69 -7.00 -5.61 -37.57
N VAL D 70 -6.80 -4.39 -38.14
CA VAL D 70 -6.05 -3.30 -37.54
C VAL D 70 -6.70 -2.93 -36.21
N THR D 71 -8.03 -2.71 -36.19
CA THR D 71 -8.80 -2.35 -34.99
C THR D 71 -8.65 -3.40 -33.91
N ALA D 72 -8.77 -4.70 -34.29
CA ALA D 72 -8.64 -5.84 -33.38
C ALA D 72 -7.24 -5.92 -32.75
N LEU D 73 -6.19 -5.71 -33.58
CA LEU D 73 -4.79 -5.73 -33.14
C LEU D 73 -4.49 -4.60 -32.16
N GLU D 74 -5.01 -3.40 -32.46
CA GLU D 74 -4.82 -2.22 -31.63
C GLU D 74 -5.47 -2.46 -30.27
N ARG D 75 -6.67 -3.07 -30.25
CA ARG D 75 -7.38 -3.40 -29.02
C ARG D 75 -6.65 -4.47 -28.20
N MET D 76 -5.95 -5.40 -28.87
CA MET D 76 -5.19 -6.48 -28.26
C MET D 76 -3.89 -6.00 -27.62
N MET D 77 -3.24 -5.01 -28.23
CA MET D 77 -1.95 -4.49 -27.75
C MET D 77 -2.11 -3.49 -26.63
N THR D 78 -3.17 -2.63 -26.70
CA THR D 78 -3.43 -1.59 -25.70
C THR D 78 -3.73 -2.18 -24.34
N SER D 79 -4.22 -3.44 -24.27
CA SER D 79 -4.52 -4.08 -22.99
C SER D 79 -3.26 -4.31 -22.15
N GLN D 80 -2.18 -4.83 -22.80
CA GLN D 80 -0.94 -5.09 -22.08
C GLN D 80 -0.19 -3.81 -21.80
N GLN D 81 -0.26 -2.90 -22.76
CA GLN D 81 0.37 -1.61 -22.65
C GLN D 81 -0.32 -0.83 -21.53
N ARG D 82 -1.65 -0.97 -21.35
CA ARG D 82 -2.39 -0.30 -20.27
C ARG D 82 -1.97 -0.80 -18.91
N LEU D 83 -1.85 -2.14 -18.79
CA LEU D 83 -1.39 -2.77 -17.55
C LEU D 83 -0.08 -2.12 -17.12
N LEU D 84 0.85 -1.96 -18.09
CA LEU D 84 2.14 -1.30 -17.91
C LEU D 84 1.95 0.12 -17.38
N SER D 85 1.06 0.92 -18.00
CA SER D 85 0.81 2.29 -17.56
C SER D 85 0.23 2.38 -16.18
N ASP D 86 -0.62 1.41 -15.85
CA ASP D 86 -1.26 1.42 -14.54
C ASP D 86 -0.25 1.09 -13.46
N ILE D 87 0.60 0.08 -13.68
CA ILE D 87 1.65 -0.32 -12.73
C ILE D 87 2.58 0.88 -12.51
N SER D 88 2.99 1.54 -13.62
CA SER D 88 3.87 2.70 -13.62
C SER D 88 3.32 3.82 -12.75
N HIS D 89 2.01 4.15 -12.91
CA HIS D 89 1.36 5.20 -12.13
C HIS D 89 1.19 4.82 -10.69
N GLU D 90 0.91 3.54 -10.40
CA GLU D 90 0.75 3.08 -9.03
C GLU D 90 2.07 3.07 -8.25
N LEU D 91 3.18 2.78 -8.94
CA LEU D 91 4.53 2.76 -8.37
C LEU D 91 5.09 4.14 -8.14
N ARG D 92 4.73 5.09 -9.02
CA ARG D 92 5.26 6.45 -9.01
C ARG D 92 5.02 7.22 -7.71
N THR D 93 3.77 7.27 -7.24
CA THR D 93 3.30 8.03 -6.08
C THR D 93 4.02 7.71 -4.72
N PRO D 94 4.20 6.44 -4.26
CA PRO D 94 4.85 6.23 -2.94
C PRO D 94 6.36 6.53 -2.99
N LEU D 95 6.96 6.38 -4.18
CA LEU D 95 8.37 6.69 -4.41
C LEU D 95 8.62 8.18 -4.19
N THR D 96 7.66 9.03 -4.59
CA THR D 96 7.75 10.48 -4.39
C THR D 96 7.69 10.81 -2.90
N ARG D 97 6.82 10.10 -2.17
CA ARG D 97 6.68 10.29 -0.71
C ARG D 97 7.96 9.83 -0.02
N LEU D 98 8.60 8.77 -0.56
CA LEU D 98 9.88 8.22 -0.08
C LEU D 98 10.98 9.25 -0.30
N GLN D 99 11.05 9.83 -1.51
CA GLN D 99 12.03 10.85 -1.88
C GLN D 99 11.89 12.09 -1.00
N LEU D 100 10.65 12.38 -0.55
CA LEU D 100 10.37 13.47 0.36
C LEU D 100 10.94 13.18 1.76
N GLY D 101 10.72 11.95 2.25
CA GLY D 101 11.21 11.47 3.53
C GLY D 101 12.72 11.57 3.65
N THR D 102 13.45 11.09 2.60
CA THR D 102 14.94 11.13 2.54
C THR D 102 15.45 12.56 2.59
N ALA D 103 14.74 13.48 1.92
CA ALA D 103 15.07 14.91 1.90
C ALA D 103 14.94 15.50 3.32
N LEU D 104 13.94 15.03 4.08
CA LEU D 104 13.69 15.47 5.46
C LEU D 104 14.71 14.86 6.43
N LEU D 105 15.34 13.72 6.05
CA LEU D 105 16.42 13.09 6.83
C LEU D 105 17.67 13.92 6.74
N ARG D 106 17.99 14.34 5.51
CA ARG D 106 19.15 15.17 5.18
C ARG D 106 19.03 16.52 5.91
N ARG D 107 17.83 16.84 6.38
CA ARG D 107 17.53 18.05 7.15
C ARG D 107 17.90 17.83 8.63
N ARG D 108 17.32 16.80 9.30
CA ARG D 108 17.57 16.49 10.72
C ARG D 108 18.99 15.97 10.95
N SER D 109 19.43 15.08 10.08
CA SER D 109 20.75 14.47 10.15
C SER D 109 21.58 15.05 9.02
N GLY D 110 22.89 14.83 9.09
CA GLY D 110 23.78 15.35 8.07
C GLY D 110 23.99 14.39 6.92
N GLU D 111 25.17 14.48 6.32
CA GLU D 111 25.59 13.62 5.24
C GLU D 111 26.07 12.32 5.87
N SER D 112 25.24 11.29 5.75
CA SER D 112 25.61 10.00 6.32
C SER D 112 26.04 9.07 5.19
N LYS D 113 26.60 7.90 5.52
CA LYS D 113 27.02 6.92 4.54
C LYS D 113 25.80 6.14 4.04
N GLU D 114 24.83 5.90 4.95
CA GLU D 114 23.57 5.19 4.69
C GLU D 114 22.67 6.03 3.79
N LEU D 115 22.66 7.37 3.98
CA LEU D 115 21.90 8.27 3.12
C LEU D 115 22.41 8.21 1.70
N GLU D 116 23.75 8.08 1.56
CA GLU D 116 24.43 7.95 0.28
C GLU D 116 24.00 6.66 -0.41
N ARG D 117 23.44 5.71 0.35
CA ARG D 117 22.97 4.45 -0.21
C ARG D 117 21.50 4.58 -0.59
N ILE D 118 20.68 5.16 0.31
CA ILE D 118 19.22 5.31 0.19
C ILE D 118 18.85 6.25 -0.95
N GLU D 119 19.48 7.44 -1.01
CA GLU D 119 19.21 8.43 -2.07
C GLU D 119 19.65 7.92 -3.42
N THR D 120 20.75 7.13 -3.47
CA THR D 120 21.26 6.55 -4.72
C THR D 120 20.22 5.60 -5.28
N GLU D 121 19.74 4.66 -4.44
CA GLU D 121 18.74 3.67 -4.81
C GLU D 121 17.42 4.32 -5.15
N ALA D 122 17.04 5.40 -4.41
CA ALA D 122 15.81 6.18 -4.63
C ALA D 122 15.81 6.77 -6.03
N GLN D 123 16.97 7.34 -6.46
CA GLN D 123 17.13 7.94 -7.79
C GLN D 123 17.12 6.89 -8.86
N ARG D 124 17.72 5.72 -8.61
CA ARG D 124 17.74 4.61 -9.57
C ARG D 124 16.31 4.18 -9.87
N LEU D 125 15.52 3.97 -8.80
CA LEU D 125 14.13 3.58 -8.93
C LEU D 125 13.33 4.68 -9.60
N ASP D 126 13.61 5.95 -9.24
CA ASP D 126 12.94 7.13 -9.79
C ASP D 126 13.03 7.14 -11.27
N SER D 127 14.28 7.09 -11.82
CA SER D 127 14.55 7.11 -13.25
C SER D 127 13.81 5.98 -13.94
N MET D 128 13.84 4.76 -13.34
CA MET D 128 13.18 3.55 -13.85
C MET D 128 11.69 3.75 -14.01
N ILE D 129 11.02 4.30 -12.97
CA ILE D 129 9.58 4.55 -12.97
C ILE D 129 9.25 5.56 -14.05
N ASN D 130 10.02 6.67 -14.10
CA ASN D 130 9.83 7.75 -15.07
C ASN D 130 9.92 7.24 -16.49
N ASP D 131 10.91 6.36 -16.75
CA ASP D 131 11.11 5.78 -18.06
C ASP D 131 10.02 4.81 -18.41
N LEU D 132 9.49 4.08 -17.41
CA LEU D 132 8.38 3.16 -17.59
C LEU D 132 7.13 3.93 -17.95
N LEU D 133 6.94 5.11 -17.29
CA LEU D 133 5.83 6.01 -17.54
C LEU D 133 5.88 6.51 -18.97
N VAL D 134 7.08 6.94 -19.43
CA VAL D 134 7.32 7.44 -20.79
C VAL D 134 7.01 6.35 -21.81
N MET D 135 7.50 5.13 -21.61
CA MET D 135 7.25 4.04 -22.55
C MET D 135 5.79 3.59 -22.55
N SER D 136 5.03 4.04 -21.56
CA SER D 136 3.60 3.78 -21.47
C SER D 136 2.85 5.03 -21.94
N ARG D 137 3.60 6.12 -22.19
CA ARG D 137 3.08 7.39 -22.72
C ARG D 137 3.12 7.37 -24.24
N ASN D 138 4.17 6.74 -24.80
CA ASN D 138 4.41 6.70 -26.23
C ASN D 138 3.58 5.65 -26.97
N GLN D 139 4.10 4.42 -27.09
CA GLN D 139 3.50 3.34 -27.87
C GLN D 139 2.07 2.98 -27.48
N GLN D 140 1.73 3.06 -26.19
CA GLN D 140 0.41 2.69 -25.67
C GLN D 140 -0.74 3.53 -26.21
N LYS D 141 -0.71 4.84 -25.94
CA LYS D 141 -1.82 5.71 -26.24
C LYS D 141 -1.75 6.44 -27.54
N ASN D 142 -2.91 6.49 -28.22
CA ASN D 142 -3.15 7.28 -29.41
C ASN D 142 -3.29 8.73 -28.96
N ALA D 143 -3.56 8.92 -27.63
CA ALA D 143 -3.69 10.17 -26.91
C ALA D 143 -2.33 10.87 -26.82
N LEU D 144 -1.86 11.38 -27.98
CA LEU D 144 -0.52 11.91 -28.13
C LEU D 144 -0.36 13.42 -28.18
N VAL D 145 -1.45 14.22 -28.17
CA VAL D 145 -1.44 15.71 -28.18
C VAL D 145 -0.26 16.22 -29.06
N SER D 146 -0.46 16.14 -30.38
CA SER D 146 0.58 16.49 -31.33
C SER D 146 0.46 17.91 -31.85
N GLU D 147 1.61 18.46 -32.27
CA GLU D 147 1.62 19.78 -32.86
C GLU D 147 2.64 19.88 -33.98
N THR D 148 2.52 20.97 -34.74
CA THR D 148 3.40 21.24 -35.86
C THR D 148 4.61 22.03 -35.34
N ILE D 149 5.81 21.46 -35.55
CA ILE D 149 7.06 22.07 -35.11
C ILE D 149 8.13 22.01 -36.24
N LYS D 150 9.09 22.94 -36.18
CA LYS D 150 10.20 22.99 -37.14
C LYS D 150 11.46 22.40 -36.47
N ALA D 151 12.18 21.51 -37.19
CA ALA D 151 13.37 20.76 -36.77
C ALA D 151 14.39 21.59 -35.99
N ASN D 152 14.87 22.74 -36.54
CA ASN D 152 15.85 23.61 -35.89
C ASN D 152 15.33 24.14 -34.55
N GLN D 153 14.06 24.61 -34.53
CA GLN D 153 13.36 25.13 -33.37
C GLN D 153 13.23 24.04 -32.30
N LEU D 154 13.01 22.79 -32.74
CA LEU D 154 12.84 21.64 -31.88
C LEU D 154 14.15 21.17 -31.22
N TRP D 155 15.21 20.94 -32.00
CA TRP D 155 16.43 20.33 -31.49
C TRP D 155 17.62 21.25 -31.20
N SER D 156 17.57 22.56 -31.56
CA SER D 156 18.68 23.51 -31.30
C SER D 156 19.10 23.50 -29.82
N GLU D 157 18.12 23.61 -28.90
CA GLU D 157 18.29 23.61 -27.44
C GLU D 157 19.01 22.34 -26.97
N VAL D 158 18.57 21.16 -27.47
CA VAL D 158 19.14 19.85 -27.13
C VAL D 158 20.61 19.79 -27.58
N LEU D 159 20.90 20.31 -28.78
CA LEU D 159 22.26 20.34 -29.35
C LEU D 159 23.18 21.26 -28.56
N ASP D 160 22.65 22.40 -28.07
CA ASP D 160 23.43 23.36 -27.28
C ASP D 160 23.78 22.78 -25.92
N ASN D 161 22.79 22.15 -25.25
CA ASN D 161 22.97 21.50 -23.95
C ASN D 161 23.94 20.32 -24.07
N ALA D 162 23.86 19.59 -25.21
CA ALA D 162 24.78 18.48 -25.49
C ALA D 162 26.20 19.00 -25.73
N ALA D 163 26.33 20.18 -26.37
CA ALA D 163 27.62 20.84 -26.63
C ALA D 163 28.28 21.24 -25.32
N PHE D 164 27.49 21.78 -24.38
CA PHE D 164 27.95 22.18 -23.05
C PHE D 164 28.42 20.96 -22.29
N GLU D 165 27.60 19.89 -22.29
CA GLU D 165 27.89 18.61 -21.63
C GLU D 165 29.18 17.99 -22.15
N ALA D 166 29.43 18.08 -23.48
CA ALA D 166 30.65 17.60 -24.13
C ALA D 166 31.85 18.39 -23.66
N GLU D 167 31.73 19.74 -23.64
CA GLU D 167 32.75 20.67 -23.19
C GLU D 167 33.17 20.36 -21.73
N GLN D 168 32.19 20.02 -20.88
CA GLN D 168 32.41 19.70 -19.47
C GLN D 168 33.10 18.36 -19.27
N MET D 169 32.91 17.41 -20.21
CA MET D 169 33.52 16.08 -20.13
C MET D 169 34.92 16.06 -20.74
N GLY D 170 35.36 17.20 -21.31
CA GLY D 170 36.63 17.33 -21.98
C GLY D 170 36.61 16.60 -23.31
N LYS D 171 35.41 16.49 -23.90
CA LYS D 171 35.17 15.81 -25.16
C LYS D 171 34.72 16.83 -26.20
N SER D 172 34.82 16.46 -27.48
CA SER D 172 34.45 17.34 -28.57
C SER D 172 33.15 16.91 -29.23
N LEU D 173 32.29 17.88 -29.53
CA LEU D 173 31.03 17.64 -30.24
C LEU D 173 31.04 18.46 -31.50
N THR D 174 30.85 17.81 -32.64
CA THR D 174 30.84 18.50 -33.92
C THR D 174 29.55 18.20 -34.67
N VAL D 175 28.81 19.27 -34.98
CA VAL D 175 27.56 19.19 -35.70
C VAL D 175 27.90 19.41 -37.18
N ASN D 176 28.14 18.30 -37.90
CA ASN D 176 28.51 18.30 -39.33
C ASN D 176 27.53 19.11 -40.17
N PHE D 177 26.23 18.99 -39.86
CA PHE D 177 25.19 19.75 -40.54
C PHE D 177 24.05 20.02 -39.57
N PRO D 178 23.71 21.30 -39.36
CA PRO D 178 22.66 21.64 -38.40
C PRO D 178 21.24 21.43 -38.92
N PRO D 179 20.23 21.30 -38.01
CA PRO D 179 18.84 21.17 -38.48
C PRO D 179 18.33 22.51 -38.96
N GLY D 180 17.58 22.48 -40.05
CA GLY D 180 17.00 23.67 -40.61
C GLY D 180 15.52 23.80 -40.29
N PRO D 181 14.85 24.85 -40.80
CA PRO D 181 13.41 25.00 -40.56
C PRO D 181 12.59 23.97 -41.36
N TRP D 182 12.75 22.69 -41.00
CA TRP D 182 12.09 21.58 -41.67
C TRP D 182 10.85 21.16 -40.92
N PRO D 183 9.71 21.10 -41.64
CA PRO D 183 8.43 20.83 -40.97
C PRO D 183 8.24 19.40 -40.48
N LEU D 184 7.81 19.30 -39.22
CA LEU D 184 7.51 18.04 -38.54
C LEU D 184 6.21 18.14 -37.80
N TYR D 185 5.57 16.98 -37.57
CA TYR D 185 4.31 16.96 -36.83
C TYR D 185 4.33 15.85 -35.79
N GLY D 186 4.08 16.24 -34.55
CA GLY D 186 4.04 15.34 -33.42
C GLY D 186 4.35 16.00 -32.09
N ASN D 187 4.56 15.16 -31.06
CA ASN D 187 4.85 15.61 -29.70
C ASN D 187 6.29 16.12 -29.61
N PRO D 188 6.46 17.44 -29.31
CA PRO D 188 7.82 18.02 -29.28
C PRO D 188 8.71 17.48 -28.18
N ASN D 189 8.18 17.29 -26.95
CA ASN D 189 8.95 16.75 -25.83
C ASN D 189 9.43 15.33 -26.10
N ALA D 190 8.63 14.54 -26.86
CA ALA D 190 8.94 13.16 -27.23
C ALA D 190 10.17 13.10 -28.16
N LEU D 191 10.19 13.95 -29.21
CA LEU D 191 11.28 14.02 -30.19
C LEU D 191 12.51 14.64 -29.56
N GLU D 192 12.31 15.66 -28.70
CA GLU D 192 13.37 16.32 -27.93
C GLU D 192 14.12 15.29 -27.12
N SER D 193 13.37 14.45 -26.37
CA SER D 193 13.89 13.36 -25.55
C SER D 193 14.51 12.25 -26.39
N ALA D 194 13.94 11.98 -27.60
CA ALA D 194 14.41 10.95 -28.56
C ALA D 194 15.83 11.26 -29.00
N LEU D 195 16.13 12.53 -29.39
CA LEU D 195 17.46 12.98 -29.79
C LEU D 195 18.38 13.14 -28.59
N GLU D 196 17.85 13.69 -27.48
CA GLU D 196 18.56 13.89 -26.22
C GLU D 196 19.15 12.58 -25.72
N ASN D 197 18.37 11.50 -25.76
CA ASN D 197 18.82 10.19 -25.33
C ASN D 197 19.92 9.66 -26.21
N ILE D 198 19.77 9.79 -27.56
CA ILE D 198 20.76 9.32 -28.53
C ILE D 198 22.10 10.02 -28.32
N VAL D 199 22.08 11.36 -28.30
CA VAL D 199 23.28 12.19 -28.17
C VAL D 199 23.96 12.02 -26.79
N ARG D 200 23.16 11.90 -25.70
CA ARG D 200 23.71 11.73 -24.35
C ARG D 200 24.36 10.37 -24.22
N ASN D 201 23.75 9.37 -24.87
CA ASN D 201 24.26 8.01 -24.95
C ASN D 201 25.60 8.03 -25.68
N ALA D 202 25.67 8.75 -26.83
CA ALA D 202 26.89 8.90 -27.63
C ALA D 202 27.97 9.64 -26.83
N LEU D 203 27.55 10.57 -25.96
CA LEU D 203 28.44 11.32 -25.08
C LEU D 203 29.07 10.40 -24.05
N ARG D 204 28.27 9.47 -23.50
CA ARG D 204 28.69 8.48 -22.50
C ARG D 204 29.69 7.49 -23.03
N TYR D 205 29.33 6.73 -24.07
CA TYR D 205 30.19 5.69 -24.59
C TYR D 205 31.39 6.17 -25.39
N SER D 206 31.41 7.45 -25.83
CA SER D 206 32.52 7.94 -26.64
C SER D 206 33.82 8.04 -25.84
N HIS D 207 34.95 8.09 -26.55
CA HIS D 207 36.26 8.24 -25.94
C HIS D 207 36.64 9.71 -25.92
N THR D 208 36.58 10.40 -27.07
CA THR D 208 36.97 11.81 -27.18
C THR D 208 36.05 12.65 -28.07
N LYS D 209 35.47 12.05 -29.13
CA LYS D 209 34.66 12.82 -30.07
C LYS D 209 33.29 12.23 -30.37
N ILE D 210 32.33 13.13 -30.63
CA ILE D 210 30.93 12.85 -30.97
C ILE D 210 30.57 13.73 -32.17
N GLU D 211 29.86 13.14 -33.14
CA GLU D 211 29.43 13.87 -34.32
C GLU D 211 27.95 13.73 -34.61
N VAL D 212 27.26 14.87 -34.81
CA VAL D 212 25.82 14.89 -35.11
C VAL D 212 25.62 15.52 -36.49
N GLY D 213 24.99 14.77 -37.40
CA GLY D 213 24.74 15.23 -38.75
C GLY D 213 23.29 15.14 -39.19
N PHE D 214 22.72 16.29 -39.59
CA PHE D 214 21.35 16.35 -40.08
C PHE D 214 21.36 16.31 -41.60
N ALA D 215 20.28 15.81 -42.20
CA ALA D 215 20.11 15.72 -43.64
C ALA D 215 18.65 15.67 -43.99
N VAL D 216 18.25 16.43 -45.02
CA VAL D 216 16.86 16.49 -45.44
C VAL D 216 16.71 16.28 -46.95
N ASP D 217 15.59 15.70 -47.35
CA ASP D 217 15.20 15.48 -48.73
C ASP D 217 13.69 15.71 -48.77
N LYS D 218 13.04 15.44 -49.92
CA LYS D 218 11.60 15.59 -50.10
C LYS D 218 10.76 14.76 -49.11
N ASP D 219 11.29 13.60 -48.67
CA ASP D 219 10.55 12.68 -47.81
C ASP D 219 10.76 12.87 -46.32
N GLY D 220 11.97 13.13 -45.86
CA GLY D 220 12.19 13.30 -44.43
C GLY D 220 13.59 13.59 -43.94
N ILE D 221 13.68 13.96 -42.66
CA ILE D 221 14.92 14.29 -41.97
C ILE D 221 15.62 13.01 -41.49
N THR D 222 16.95 12.96 -41.67
CA THR D 222 17.78 11.85 -41.25
C THR D 222 18.91 12.37 -40.35
N ILE D 223 18.85 12.01 -39.07
CA ILE D 223 19.84 12.42 -38.07
C ILE D 223 20.81 11.27 -37.83
N THR D 224 22.13 11.55 -37.92
CA THR D 224 23.16 10.54 -37.71
C THR D 224 24.10 10.96 -36.58
N VAL D 225 24.17 10.11 -35.54
CA VAL D 225 25.00 10.37 -34.37
C VAL D 225 26.12 9.31 -34.28
N ASP D 226 27.37 9.80 -34.41
CA ASP D 226 28.58 8.98 -34.37
C ASP D 226 29.40 9.25 -33.13
N ASP D 227 30.15 8.24 -32.68
CA ASP D 227 31.04 8.36 -31.52
C ASP D 227 32.29 7.53 -31.77
N ASP D 228 33.43 7.96 -31.19
CA ASP D 228 34.72 7.29 -31.36
C ASP D 228 34.98 6.25 -30.27
N GLY D 229 33.94 5.89 -29.51
CA GLY D 229 34.04 4.91 -28.45
C GLY D 229 34.23 3.48 -28.91
N PRO D 230 33.99 2.50 -28.01
CA PRO D 230 34.15 1.09 -28.40
C PRO D 230 32.97 0.62 -29.24
N GLY D 231 33.27 -0.09 -30.33
CA GLY D 231 32.28 -0.62 -31.25
C GLY D 231 31.30 -1.58 -30.61
N VAL D 232 30.13 -1.74 -31.24
CA VAL D 232 29.08 -2.63 -30.76
C VAL D 232 28.96 -3.76 -31.77
N SER D 233 29.00 -5.01 -31.28
CA SER D 233 28.92 -6.20 -32.10
C SER D 233 27.60 -6.28 -32.87
N PRO D 234 27.65 -6.75 -34.15
CA PRO D 234 26.45 -6.82 -34.99
C PRO D 234 25.26 -7.58 -34.39
N GLU D 235 25.51 -8.42 -33.38
CA GLU D 235 24.47 -9.17 -32.69
C GLU D 235 23.76 -8.23 -31.72
N ASP D 236 24.56 -7.50 -30.91
CA ASP D 236 24.09 -6.53 -29.91
C ASP D 236 23.41 -5.34 -30.54
N ARG D 237 23.91 -4.86 -31.68
CA ARG D 237 23.37 -3.74 -32.46
C ARG D 237 21.91 -3.99 -32.86
N GLU D 238 21.55 -5.24 -33.19
CA GLU D 238 20.19 -5.62 -33.58
C GLU D 238 19.23 -5.67 -32.40
N GLN D 239 19.74 -5.92 -31.18
CA GLN D 239 18.91 -6.00 -29.97
C GLN D 239 19.31 -4.96 -28.93
N ILE D 240 19.65 -3.75 -29.40
CA ILE D 240 20.07 -2.64 -28.53
C ILE D 240 18.84 -1.85 -28.07
N PHE D 241 17.73 -1.90 -28.84
CA PHE D 241 16.52 -1.14 -28.53
C PHE D 241 15.57 -1.95 -27.67
N ARG D 242 16.06 -3.09 -27.17
CA ARG D 242 15.31 -3.95 -26.29
C ARG D 242 15.09 -3.24 -24.95
N PRO D 243 13.88 -3.40 -24.34
CA PRO D 243 13.55 -2.67 -23.10
C PRO D 243 14.67 -2.76 -22.06
N PHE D 244 14.98 -3.97 -21.58
CA PHE D 244 16.08 -4.15 -20.65
C PHE D 244 17.10 -4.94 -21.42
N TYR D 245 18.08 -4.20 -21.92
CA TYR D 245 19.11 -4.72 -22.79
C TYR D 245 20.38 -5.11 -22.05
N ARG D 246 20.72 -6.42 -22.14
CA ARG D 246 21.93 -7.00 -21.59
C ARG D 246 23.10 -6.67 -22.51
N THR D 247 23.77 -5.57 -22.20
CA THR D 247 24.91 -5.11 -22.97
C THR D 247 26.18 -5.71 -22.41
N ASP D 248 26.98 -6.29 -23.28
CA ASP D 248 28.27 -6.81 -22.86
C ASP D 248 29.21 -5.62 -22.92
N GLU D 249 30.10 -5.48 -21.93
CA GLU D 249 31.09 -4.38 -21.76
C GLU D 249 30.48 -3.14 -21.10
N ALA D 250 29.15 -2.93 -21.17
CA ALA D 250 28.52 -1.77 -20.54
C ALA D 250 27.82 -2.16 -19.23
N ARG D 251 27.64 -3.48 -18.98
CA ARG D 251 27.09 -3.99 -17.72
C ARG D 251 28.19 -3.90 -16.68
N ASP D 252 29.45 -4.05 -17.11
CA ASP D 252 30.64 -3.96 -16.27
C ASP D 252 30.87 -2.53 -15.82
N ARG D 253 30.49 -1.55 -16.67
CA ARG D 253 30.61 -0.11 -16.41
C ARG D 253 29.66 0.33 -15.31
N GLU D 254 28.36 -0.07 -15.39
CA GLU D 254 27.29 0.28 -14.42
C GLU D 254 27.19 1.79 -14.22
N SER D 255 27.20 2.55 -15.33
CA SER D 255 27.18 4.01 -15.30
C SER D 255 26.02 4.60 -16.11
N GLY D 256 24.81 4.11 -15.84
CA GLY D 256 23.62 4.59 -16.52
C GLY D 256 22.33 4.19 -15.84
N GLY D 257 21.23 4.37 -16.56
CA GLY D 257 19.90 4.01 -16.11
C GLY D 257 19.71 2.52 -16.11
N THR D 258 18.66 2.05 -16.77
CA THR D 258 18.39 0.60 -16.80
C THR D 258 18.27 0.06 -18.22
N GLY D 259 18.46 0.93 -19.21
CA GLY D 259 18.39 0.54 -20.60
C GLY D 259 17.06 0.84 -21.26
N LEU D 260 16.25 1.69 -20.61
CA LEU D 260 14.94 2.06 -21.14
C LEU D 260 15.06 3.20 -22.16
N GLY D 261 16.11 4.03 -22.05
CA GLY D 261 16.45 5.15 -22.93
C GLY D 261 16.25 4.87 -24.42
N LEU D 262 17.01 3.89 -24.95
CA LEU D 262 16.95 3.52 -26.37
C LEU D 262 15.61 2.90 -26.78
N ALA D 263 14.97 2.11 -25.89
CA ALA D 263 13.65 1.55 -26.17
C ALA D 263 12.61 2.68 -26.24
N ILE D 264 12.78 3.75 -25.42
CA ILE D 264 11.94 4.96 -25.45
C ILE D 264 12.14 5.65 -26.80
N VAL D 265 13.42 5.78 -27.24
CA VAL D 265 13.80 6.40 -28.51
C VAL D 265 13.05 5.70 -29.64
N GLU D 266 13.18 4.37 -29.71
CA GLU D 266 12.58 3.54 -30.74
C GLU D 266 11.07 3.67 -30.77
N THR D 267 10.37 3.50 -29.62
CA THR D 267 8.90 3.61 -29.55
C THR D 267 8.41 5.01 -29.90
N ALA D 268 9.14 6.05 -29.44
CA ALA D 268 8.81 7.45 -29.70
C ALA D 268 8.92 7.79 -31.18
N ILE D 269 9.98 7.34 -31.86
CA ILE D 269 10.19 7.62 -33.27
C ILE D 269 9.26 6.77 -34.14
N GLN D 270 9.03 5.50 -33.76
CA GLN D 270 8.15 4.60 -34.50
C GLN D 270 6.71 5.09 -34.47
N GLN D 271 6.27 5.69 -33.34
CA GLN D 271 4.93 6.24 -33.22
C GLN D 271 4.84 7.57 -33.99
N HIS D 272 6.01 8.17 -34.31
CA HIS D 272 6.11 9.39 -35.11
C HIS D 272 6.30 9.02 -36.59
N ARG D 273 5.90 7.78 -36.97
CA ARG D 273 5.94 7.21 -38.33
C ARG D 273 7.38 7.10 -38.91
N GLY D 274 8.39 7.19 -38.05
CA GLY D 274 9.78 7.11 -38.45
C GLY D 274 10.41 5.76 -38.15
N TRP D 275 11.74 5.73 -38.12
CA TRP D 275 12.49 4.52 -37.77
C TRP D 275 13.87 4.87 -37.19
N VAL D 276 14.47 3.87 -36.52
CA VAL D 276 15.79 3.99 -35.90
C VAL D 276 16.65 2.79 -36.32
N LYS D 277 17.94 3.05 -36.58
CA LYS D 277 18.93 2.02 -36.95
C LYS D 277 20.21 2.17 -36.14
N ALA D 278 20.87 1.05 -35.83
CA ALA D 278 22.14 1.03 -35.10
C ALA D 278 23.18 0.33 -35.97
N GLU D 279 24.19 1.09 -36.41
CA GLU D 279 25.26 0.59 -37.27
C GLU D 279 26.63 0.84 -36.65
N ASP D 280 27.70 0.41 -37.35
CA ASP D 280 29.07 0.65 -36.92
C ASP D 280 29.51 2.00 -37.41
N SER D 281 30.01 2.82 -36.50
CA SER D 281 30.42 4.18 -36.80
C SER D 281 31.78 4.25 -37.50
N PRO D 282 31.93 5.20 -38.47
CA PRO D 282 33.23 5.43 -39.12
C PRO D 282 34.24 6.01 -38.13
N LEU D 283 33.76 6.55 -36.99
CA LEU D 283 34.61 7.08 -35.93
C LEU D 283 35.18 5.95 -35.10
N GLY D 284 34.57 4.76 -35.23
CA GLY D 284 35.01 3.54 -34.57
C GLY D 284 34.03 2.96 -33.57
N GLY D 285 33.14 3.81 -33.05
CA GLY D 285 32.17 3.38 -32.05
C GLY D 285 30.84 2.95 -32.63
N LEU D 286 29.77 3.60 -32.16
CA LEU D 286 28.42 3.29 -32.57
C LEU D 286 27.78 4.43 -33.37
N ARG D 287 27.12 4.05 -34.46
CA ARG D 287 26.38 4.98 -35.30
C ARG D 287 24.90 4.78 -35.06
N LEU D 288 24.19 5.87 -34.75
CA LEU D 288 22.76 5.80 -34.54
C LEU D 288 22.07 6.69 -35.54
N VAL D 289 21.13 6.09 -36.29
CA VAL D 289 20.43 6.79 -37.34
C VAL D 289 18.95 6.90 -37.00
N ILE D 290 18.42 8.13 -37.04
CA ILE D 290 17.00 8.42 -36.82
C ILE D 290 16.42 8.99 -38.10
N TRP D 291 15.26 8.48 -38.48
CA TRP D 291 14.58 9.02 -39.64
C TRP D 291 13.17 9.39 -39.28
N LEU D 292 12.77 10.61 -39.67
CA LEU D 292 11.43 11.10 -39.44
C LEU D 292 10.88 11.70 -40.72
N PRO D 293 9.59 11.43 -41.05
CA PRO D 293 9.02 12.00 -42.27
C PRO D 293 8.64 13.48 -42.08
N LEU D 294 8.60 14.22 -43.19
CA LEU D 294 8.23 15.64 -43.16
C LEU D 294 6.74 15.81 -43.21
N TYR D 295 6.26 16.89 -42.58
CA TYR D 295 4.84 17.22 -42.56
C TYR D 295 4.45 17.98 -43.85
N LYS D 296 3.28 17.65 -44.41
CA LYS D 296 2.79 18.32 -45.62
C LYS D 296 1.31 18.66 -45.45
N LYS E 29 -56.55 6.35 6.64
CA LYS E 29 -56.50 7.62 5.92
C LYS E 29 -55.15 7.79 5.22
N PRO E 30 -55.19 8.25 3.95
CA PRO E 30 -53.94 8.46 3.21
C PRO E 30 -53.23 9.74 3.67
N ALA E 31 -53.99 10.79 4.06
CA ALA E 31 -53.45 12.07 4.53
C ALA E 31 -52.69 11.87 5.83
N ARG E 32 -53.17 10.93 6.67
CA ARG E 32 -52.53 10.56 7.93
C ARG E 32 -51.18 9.90 7.64
N LYS E 33 -51.15 9.00 6.65
CA LYS E 33 -49.97 8.28 6.21
C LYS E 33 -48.90 9.23 5.68
N LEU E 34 -49.28 10.15 4.76
CA LEU E 34 -48.39 11.15 4.18
C LEU E 34 -47.90 12.15 5.20
N LYS E 35 -48.76 12.53 6.17
CA LYS E 35 -48.39 13.47 7.24
C LYS E 35 -47.31 12.86 8.12
N ASN E 36 -47.51 11.60 8.56
CA ASN E 36 -46.56 10.88 9.43
C ASN E 36 -45.26 10.58 8.70
N ALA E 37 -45.33 10.30 7.38
CA ALA E 37 -44.15 10.03 6.55
C ALA E 37 -43.33 11.31 6.36
N ALA E 38 -44.01 12.46 6.09
CA ALA E 38 -43.36 13.76 5.93
C ALA E 38 -42.77 14.26 7.23
N ASP E 39 -43.43 13.96 8.37
CA ASP E 39 -42.96 14.36 9.69
C ASP E 39 -41.75 13.55 10.15
N GLU E 40 -41.67 12.26 9.81
CA GLU E 40 -40.54 11.44 10.26
C GLU E 40 -39.33 11.65 9.36
N VAL E 41 -38.12 11.28 9.86
CA VAL E 41 -36.83 11.34 9.16
C VAL E 41 -36.54 12.79 8.74
N PHE E 59 -53.52 4.36 -1.23
CA PHE E 59 -53.17 3.53 -2.38
C PHE E 59 -52.97 4.42 -3.63
N LEU E 60 -52.31 5.56 -3.45
CA LEU E 60 -52.06 6.54 -4.51
C LEU E 60 -50.62 6.44 -5.06
N ALA E 61 -50.36 7.12 -6.18
CA ALA E 61 -49.07 7.22 -6.88
C ALA E 61 -48.13 8.20 -6.18
N ALA E 62 -48.75 9.10 -5.37
CA ALA E 62 -48.07 10.11 -4.56
C ALA E 62 -47.20 9.43 -3.50
N GLY E 63 -47.67 8.32 -2.91
CA GLY E 63 -46.94 7.52 -1.92
C GLY E 63 -45.70 6.86 -2.50
N ALA E 64 -45.83 6.26 -3.70
CA ALA E 64 -44.72 5.61 -4.41
C ALA E 64 -43.67 6.62 -4.86
N SER E 65 -44.11 7.81 -5.32
CA SER E 65 -43.18 8.87 -5.73
C SER E 65 -42.50 9.51 -4.52
N PHE E 66 -43.15 9.45 -3.35
CA PHE E 66 -42.62 9.95 -2.08
C PHE E 66 -41.49 9.04 -1.60
N ASN E 67 -41.68 7.69 -1.70
CA ASN E 67 -40.66 6.70 -1.31
C ASN E 67 -39.48 6.76 -2.26
N GLN E 68 -39.74 7.07 -3.56
CA GLN E 68 -38.70 7.27 -4.57
C GLN E 68 -37.88 8.49 -4.19
N MET E 69 -38.55 9.55 -3.65
CA MET E 69 -37.92 10.78 -3.17
C MET E 69 -37.00 10.46 -1.98
N VAL E 70 -37.46 9.60 -1.05
CA VAL E 70 -36.69 9.19 0.14
C VAL E 70 -35.37 8.50 -0.31
N THR E 71 -35.48 7.55 -1.27
CA THR E 71 -34.33 6.81 -1.80
C THR E 71 -33.35 7.78 -2.46
N ALA E 72 -33.87 8.74 -3.27
CA ALA E 72 -33.08 9.76 -3.96
C ALA E 72 -32.36 10.68 -2.97
N LEU E 73 -33.03 11.08 -1.87
CA LEU E 73 -32.44 11.92 -0.81
C LEU E 73 -31.27 11.23 -0.12
N GLU E 74 -31.44 9.93 0.17
CA GLU E 74 -30.40 9.10 0.78
C GLU E 74 -29.16 9.04 -0.16
N ARG E 75 -29.43 8.84 -1.47
CA ARG E 75 -28.41 8.80 -2.52
C ARG E 75 -27.71 10.17 -2.70
N MET E 76 -28.43 11.29 -2.44
CA MET E 76 -27.92 12.65 -2.55
C MET E 76 -27.02 13.06 -1.39
N MET E 77 -27.29 12.51 -0.20
CA MET E 77 -26.51 12.84 0.99
C MET E 77 -25.22 12.04 1.06
N THR E 78 -25.30 10.73 0.71
CA THR E 78 -24.15 9.80 0.74
C THR E 78 -23.03 10.25 -0.21
N SER E 79 -23.41 10.90 -1.34
CA SER E 79 -22.45 11.38 -2.34
C SER E 79 -21.53 12.44 -1.77
N GLN E 80 -22.09 13.41 -1.00
CA GLN E 80 -21.34 14.51 -0.41
C GLN E 80 -20.38 14.01 0.65
N GLN E 81 -20.74 12.94 1.36
CA GLN E 81 -19.89 12.33 2.37
C GLN E 81 -18.73 11.58 1.72
N ARG E 82 -18.95 11.04 0.50
CA ARG E 82 -17.89 10.37 -0.27
C ARG E 82 -16.89 11.43 -0.76
N LEU E 83 -17.38 12.63 -1.16
CA LEU E 83 -16.58 13.77 -1.63
C LEU E 83 -15.63 14.29 -0.51
N LEU E 84 -16.10 14.30 0.74
CA LEU E 84 -15.27 14.69 1.87
C LEU E 84 -14.09 13.77 2.03
N SER E 85 -14.31 12.45 1.85
CA SER E 85 -13.26 11.43 1.93
C SER E 85 -12.27 11.46 0.74
N ASP E 86 -12.69 11.98 -0.41
CA ASP E 86 -11.91 12.03 -1.65
C ASP E 86 -11.07 13.28 -1.72
N ILE E 87 -11.55 14.41 -1.15
CA ILE E 87 -10.84 15.70 -1.14
C ILE E 87 -9.49 15.54 -0.47
N SER E 88 -9.48 14.84 0.67
CA SER E 88 -8.31 14.58 1.47
C SER E 88 -7.24 13.86 0.66
N HIS E 89 -7.64 12.81 -0.06
CA HIS E 89 -6.75 12.00 -0.89
C HIS E 89 -6.27 12.77 -2.12
N GLU E 90 -7.15 13.59 -2.72
CA GLU E 90 -6.82 14.38 -3.90
C GLU E 90 -5.87 15.53 -3.60
N LEU E 91 -6.03 16.17 -2.43
CA LEU E 91 -5.22 17.31 -2.09
C LEU E 91 -3.85 16.90 -1.59
N ARG E 92 -3.77 15.72 -0.95
CA ARG E 92 -2.56 15.19 -0.34
C ARG E 92 -1.36 15.06 -1.30
N THR E 93 -1.57 14.44 -2.47
CA THR E 93 -0.55 14.13 -3.49
C THR E 93 0.22 15.35 -4.09
N PRO E 94 -0.40 16.46 -4.59
CA PRO E 94 0.43 17.55 -5.16
C PRO E 94 1.18 18.34 -4.09
N LEU E 95 0.61 18.38 -2.87
CA LEU E 95 1.20 19.02 -1.71
C LEU E 95 2.52 18.33 -1.36
N THR E 96 2.60 16.99 -1.50
CA THR E 96 3.81 16.21 -1.26
C THR E 96 4.87 16.59 -2.30
N ARG E 97 4.47 16.73 -3.57
CA ARG E 97 5.36 17.11 -4.67
C ARG E 97 5.89 18.51 -4.44
N LEU E 98 5.03 19.41 -3.90
CA LEU E 98 5.35 20.78 -3.55
C LEU E 98 6.36 20.81 -2.41
N GLN E 99 6.10 20.01 -1.33
CA GLN E 99 6.96 19.90 -0.16
C GLN E 99 8.31 19.35 -0.54
N LEU E 100 8.36 18.51 -1.59
CA LEU E 100 9.59 17.94 -2.11
C LEU E 100 10.39 19.01 -2.82
N GLY E 101 9.71 19.84 -3.62
CA GLY E 101 10.29 20.94 -4.37
C GLY E 101 11.00 21.94 -3.49
N THR E 102 10.32 22.37 -2.40
CA THR E 102 10.85 23.32 -1.40
C THR E 102 12.11 22.76 -0.73
N ALA E 103 12.08 21.46 -0.40
CA ALA E 103 13.19 20.74 0.23
C ALA E 103 14.41 20.72 -0.68
N LEU E 104 14.19 20.58 -2.00
CA LEU E 104 15.25 20.56 -2.99
C LEU E 104 15.82 21.95 -3.22
N LEU E 105 15.03 23.00 -2.94
CA LEU E 105 15.49 24.38 -3.06
C LEU E 105 16.48 24.70 -1.97
N ARG E 106 16.22 24.16 -0.76
CA ARG E 106 17.08 24.31 0.43
C ARG E 106 18.45 23.67 0.21
N ARG E 107 18.57 22.76 -0.79
CA ARG E 107 19.84 22.14 -1.11
C ARG E 107 20.70 23.08 -1.96
N ARG E 108 20.18 23.53 -3.11
CA ARG E 108 20.89 24.35 -4.11
C ARG E 108 21.03 25.83 -3.77
N SER E 109 20.02 26.44 -3.15
CA SER E 109 20.09 27.87 -2.84
C SER E 109 20.07 28.10 -1.32
N GLY E 110 20.46 27.06 -0.57
CA GLY E 110 20.52 27.06 0.88
C GLY E 110 19.25 27.60 1.52
N GLU E 111 19.41 28.29 2.63
CA GLU E 111 18.28 28.90 3.31
C GLU E 111 18.03 30.31 2.78
N SER E 112 16.78 30.75 2.91
CA SER E 112 16.31 32.10 2.59
C SER E 112 15.16 32.44 3.52
N LYS E 113 14.74 33.71 3.52
CA LYS E 113 13.62 34.18 4.32
C LYS E 113 12.30 33.80 3.64
N GLU E 114 12.28 33.82 2.29
CA GLU E 114 11.12 33.49 1.48
C GLU E 114 10.81 31.99 1.57
N LEU E 115 11.86 31.14 1.64
CA LEU E 115 11.72 29.70 1.79
C LEU E 115 11.12 29.37 3.13
N GLU E 116 11.46 30.17 4.16
CA GLU E 116 10.91 30.01 5.50
C GLU E 116 9.40 30.25 5.48
N ARG E 117 8.92 31.23 4.69
CA ARG E 117 7.50 31.56 4.55
C ARG E 117 6.76 30.46 3.79
N ILE E 118 7.34 29.99 2.65
CA ILE E 118 6.74 28.92 1.82
C ILE E 118 6.63 27.62 2.61
N GLU E 119 7.67 27.25 3.36
CA GLU E 119 7.65 26.04 4.19
C GLU E 119 6.67 26.15 5.35
N THR E 120 6.46 27.38 5.89
CA THR E 120 5.49 27.63 6.96
C THR E 120 4.08 27.34 6.43
N GLU E 121 3.74 27.92 5.26
CA GLU E 121 2.43 27.75 4.62
C GLU E 121 2.25 26.32 4.16
N ALA E 122 3.34 25.66 3.71
CA ALA E 122 3.32 24.25 3.29
C ALA E 122 2.97 23.34 4.45
N GLN E 123 3.50 23.63 5.66
CA GLN E 123 3.19 22.87 6.87
C GLN E 123 1.77 23.12 7.32
N ARG E 124 1.28 24.38 7.14
CA ARG E 124 -0.09 24.76 7.48
C ARG E 124 -1.06 23.92 6.66
N LEU E 125 -0.80 23.82 5.33
CA LEU E 125 -1.61 23.03 4.41
C LEU E 125 -1.51 21.56 4.73
N ASP E 126 -0.29 21.11 5.08
CA ASP E 126 -0.01 19.72 5.44
C ASP E 126 -0.87 19.27 6.60
N SER E 127 -0.85 20.03 7.72
CA SER E 127 -1.65 19.71 8.90
C SER E 127 -3.14 19.71 8.57
N MET E 128 -3.59 20.66 7.73
CA MET E 128 -5.00 20.76 7.31
C MET E 128 -5.45 19.51 6.55
N ILE E 129 -4.58 18.99 5.65
CA ILE E 129 -4.87 17.78 4.86
C ILE E 129 -4.95 16.58 5.78
N ASN E 130 -3.99 16.49 6.72
CA ASN E 130 -3.93 15.40 7.70
C ASN E 130 -5.19 15.37 8.52
N ASP E 131 -5.70 16.54 8.94
CA ASP E 131 -6.94 16.66 9.72
C ASP E 131 -8.14 16.26 8.89
N LEU E 132 -8.13 16.60 7.59
CA LEU E 132 -9.19 16.23 6.67
C LEU E 132 -9.23 14.72 6.49
N LEU E 133 -8.03 14.10 6.42
CA LEU E 133 -7.86 12.65 6.33
C LEU E 133 -8.43 11.96 7.57
N VAL E 134 -8.11 12.49 8.77
CA VAL E 134 -8.59 11.97 10.06
C VAL E 134 -10.11 12.05 10.09
N MET E 135 -10.66 13.17 9.59
CA MET E 135 -12.09 13.41 9.51
C MET E 135 -12.78 12.43 8.57
N SER E 136 -12.08 11.96 7.51
CA SER E 136 -12.68 11.03 6.56
C SER E 136 -12.48 9.57 7.01
N ARG E 137 -11.65 9.35 8.03
CA ARG E 137 -11.42 8.02 8.60
C ARG E 137 -12.37 7.86 9.79
N ASN E 138 -12.72 8.99 10.44
CA ASN E 138 -13.65 9.01 11.56
C ASN E 138 -15.09 9.10 11.07
N GLN E 139 -15.33 9.70 9.88
CA GLN E 139 -16.66 9.72 9.25
C GLN E 139 -16.99 8.31 8.81
N GLN E 140 -15.94 7.55 8.42
CA GLN E 140 -15.95 6.16 7.98
C GLN E 140 -16.53 5.24 9.09
N LYS E 141 -16.17 5.49 10.37
CA LYS E 141 -16.68 4.72 11.51
C LYS E 141 -18.09 5.16 11.96
N ASN E 142 -18.64 6.21 11.34
CA ASN E 142 -19.94 6.76 11.71
C ASN E 142 -20.87 6.89 10.50
N ALA E 143 -20.51 6.24 9.38
CA ALA E 143 -21.31 6.24 8.16
C ALA E 143 -22.47 5.23 8.28
N LEU E 144 -23.06 5.13 9.48
CA LEU E 144 -24.19 4.26 9.74
C LEU E 144 -25.48 4.96 9.34
N VAL E 145 -26.58 4.22 9.32
CA VAL E 145 -27.89 4.77 9.04
C VAL E 145 -28.34 5.54 10.31
N SER E 146 -29.42 6.33 10.20
CA SER E 146 -29.98 7.05 11.32
C SER E 146 -31.02 6.16 12.00
N GLU E 147 -31.04 6.20 13.32
CA GLU E 147 -31.94 5.33 14.07
C GLU E 147 -32.52 6.03 15.28
N THR E 148 -33.51 5.40 15.90
CA THR E 148 -34.16 5.93 17.08
C THR E 148 -33.42 5.47 18.35
N ILE E 149 -32.95 6.45 19.13
CA ILE E 149 -32.20 6.19 20.37
C ILE E 149 -32.70 7.06 21.53
N LYS E 150 -32.49 6.59 22.76
CA LYS E 150 -32.85 7.31 23.98
C LYS E 150 -31.58 7.93 24.59
N ALA E 151 -31.68 9.23 24.98
CA ALA E 151 -30.62 10.08 25.51
C ALA E 151 -29.71 9.41 26.53
N ASN E 152 -30.28 8.81 27.62
CA ASN E 152 -29.52 8.13 28.67
C ASN E 152 -28.71 6.96 28.11
N GLN E 153 -29.35 6.14 27.27
CA GLN E 153 -28.76 4.98 26.61
C GLN E 153 -27.60 5.40 25.71
N LEU E 154 -27.77 6.56 25.05
CA LEU E 154 -26.80 7.12 24.14
C LEU E 154 -25.54 7.68 24.84
N TRP E 155 -25.71 8.57 25.82
CA TRP E 155 -24.60 9.29 26.43
C TRP E 155 -24.08 8.79 27.78
N SER E 156 -24.76 7.82 28.45
CA SER E 156 -24.33 7.30 29.76
C SER E 156 -22.88 6.84 29.75
N GLU E 157 -22.51 5.99 28.77
CA GLU E 157 -21.17 5.44 28.55
C GLU E 157 -20.10 6.54 28.44
N VAL E 158 -20.38 7.57 27.60
CA VAL E 158 -19.51 8.73 27.35
C VAL E 158 -19.25 9.47 28.67
N LEU E 159 -20.32 9.69 29.46
CA LEU E 159 -20.26 10.39 30.74
C LEU E 159 -19.46 9.61 31.78
N ASP E 160 -19.58 8.27 31.78
CA ASP E 160 -18.86 7.42 32.73
C ASP E 160 -17.38 7.40 32.42
N ASN E 161 -17.02 7.25 31.13
CA ASN E 161 -15.63 7.26 30.67
C ASN E 161 -15.00 8.62 30.93
N ALA E 162 -15.78 9.70 30.76
CA ALA E 162 -15.36 11.08 31.03
C ALA E 162 -15.11 11.27 32.52
N ALA E 163 -15.96 10.64 33.38
CA ALA E 163 -15.85 10.70 34.86
C ALA E 163 -14.56 10.04 35.31
N PHE E 164 -14.24 8.89 34.71
CA PHE E 164 -13.01 8.15 35.01
C PHE E 164 -11.79 8.96 34.56
N GLU E 165 -11.83 9.52 33.34
CA GLU E 165 -10.77 10.35 32.77
C GLU E 165 -10.50 11.57 33.66
N ALA E 166 -11.57 12.18 34.22
CA ALA E 166 -11.48 13.31 35.13
C ALA E 166 -10.78 12.91 36.42
N GLU E 167 -11.19 11.76 36.98
CA GLU E 167 -10.62 11.20 38.20
C GLU E 167 -9.10 10.96 38.03
N GLN E 168 -8.68 10.48 36.85
CA GLN E 168 -7.29 10.17 36.53
C GLN E 168 -6.45 11.44 36.36
N MET E 169 -7.08 12.56 35.98
CA MET E 169 -6.38 13.83 35.80
C MET E 169 -6.31 14.64 37.10
N GLY E 170 -6.92 14.11 38.17
CA GLY E 170 -7.00 14.77 39.46
C GLY E 170 -7.96 15.95 39.40
N LYS E 171 -8.95 15.84 38.50
CA LYS E 171 -9.96 16.85 38.27
C LYS E 171 -11.32 16.31 38.65
N SER E 172 -12.29 17.19 38.85
CA SER E 172 -13.63 16.77 39.26
C SER E 172 -14.64 16.95 38.15
N LEU E 173 -15.52 15.95 37.99
CA LEU E 173 -16.61 16.01 37.02
C LEU E 173 -17.91 15.83 37.74
N THR E 174 -18.82 16.78 37.58
CA THR E 174 -20.12 16.72 38.25
C THR E 174 -21.24 16.84 37.23
N VAL E 175 -22.09 15.80 37.21
CA VAL E 175 -23.24 15.74 36.32
C VAL E 175 -24.42 16.28 37.12
N ASN E 176 -24.66 17.61 36.99
CA ASN E 176 -25.73 18.34 37.69
C ASN E 176 -27.09 17.67 37.50
N PHE E 177 -27.36 17.18 36.29
CA PHE E 177 -28.59 16.47 35.98
C PHE E 177 -28.31 15.45 34.88
N PRO E 178 -28.62 14.17 35.16
CA PRO E 178 -28.32 13.12 34.19
C PRO E 178 -29.33 13.03 33.03
N PRO E 179 -28.92 12.42 31.88
CA PRO E 179 -29.88 12.27 30.78
C PRO E 179 -30.87 11.15 31.10
N GLY E 180 -32.12 11.39 30.73
CA GLY E 180 -33.16 10.40 30.94
C GLY E 180 -33.54 9.69 29.68
N PRO E 181 -34.53 8.77 29.74
CA PRO E 181 -34.95 8.05 28.52
C PRO E 181 -35.76 8.97 27.57
N TRP E 182 -35.06 9.99 27.02
CA TRP E 182 -35.66 10.98 26.14
C TRP E 182 -35.42 10.61 24.69
N PRO E 183 -36.52 10.56 23.89
CA PRO E 183 -36.40 10.09 22.50
C PRO E 183 -35.69 11.05 21.54
N LEU E 184 -34.75 10.48 20.78
CA LEU E 184 -33.96 11.17 19.75
C LEU E 184 -33.87 10.33 18.48
N TYR E 185 -33.65 10.96 17.34
CA TYR E 185 -33.50 10.25 16.07
C TYR E 185 -32.30 10.74 15.32
N GLY E 186 -31.43 9.82 14.94
CA GLY E 186 -30.22 10.12 14.18
C GLY E 186 -29.12 9.12 14.39
N ASN E 187 -27.91 9.46 13.92
CA ASN E 187 -26.74 8.61 14.03
C ASN E 187 -26.20 8.63 15.47
N PRO E 188 -26.24 7.47 16.17
CA PRO E 188 -25.80 7.40 17.56
C PRO E 188 -24.31 7.67 17.76
N ASN E 189 -23.44 7.13 16.89
CA ASN E 189 -21.99 7.34 16.98
C ASN E 189 -21.63 8.82 16.77
N ALA E 190 -22.41 9.54 15.95
CA ALA E 190 -22.23 10.97 15.65
C ALA E 190 -22.48 11.82 16.90
N LEU E 191 -23.61 11.59 17.60
CA LEU E 191 -23.99 12.32 18.81
C LEU E 191 -23.10 11.94 19.97
N GLU E 192 -22.74 10.64 20.06
CA GLU E 192 -21.80 10.10 21.05
C GLU E 192 -20.50 10.84 20.98
N SER E 193 -19.93 10.95 19.75
CA SER E 193 -18.68 11.64 19.47
C SER E 193 -18.80 13.14 19.66
N ALA E 194 -19.99 13.72 19.38
CA ALA E 194 -20.20 15.17 19.56
C ALA E 194 -20.09 15.54 21.03
N LEU E 195 -20.81 14.82 21.93
CA LEU E 195 -20.74 15.05 23.36
C LEU E 195 -19.35 14.72 23.89
N GLU E 196 -18.78 13.59 23.42
CA GLU E 196 -17.44 13.13 23.78
C GLU E 196 -16.39 14.18 23.51
N ASN E 197 -16.46 14.84 22.34
CA ASN E 197 -15.52 15.89 21.95
C ASN E 197 -15.68 17.10 22.84
N ILE E 198 -16.93 17.55 23.10
CA ILE E 198 -17.23 18.70 23.95
C ILE E 198 -16.69 18.49 25.37
N VAL E 199 -17.05 17.36 26.01
CA VAL E 199 -16.66 17.02 27.39
C VAL E 199 -15.14 16.78 27.52
N ARG E 200 -14.52 16.09 26.52
CA ARG E 200 -13.07 15.81 26.56
C ARG E 200 -12.30 17.10 26.40
N ASN E 201 -12.84 18.03 25.58
CA ASN E 201 -12.27 19.35 25.35
C ASN E 201 -12.30 20.13 26.65
N ALA E 202 -13.46 20.09 27.34
CA ALA E 202 -13.68 20.73 28.64
C ALA E 202 -12.76 20.12 29.68
N LEU E 203 -12.49 18.80 29.60
CA LEU E 203 -11.56 18.09 30.49
C LEU E 203 -10.14 18.58 30.31
N ARG E 204 -9.72 18.77 29.04
CA ARG E 204 -8.38 19.20 28.69
C ARG E 204 -8.09 20.61 29.18
N TYR E 205 -8.87 21.60 28.73
CA TYR E 205 -8.64 23.00 29.02
C TYR E 205 -9.11 23.46 30.41
N SER E 206 -9.80 22.62 31.19
CA SER E 206 -10.21 22.99 32.56
C SER E 206 -9.01 23.03 33.49
N HIS E 207 -9.16 23.71 34.62
CA HIS E 207 -8.10 23.76 35.63
C HIS E 207 -8.34 22.71 36.68
N THR E 208 -9.56 22.65 37.25
CA THR E 208 -9.88 21.67 38.30
C THR E 208 -11.27 21.04 38.17
N LYS E 209 -12.28 21.77 37.67
CA LYS E 209 -13.64 21.23 37.62
C LYS E 209 -14.33 21.37 36.26
N ILE E 210 -15.23 20.41 35.97
CA ILE E 210 -16.05 20.33 34.76
C ILE E 210 -17.47 19.93 35.20
N GLU E 211 -18.48 20.57 34.61
CA GLU E 211 -19.88 20.30 34.95
C GLU E 211 -20.72 20.00 33.72
N VAL E 212 -21.48 18.91 33.75
CA VAL E 212 -22.36 18.52 32.65
C VAL E 212 -23.81 18.50 33.17
N GLY E 213 -24.67 19.29 32.53
CA GLY E 213 -26.06 19.36 32.92
C GLY E 213 -27.05 19.13 31.80
N PHE E 214 -27.95 18.15 31.99
CA PHE E 214 -29.00 17.84 31.03
C PHE E 214 -30.30 18.51 31.45
N ALA E 215 -31.16 18.81 30.47
CA ALA E 215 -32.46 19.45 30.68
C ALA E 215 -33.38 19.14 29.54
N VAL E 216 -34.63 18.78 29.86
CA VAL E 216 -35.63 18.43 28.83
C VAL E 216 -36.94 19.20 29.05
N ASP E 217 -37.63 19.46 27.95
CA ASP E 217 -38.95 20.08 27.91
C ASP E 217 -39.69 19.40 26.76
N LYS E 218 -40.89 19.88 26.41
CA LYS E 218 -41.70 19.33 25.32
C LYS E 218 -40.99 19.37 23.94
N ASP E 219 -40.10 20.35 23.72
CA ASP E 219 -39.44 20.57 22.43
C ASP E 219 -38.11 19.83 22.26
N GLY E 220 -37.26 19.83 23.28
CA GLY E 220 -35.98 19.15 23.14
C GLY E 220 -35.02 19.18 24.31
N ILE E 221 -33.96 18.37 24.21
CA ILE E 221 -32.90 18.22 25.21
C ILE E 221 -31.87 19.33 25.06
N THR E 222 -31.42 19.88 26.19
CA THR E 222 -30.41 20.92 26.24
C THR E 222 -29.26 20.48 27.17
N ILE E 223 -28.09 20.23 26.58
CA ILE E 223 -26.90 19.80 27.32
C ILE E 223 -25.96 20.99 27.50
N THR E 224 -25.52 21.23 28.74
CA THR E 224 -24.62 22.33 29.06
C THR E 224 -23.33 21.81 29.70
N VAL E 225 -22.19 22.12 29.06
CA VAL E 225 -20.88 21.68 29.56
C VAL E 225 -20.04 22.92 29.95
N ASP E 226 -19.72 22.99 31.24
CA ASP E 226 -18.94 24.09 31.82
C ASP E 226 -17.59 23.61 32.33
N ASP E 227 -16.60 24.51 32.31
CA ASP E 227 -15.24 24.23 32.81
C ASP E 227 -14.73 25.47 33.52
N ASP E 228 -13.87 25.28 34.52
CA ASP E 228 -13.30 26.39 35.29
C ASP E 228 -11.94 26.86 34.72
N GLY E 229 -11.60 26.41 33.51
CA GLY E 229 -10.38 26.78 32.82
C GLY E 229 -10.32 28.24 32.40
N PRO E 230 -9.42 28.58 31.45
CA PRO E 230 -9.34 29.98 31.00
C PRO E 230 -10.48 30.31 30.04
N GLY E 231 -11.09 31.47 30.28
CA GLY E 231 -12.19 31.97 29.47
C GLY E 231 -11.83 32.19 28.01
N VAL E 232 -12.85 32.21 27.15
CA VAL E 232 -12.65 32.42 25.71
C VAL E 232 -13.28 33.75 25.36
N SER E 233 -12.47 34.63 24.73
CA SER E 233 -12.89 35.97 24.34
C SER E 233 -14.07 35.93 23.37
N PRO E 234 -15.03 36.88 23.53
CA PRO E 234 -16.24 36.90 22.69
C PRO E 234 -15.99 36.88 21.18
N GLU E 235 -14.78 37.27 20.74
CA GLU E 235 -14.40 37.26 19.33
C GLU E 235 -14.08 35.83 18.93
N ASP E 236 -13.24 35.15 19.73
CA ASP E 236 -12.82 33.77 19.53
C ASP E 236 -13.98 32.79 19.66
N ARG E 237 -14.91 33.06 20.58
CA ARG E 237 -16.11 32.24 20.82
C ARG E 237 -16.99 32.12 19.57
N GLU E 238 -17.08 33.21 18.77
CA GLU E 238 -17.87 33.24 17.54
C GLU E 238 -17.19 32.48 16.40
N GLN E 239 -15.85 32.36 16.44
CA GLN E 239 -15.08 31.67 15.41
C GLN E 239 -14.32 30.47 16.00
N ILE E 240 -14.96 29.76 16.96
CA ILE E 240 -14.37 28.57 17.59
C ILE E 240 -14.77 27.33 16.78
N PHE E 241 -15.90 27.40 16.06
CA PHE E 241 -16.42 26.30 15.26
C PHE E 241 -15.90 26.39 13.82
N ARG E 242 -14.82 27.19 13.63
CA ARG E 242 -14.12 27.31 12.36
C ARG E 242 -13.31 26.07 12.10
N PRO E 243 -13.25 25.62 10.81
CA PRO E 243 -12.53 24.40 10.47
C PRO E 243 -11.07 24.36 10.95
N PHE E 244 -10.28 25.41 10.66
CA PHE E 244 -8.87 25.38 11.03
C PHE E 244 -8.50 26.61 11.86
N TYR E 245 -9.21 26.81 12.98
CA TYR E 245 -8.96 27.92 13.89
C TYR E 245 -7.61 27.73 14.60
N GLY E 259 -8.36 16.57 15.94
CA GLY E 259 -8.19 17.02 14.56
C GLY E 259 -9.03 18.22 14.21
N LEU E 260 -10.19 18.00 13.57
CA LEU E 260 -11.10 19.08 13.17
C LEU E 260 -12.07 19.46 14.30
N GLY E 261 -12.48 18.45 15.06
CA GLY E 261 -13.35 18.50 16.22
C GLY E 261 -14.57 19.38 16.24
N LEU E 262 -14.44 20.63 16.72
CA LEU E 262 -15.57 21.52 16.96
C LEU E 262 -16.39 21.87 15.72
N ALA E 263 -15.75 22.03 14.54
CA ALA E 263 -16.48 22.29 13.29
C ALA E 263 -17.34 21.07 12.93
N ILE E 264 -16.80 19.86 13.20
CA ILE E 264 -17.50 18.58 13.00
C ILE E 264 -18.68 18.54 13.97
N VAL E 265 -18.46 18.94 15.25
CA VAL E 265 -19.49 18.95 16.30
C VAL E 265 -20.67 19.81 15.81
N GLU E 266 -20.39 21.06 15.38
CA GLU E 266 -21.38 22.01 14.89
C GLU E 266 -22.18 21.46 13.71
N THR E 267 -21.50 20.98 12.65
CA THR E 267 -22.15 20.43 11.45
C THR E 267 -22.93 19.16 11.78
N ALA E 268 -22.41 18.32 12.71
CA ALA E 268 -23.06 17.08 13.14
C ALA E 268 -24.35 17.35 13.89
N ILE E 269 -24.37 18.34 14.80
CA ILE E 269 -25.57 18.66 15.57
C ILE E 269 -26.57 19.42 14.69
N GLN E 270 -26.07 20.32 13.80
CA GLN E 270 -26.93 21.09 12.89
C GLN E 270 -27.66 20.19 11.91
N GLN E 271 -27.01 19.09 11.48
CA GLN E 271 -27.62 18.11 10.58
C GLN E 271 -28.59 17.21 11.38
N HIS E 272 -28.48 17.21 12.72
CA HIS E 272 -29.39 16.50 13.60
C HIS E 272 -30.52 17.45 14.04
N ARG E 273 -30.76 18.52 13.24
CA ARG E 273 -31.79 19.57 13.39
C ARG E 273 -31.66 20.37 14.70
N GLY E 274 -30.51 20.28 15.36
CA GLY E 274 -30.28 21.01 16.60
C GLY E 274 -29.40 22.22 16.39
N TRP E 275 -28.70 22.68 17.45
CA TRP E 275 -27.76 23.80 17.39
C TRP E 275 -26.73 23.74 18.52
N VAL E 276 -25.62 24.49 18.34
CA VAL E 276 -24.52 24.58 19.30
C VAL E 276 -24.21 26.05 19.55
N LYS E 277 -23.95 26.39 20.81
CA LYS E 277 -23.59 27.74 21.24
C LYS E 277 -22.38 27.71 22.15
N ALA E 278 -21.53 28.74 22.07
CA ALA E 278 -20.35 28.89 22.92
C ALA E 278 -20.46 30.19 23.70
N GLU E 279 -20.60 30.08 25.02
CA GLU E 279 -20.76 31.23 25.90
C GLU E 279 -19.70 31.21 27.00
N ASP E 280 -19.72 32.25 27.85
CA ASP E 280 -18.80 32.34 28.98
C ASP E 280 -19.38 31.55 30.14
N SER E 281 -18.59 30.65 30.69
CA SER E 281 -19.03 29.78 31.76
C SER E 281 -19.06 30.48 33.13
N PRO E 282 -20.09 30.15 33.98
CA PRO E 282 -20.12 30.70 35.34
C PRO E 282 -18.99 30.12 36.19
N LEU E 283 -18.37 29.00 35.72
CA LEU E 283 -17.22 28.39 36.39
C LEU E 283 -15.96 29.19 36.09
N GLY E 284 -16.03 30.03 35.05
CA GLY E 284 -14.95 30.92 34.64
C GLY E 284 -14.33 30.63 33.28
N GLY E 285 -14.51 29.40 32.80
CA GLY E 285 -13.96 28.98 31.52
C GLY E 285 -14.93 29.14 30.37
N LEU E 286 -15.18 28.03 29.67
CA LEU E 286 -16.04 28.02 28.51
C LEU E 286 -17.29 27.19 28.74
N ARG E 287 -18.43 27.75 28.31
CA ARG E 287 -19.71 27.09 28.38
C ARG E 287 -20.09 26.64 26.97
N LEU E 288 -20.41 25.35 26.81
CA LEU E 288 -20.83 24.83 25.52
C LEU E 288 -22.23 24.26 25.66
N VAL E 289 -23.13 24.77 24.83
CA VAL E 289 -24.54 24.39 24.88
C VAL E 289 -24.92 23.66 23.60
N ILE E 290 -25.50 22.48 23.77
CA ILE E 290 -25.99 21.65 22.66
C ILE E 290 -27.50 21.54 22.84
N TRP E 291 -28.22 21.74 21.75
CA TRP E 291 -29.66 21.56 21.78
C TRP E 291 -30.06 20.61 20.68
N LEU E 292 -30.89 19.62 21.02
CA LEU E 292 -31.39 18.64 20.07
C LEU E 292 -32.89 18.49 20.25
N PRO E 293 -33.66 18.42 19.14
CA PRO E 293 -35.11 18.28 19.29
C PRO E 293 -35.51 16.83 19.59
N LEU E 294 -36.69 16.65 20.22
CA LEU E 294 -37.18 15.31 20.55
C LEU E 294 -37.89 14.68 19.37
N TYR E 295 -37.76 13.35 19.25
CA TYR E 295 -38.39 12.58 18.17
C TYR E 295 -39.86 12.34 18.50
N LYS F 29 -56.36 15.44 -8.06
CA LYS F 29 -55.96 16.85 -8.03
C LYS F 29 -55.03 17.14 -6.84
N PRO F 30 -55.37 16.82 -5.56
CA PRO F 30 -54.40 17.05 -4.46
C PRO F 30 -53.26 16.02 -4.52
N ALA F 31 -53.57 14.77 -4.96
CA ALA F 31 -52.61 13.68 -5.11
C ALA F 31 -51.61 14.01 -6.21
N ARG F 32 -52.08 14.72 -7.28
CA ARG F 32 -51.25 15.20 -8.39
C ARG F 32 -50.27 16.24 -7.88
N LYS F 33 -50.75 17.16 -7.01
CA LYS F 33 -49.96 18.22 -6.39
C LYS F 33 -48.84 17.65 -5.53
N LEU F 34 -49.18 16.72 -4.61
CA LEU F 34 -48.23 16.07 -3.72
C LEU F 34 -47.26 15.17 -4.46
N LYS F 35 -47.71 14.50 -5.53
CA LYS F 35 -46.86 13.64 -6.35
C LYS F 35 -45.82 14.48 -7.09
N ASN F 36 -46.24 15.60 -7.72
CA ASN F 36 -45.36 16.50 -8.45
C ASN F 36 -44.39 17.22 -7.52
N ALA F 37 -44.82 17.53 -6.27
CA ALA F 37 -43.98 18.16 -5.23
C ALA F 37 -42.90 17.19 -4.76
N ALA F 38 -43.28 15.91 -4.53
CA ALA F 38 -42.36 14.85 -4.09
C ALA F 38 -41.38 14.49 -5.21
N ASP F 39 -41.83 14.53 -6.48
CA ASP F 39 -41.00 14.23 -7.64
C ASP F 39 -39.97 15.33 -7.92
N GLU F 40 -40.24 16.60 -7.58
CA GLU F 40 -39.23 17.66 -7.83
C GLU F 40 -38.23 17.76 -6.64
N VAL F 41 -37.72 16.61 -6.16
CA VAL F 41 -36.78 16.54 -5.04
C VAL F 41 -35.68 15.55 -5.39
N PHE F 59 -58.85 20.29 1.18
CA PHE F 59 -57.62 20.62 1.88
C PHE F 59 -57.52 19.89 3.19
N LEU F 60 -56.31 19.39 3.49
CA LEU F 60 -55.92 18.69 4.71
C LEU F 60 -54.52 19.15 5.12
N ALA F 61 -54.20 19.06 6.42
CA ALA F 61 -52.94 19.52 7.02
C ALA F 61 -51.72 18.65 6.68
N ALA F 62 -51.90 17.66 5.79
CA ALA F 62 -50.81 16.79 5.36
C ALA F 62 -49.80 17.54 4.47
N GLY F 63 -50.28 18.48 3.66
CA GLY F 63 -49.45 19.31 2.79
C GLY F 63 -48.60 20.27 3.60
N ALA F 64 -49.15 20.73 4.76
CA ALA F 64 -48.49 21.63 5.73
C ALA F 64 -47.24 21.00 6.36
N SER F 65 -47.25 19.66 6.59
CA SER F 65 -46.17 18.83 7.14
C SER F 65 -45.11 18.53 6.07
N PHE F 66 -45.49 18.60 4.79
CA PHE F 66 -44.56 18.37 3.68
C PHE F 66 -43.54 19.53 3.56
N ASN F 67 -44.01 20.78 3.72
CA ASN F 67 -43.18 21.98 3.68
C ASN F 67 -42.24 22.02 4.89
N GLN F 68 -42.69 21.47 6.04
CA GLN F 68 -41.86 21.35 7.24
C GLN F 68 -40.66 20.45 6.95
N MET F 69 -40.87 19.33 6.21
CA MET F 69 -39.80 18.40 5.83
C MET F 69 -38.83 19.06 4.85
N VAL F 70 -39.36 19.91 3.93
CA VAL F 70 -38.52 20.65 2.97
C VAL F 70 -37.56 21.59 3.74
N THR F 71 -38.09 22.36 4.70
CA THR F 71 -37.30 23.28 5.53
C THR F 71 -36.24 22.52 6.32
N ALA F 72 -36.64 21.37 6.92
CA ALA F 72 -35.74 20.52 7.70
C ALA F 72 -34.62 19.96 6.83
N LEU F 73 -34.96 19.49 5.60
CA LEU F 73 -33.99 18.94 4.65
C LEU F 73 -33.00 19.98 4.21
N GLU F 74 -33.44 21.24 3.96
CA GLU F 74 -32.58 22.37 3.60
C GLU F 74 -31.56 22.59 4.73
N ARG F 75 -32.00 22.65 6.01
CA ARG F 75 -31.13 22.82 7.18
C ARG F 75 -30.16 21.63 7.36
N MET F 76 -30.57 20.41 6.94
CA MET F 76 -29.78 19.19 7.05
C MET F 76 -28.74 19.04 5.94
N MET F 77 -29.06 19.48 4.71
CA MET F 77 -28.15 19.37 3.58
C MET F 77 -27.16 20.51 3.54
N THR F 78 -27.62 21.75 3.79
CA THR F 78 -26.81 22.96 3.77
C THR F 78 -25.77 22.96 4.88
N SER F 79 -26.00 22.22 5.99
CA SER F 79 -25.03 22.12 7.08
C SER F 79 -23.74 21.37 6.60
N GLN F 80 -23.94 20.25 5.87
CA GLN F 80 -22.88 19.43 5.27
C GLN F 80 -22.17 20.20 4.14
N GLN F 81 -22.93 20.96 3.32
CA GLN F 81 -22.38 21.76 2.22
C GLN F 81 -21.59 22.94 2.73
N ARG F 82 -22.04 23.58 3.85
CA ARG F 82 -21.35 24.70 4.50
C ARG F 82 -20.02 24.23 5.01
N LEU F 83 -19.98 22.98 5.50
CA LEU F 83 -18.75 22.37 5.95
C LEU F 83 -17.71 22.45 4.82
N LEU F 84 -18.08 22.01 3.58
CA LEU F 84 -17.22 22.05 2.38
C LEU F 84 -16.75 23.44 2.05
N SER F 85 -17.69 24.42 2.02
CA SER F 85 -17.34 25.81 1.71
C SER F 85 -16.45 26.41 2.78
N ASP F 86 -16.62 26.01 4.07
CA ASP F 86 -15.78 26.54 5.14
C ASP F 86 -14.38 25.96 5.06
N ILE F 87 -14.25 24.64 4.81
CA ILE F 87 -12.93 24.00 4.64
C ILE F 87 -12.23 24.65 3.45
N SER F 88 -12.97 24.87 2.34
CA SER F 88 -12.45 25.49 1.13
C SER F 88 -11.95 26.90 1.38
N HIS F 89 -12.69 27.74 2.15
CA HIS F 89 -12.24 29.11 2.46
C HIS F 89 -11.03 29.11 3.39
N GLU F 90 -10.98 28.14 4.34
CA GLU F 90 -9.84 27.99 5.26
C GLU F 90 -8.60 27.49 4.55
N LEU F 91 -8.77 26.73 3.46
CA LEU F 91 -7.68 26.22 2.61
C LEU F 91 -7.13 27.27 1.67
N ARG F 92 -7.99 28.21 1.21
CA ARG F 92 -7.69 29.30 0.27
C ARG F 92 -6.57 30.20 0.74
N THR F 93 -6.71 30.72 1.97
CA THR F 93 -5.84 31.70 2.58
C THR F 93 -4.36 31.28 2.70
N PRO F 94 -3.91 30.13 3.26
CA PRO F 94 -2.45 29.88 3.35
C PRO F 94 -1.80 29.61 2.01
N LEU F 95 -2.57 29.00 1.10
CA LEU F 95 -2.14 28.70 -0.26
C LEU F 95 -1.84 29.99 -1.01
N THR F 96 -2.63 31.04 -0.79
CA THR F 96 -2.44 32.37 -1.39
C THR F 96 -1.16 33.00 -0.84
N ARG F 97 -0.92 32.85 0.48
CA ARG F 97 0.30 33.38 1.13
C ARG F 97 1.52 32.65 0.59
N LEU F 98 1.37 31.33 0.30
CA LEU F 98 2.40 30.47 -0.27
C LEU F 98 2.72 30.96 -1.68
N GLN F 99 1.66 31.19 -2.50
CA GLN F 99 1.77 31.66 -3.88
C GLN F 99 2.41 33.05 -3.93
N LEU F 100 2.20 33.85 -2.87
CA LEU F 100 2.80 35.17 -2.74
C LEU F 100 4.29 35.04 -2.44
N GLY F 101 4.65 34.10 -1.57
CA GLY F 101 6.02 33.81 -1.18
C GLY F 101 6.89 33.43 -2.37
N THR F 102 6.37 32.50 -3.19
CA THR F 102 7.05 32.01 -4.38
C THR F 102 7.25 33.15 -5.40
N ALA F 103 6.23 34.03 -5.54
CA ALA F 103 6.27 35.19 -6.44
C ALA F 103 7.37 36.16 -6.04
N LEU F 104 7.60 36.31 -4.72
CA LEU F 104 8.64 37.17 -4.16
C LEU F 104 10.02 36.56 -4.37
N LEU F 105 10.09 35.21 -4.48
CA LEU F 105 11.34 34.49 -4.74
C LEU F 105 11.78 34.65 -6.17
N ARG F 106 10.83 34.61 -7.14
CA ARG F 106 11.13 34.81 -8.56
C ARG F 106 11.59 36.26 -8.83
N ARG F 107 11.33 37.15 -7.87
CA ARG F 107 11.73 38.55 -7.96
C ARG F 107 13.09 38.74 -7.30
N ARG F 108 13.24 38.29 -6.04
CA ARG F 108 14.43 38.44 -5.19
C ARG F 108 15.52 37.39 -5.52
N SER F 109 15.37 36.74 -6.66
CA SER F 109 16.25 35.75 -7.29
C SER F 109 15.75 35.69 -8.73
N GLY F 110 16.42 34.93 -9.59
CA GLY F 110 16.04 34.90 -10.98
C GLY F 110 15.18 33.74 -11.46
N GLU F 111 15.86 32.70 -11.92
CA GLU F 111 15.28 31.55 -12.60
C GLU F 111 14.71 30.49 -11.70
N SER F 112 13.43 30.19 -11.95
CA SER F 112 12.68 29.15 -11.26
C SER F 112 13.06 27.80 -11.84
N LYS F 113 13.42 26.84 -10.96
CA LYS F 113 13.79 25.47 -11.33
C LYS F 113 12.92 24.55 -10.50
N GLU F 114 13.16 24.51 -9.18
CA GLU F 114 12.30 23.86 -8.19
C GLU F 114 11.10 24.76 -7.94
N LEU F 115 11.30 26.09 -8.07
CA LEU F 115 10.23 27.10 -7.98
C LEU F 115 9.14 26.85 -8.99
N GLU F 116 9.52 26.36 -10.20
CA GLU F 116 8.63 25.95 -11.27
C GLU F 116 7.71 24.86 -10.80
N ARG F 117 8.27 23.85 -10.12
CA ARG F 117 7.50 22.72 -9.60
C ARG F 117 6.60 23.13 -8.45
N ILE F 118 7.13 23.92 -7.48
CA ILE F 118 6.35 24.35 -6.31
C ILE F 118 5.15 25.18 -6.77
N GLU F 119 5.37 26.09 -7.72
CA GLU F 119 4.30 26.91 -8.29
C GLU F 119 3.34 26.07 -9.10
N THR F 120 3.83 25.03 -9.81
CA THR F 120 2.98 24.16 -10.60
C THR F 120 1.99 23.45 -9.68
N GLU F 121 2.49 22.82 -8.59
CA GLU F 121 1.69 22.09 -7.60
C GLU F 121 0.76 23.03 -6.86
N ALA F 122 1.24 24.25 -6.60
CA ALA F 122 0.46 25.29 -5.94
C ALA F 122 -0.76 25.68 -6.78
N GLN F 123 -0.58 25.80 -8.12
CA GLN F 123 -1.66 26.16 -9.04
C GLN F 123 -2.62 24.98 -9.17
N ARG F 124 -2.08 23.74 -9.08
CA ARG F 124 -2.82 22.47 -9.12
C ARG F 124 -3.82 22.40 -7.98
N LEU F 125 -3.38 22.75 -6.75
CA LEU F 125 -4.19 22.83 -5.54
C LEU F 125 -5.15 24.00 -5.59
N ASP F 126 -4.67 25.15 -6.13
CA ASP F 126 -5.45 26.36 -6.27
C ASP F 126 -6.72 26.13 -7.07
N SER F 127 -6.57 25.57 -8.30
CA SER F 127 -7.69 25.28 -9.20
C SER F 127 -8.67 24.35 -8.53
N MET F 128 -8.16 23.32 -7.80
CA MET F 128 -8.95 22.34 -7.08
C MET F 128 -9.82 22.99 -6.05
N ILE F 129 -9.27 23.90 -5.23
CA ILE F 129 -10.02 24.61 -4.19
C ILE F 129 -11.11 25.45 -4.81
N ASN F 130 -10.75 26.23 -5.85
CA ASN F 130 -11.67 27.10 -6.57
C ASN F 130 -12.84 26.32 -7.13
N ASP F 131 -12.55 25.16 -7.74
CA ASP F 131 -13.57 24.31 -8.34
C ASP F 131 -14.41 23.61 -7.29
N LEU F 132 -13.83 23.34 -6.10
CA LEU F 132 -14.58 22.78 -4.99
C LEU F 132 -15.59 23.80 -4.50
N LEU F 133 -15.15 25.08 -4.45
CA LEU F 133 -15.97 26.22 -4.04
C LEU F 133 -17.12 26.41 -4.99
N VAL F 134 -16.87 26.32 -6.31
CA VAL F 134 -17.90 26.39 -7.38
C VAL F 134 -18.95 25.31 -7.13
N MET F 135 -18.51 24.06 -6.81
CA MET F 135 -19.38 22.94 -6.48
C MET F 135 -20.25 23.20 -5.23
N SER F 136 -19.77 24.10 -4.36
CA SER F 136 -20.50 24.50 -3.17
C SER F 136 -21.06 25.92 -3.36
N ARG F 137 -20.79 26.56 -4.52
CA ARG F 137 -21.33 27.89 -4.84
C ARG F 137 -22.68 27.73 -5.48
N ASN F 138 -22.84 26.67 -6.28
CA ASN F 138 -24.09 26.37 -6.94
C ASN F 138 -25.01 25.61 -5.99
N GLN F 139 -24.47 24.63 -5.26
CA GLN F 139 -25.25 23.80 -4.34
C GLN F 139 -25.68 24.50 -3.05
N GLN F 140 -24.77 25.23 -2.37
CA GLN F 140 -25.02 25.88 -1.07
C GLN F 140 -26.09 26.98 -1.11
N LYS F 141 -26.04 27.88 -2.12
CA LYS F 141 -27.02 28.97 -2.24
C LYS F 141 -28.32 28.47 -2.90
N ASN F 142 -28.39 27.15 -3.19
CA ASN F 142 -29.55 26.46 -3.79
C ASN F 142 -30.03 27.18 -5.05
N ALA F 143 -29.07 27.79 -5.81
CA ALA F 143 -29.30 28.60 -7.00
C ALA F 143 -30.25 29.75 -6.68
N LEU F 144 -29.71 30.87 -6.18
CA LEU F 144 -30.54 32.01 -5.82
C LEU F 144 -30.54 33.05 -6.92
N VAL F 145 -29.41 33.18 -7.64
CA VAL F 145 -29.28 34.15 -8.74
C VAL F 145 -29.84 33.49 -9.99
N SER F 146 -30.99 34.00 -10.45
CA SER F 146 -31.65 33.48 -11.63
C SER F 146 -32.39 34.56 -12.37
N GLU F 147 -32.37 34.49 -13.70
CA GLU F 147 -33.11 35.41 -14.57
C GLU F 147 -33.70 34.64 -15.76
N THR F 148 -34.59 35.32 -16.48
CA THR F 148 -35.25 34.74 -17.64
C THR F 148 -34.41 35.02 -18.90
N ILE F 149 -34.00 33.93 -19.57
CA ILE F 149 -33.17 34.02 -20.77
C ILE F 149 -33.71 33.08 -21.88
N LYS F 150 -33.39 33.42 -23.13
CA LYS F 150 -33.76 32.62 -24.29
C LYS F 150 -32.53 31.83 -24.77
N ALA F 151 -32.72 30.53 -25.02
CA ALA F 151 -31.72 29.52 -25.42
C ALA F 151 -30.70 30.03 -26.46
N ASN F 152 -31.17 30.54 -27.63
CA ASN F 152 -30.30 31.04 -28.70
C ASN F 152 -29.41 32.18 -28.22
N GLN F 153 -30.03 33.15 -27.50
CA GLN F 153 -29.37 34.31 -26.92
C GLN F 153 -28.29 33.86 -25.92
N LEU F 154 -28.60 32.80 -25.15
CA LEU F 154 -27.71 32.26 -24.14
C LEU F 154 -26.49 31.52 -24.71
N TRP F 155 -26.68 30.55 -25.61
CA TRP F 155 -25.59 29.71 -26.08
C TRP F 155 -24.95 30.02 -27.44
N SER F 156 -25.51 30.96 -28.26
CA SER F 156 -24.95 31.30 -29.58
C SER F 156 -23.46 31.65 -29.50
N GLU F 157 -23.08 32.55 -28.55
CA GLU F 157 -21.72 33.02 -28.30
C GLU F 157 -20.78 31.84 -28.01
N VAL F 158 -21.20 30.90 -27.12
CA VAL F 158 -20.45 29.71 -26.72
C VAL F 158 -20.18 28.84 -27.94
N LEU F 159 -21.21 28.65 -28.79
CA LEU F 159 -21.12 27.83 -29.99
C LEU F 159 -20.19 28.43 -31.03
N ASP F 160 -20.17 29.77 -31.14
CA ASP F 160 -19.30 30.47 -32.09
C ASP F 160 -17.85 30.37 -31.67
N ASN F 161 -17.56 30.58 -30.36
CA ASN F 161 -16.22 30.48 -29.79
C ASN F 161 -15.72 29.05 -29.89
N ALA F 162 -16.61 28.06 -29.69
CA ALA F 162 -16.29 26.65 -29.82
C ALA F 162 -15.98 26.29 -31.27
N ALA F 163 -16.70 26.92 -32.24
CA ALA F 163 -16.49 26.74 -33.68
C ALA F 163 -15.09 27.22 -34.09
N PHE F 164 -14.70 28.38 -33.55
CA PHE F 164 -13.39 28.96 -33.81
C PHE F 164 -12.29 28.07 -33.22
N GLU F 165 -12.47 27.63 -31.97
CA GLU F 165 -11.55 26.75 -31.25
C GLU F 165 -11.36 25.43 -32.03
N ALA F 166 -12.45 24.89 -32.61
CA ALA F 166 -12.46 23.68 -33.42
C ALA F 166 -11.62 23.87 -34.65
N GLU F 167 -11.82 25.01 -35.35
CA GLU F 167 -11.09 25.42 -36.56
C GLU F 167 -9.58 25.53 -36.29
N GLN F 168 -9.20 26.05 -35.11
CA GLN F 168 -7.81 26.24 -34.68
C GLN F 168 -7.12 24.92 -34.36
N MET F 169 -7.89 23.90 -33.95
CA MET F 169 -7.33 22.57 -33.63
C MET F 169 -7.23 21.67 -34.86
N GLY F 170 -7.70 22.16 -36.01
CA GLY F 170 -7.73 21.42 -37.26
C GLY F 170 -8.80 20.34 -37.21
N LYS F 171 -9.87 20.61 -36.42
CA LYS F 171 -11.00 19.72 -36.21
C LYS F 171 -12.26 20.37 -36.75
N SER F 172 -13.31 19.57 -36.96
CA SER F 172 -14.57 20.09 -37.49
C SER F 172 -15.66 20.14 -36.43
N LEU F 173 -16.45 21.23 -36.43
CA LEU F 173 -17.60 21.36 -35.53
C LEU F 173 -18.83 21.62 -36.35
N THR F 174 -19.86 20.79 -36.16
CA THR F 174 -21.12 20.93 -36.89
C THR F 174 -22.30 21.02 -35.93
N VAL F 175 -23.05 22.11 -36.04
CA VAL F 175 -24.26 22.33 -35.24
C VAL F 175 -25.45 21.83 -36.06
N ASN F 176 -25.81 20.54 -35.86
CA ASN F 176 -26.89 19.86 -36.57
C ASN F 176 -28.20 20.64 -36.49
N PHE F 177 -28.51 21.22 -35.32
CA PHE F 177 -29.70 22.03 -35.13
C PHE F 177 -29.40 23.12 -34.11
N PRO F 178 -29.57 24.40 -34.51
CA PRO F 178 -29.24 25.51 -33.61
C PRO F 178 -30.30 25.75 -32.54
N PRO F 179 -29.90 26.43 -31.43
CA PRO F 179 -30.90 26.77 -30.41
C PRO F 179 -31.77 27.92 -30.89
N GLY F 180 -33.05 27.83 -30.60
CA GLY F 180 -34.01 28.86 -30.96
C GLY F 180 -34.38 29.73 -29.79
N PRO F 181 -35.31 30.70 -30.00
CA PRO F 181 -35.72 31.58 -28.89
C PRO F 181 -36.63 30.82 -27.90
N TRP F 182 -36.05 29.84 -27.19
CA TRP F 182 -36.79 29.01 -26.25
C TRP F 182 -36.58 29.51 -24.83
N PRO F 183 -37.70 29.72 -24.10
CA PRO F 183 -37.62 30.32 -22.77
C PRO F 183 -37.04 29.41 -21.68
N LEU F 184 -36.08 29.97 -20.93
CA LEU F 184 -35.42 29.32 -19.80
C LEU F 184 -35.31 30.26 -18.63
N TYR F 185 -35.21 29.70 -17.42
CA TYR F 185 -35.08 30.50 -16.20
C TYR F 185 -33.95 29.97 -15.34
N GLY F 186 -33.01 30.84 -15.02
CA GLY F 186 -31.86 30.50 -14.21
C GLY F 186 -30.64 31.38 -14.42
N ASN F 187 -29.50 30.97 -13.82
CA ASN F 187 -28.23 31.70 -13.91
C ASN F 187 -27.62 31.51 -15.29
N PRO F 188 -27.49 32.61 -16.08
CA PRO F 188 -26.98 32.51 -17.46
C PRO F 188 -25.52 32.09 -17.57
N ASN F 189 -24.63 32.63 -16.70
CA ASN F 189 -23.21 32.28 -16.70
C ASN F 189 -23.01 30.81 -16.36
N ALA F 190 -23.88 30.22 -15.49
CA ALA F 190 -23.85 28.82 -15.08
C ALA F 190 -24.11 27.90 -16.26
N LEU F 191 -25.20 28.16 -17.03
CA LEU F 191 -25.61 27.37 -18.20
C LEU F 191 -24.63 27.57 -19.33
N GLU F 192 -24.14 28.82 -19.52
CA GLU F 192 -23.11 29.17 -20.50
C GLU F 192 -21.87 28.31 -20.28
N SER F 193 -21.38 28.28 -19.02
CA SER F 193 -20.22 27.50 -18.60
C SER F 193 -20.49 26.00 -18.66
N ALA F 194 -21.74 25.56 -18.39
CA ALA F 194 -22.08 24.12 -18.46
C ALA F 194 -21.91 23.61 -19.88
N LEU F 195 -22.52 24.30 -20.87
CA LEU F 195 -22.41 23.92 -22.27
C LEU F 195 -20.97 24.07 -22.73
N GLU F 196 -20.31 25.18 -22.34
CA GLU F 196 -18.92 25.50 -22.67
C GLU F 196 -18.00 24.38 -22.24
N ASN F 197 -18.19 23.85 -21.02
CA ASN F 197 -17.38 22.75 -20.49
C ASN F 197 -17.61 21.47 -21.28
N ILE F 198 -18.87 21.12 -21.58
CA ILE F 198 -19.23 19.93 -22.33
C ILE F 198 -18.59 19.95 -23.72
N VAL F 199 -18.81 21.05 -24.48
CA VAL F 199 -18.30 21.20 -25.85
C VAL F 199 -16.77 21.29 -25.89
N ARG F 200 -16.14 21.98 -24.92
CA ARG F 200 -14.68 22.11 -24.88
C ARG F 200 -14.05 20.77 -24.57
N ASN F 201 -14.72 19.98 -23.72
CA ASN F 201 -14.31 18.64 -23.34
C ASN F 201 -14.37 17.73 -24.56
N ALA F 202 -15.48 17.84 -25.33
CA ALA F 202 -15.69 17.10 -26.57
C ALA F 202 -14.65 17.51 -27.61
N LEU F 203 -14.24 18.80 -27.62
CA LEU F 203 -13.21 19.33 -28.51
C LEU F 203 -11.86 18.69 -28.20
N ARG F 204 -11.53 18.57 -26.90
CA ARG F 204 -10.28 18.01 -26.42
C ARG F 204 -10.11 16.53 -26.79
N TYR F 205 -11.03 15.67 -26.30
CA TYR F 205 -10.95 14.23 -26.46
C TYR F 205 -11.38 13.69 -27.84
N SER F 206 -11.93 14.54 -28.73
CA SER F 206 -12.30 14.09 -30.08
C SER F 206 -11.07 13.84 -30.93
N HIS F 207 -11.25 13.10 -32.02
CA HIS F 207 -10.17 12.83 -32.95
C HIS F 207 -10.19 13.84 -34.08
N THR F 208 -11.35 14.02 -34.74
CA THR F 208 -11.48 14.93 -35.87
C THR F 208 -12.79 15.73 -35.88
N LYS F 209 -13.90 15.16 -35.39
CA LYS F 209 -15.18 15.84 -35.48
C LYS F 209 -15.96 15.90 -34.16
N ILE F 210 -16.76 16.97 -34.01
CA ILE F 210 -17.64 17.24 -32.88
C ILE F 210 -18.97 17.74 -33.45
N GLU F 211 -20.08 17.23 -32.89
CA GLU F 211 -21.42 17.61 -33.34
C GLU F 211 -22.28 18.08 -32.18
N VAL F 212 -22.95 19.24 -32.34
CA VAL F 212 -23.85 19.79 -31.32
C VAL F 212 -25.26 19.89 -31.92
N GLY F 213 -26.22 19.22 -31.28
CA GLY F 213 -27.60 19.22 -31.74
C GLY F 213 -28.61 19.64 -30.68
N PHE F 214 -29.42 20.67 -31.01
CA PHE F 214 -30.47 21.16 -30.12
C PHE F 214 -31.80 20.56 -30.54
N ALA F 215 -32.73 20.45 -29.57
CA ALA F 215 -34.07 19.91 -29.79
C ALA F 215 -35.02 20.41 -28.72
N VAL F 216 -36.22 20.82 -29.13
CA VAL F 216 -37.22 21.35 -28.19
C VAL F 216 -38.58 20.67 -28.40
N ASP F 217 -39.34 20.58 -27.32
CA ASP F 217 -40.69 20.07 -27.29
C ASP F 217 -41.44 20.93 -26.26
N LYS F 218 -42.69 20.57 -25.94
CA LYS F 218 -43.52 21.29 -24.95
C LYS F 218 -42.87 21.36 -23.55
N ASP F 219 -42.06 20.36 -23.18
CA ASP F 219 -41.47 20.26 -21.84
C ASP F 219 -40.09 20.90 -21.68
N GLY F 220 -39.20 20.73 -22.65
CA GLY F 220 -37.87 21.29 -22.51
C GLY F 220 -36.86 21.06 -23.62
N ILE F 221 -35.75 21.79 -23.52
CA ILE F 221 -34.65 21.75 -24.48
C ILE F 221 -33.71 20.58 -24.16
N THR F 222 -33.27 19.89 -25.22
CA THR F 222 -32.34 18.76 -25.12
C THR F 222 -31.14 19.01 -26.03
N ILE F 223 -29.97 19.18 -25.42
CA ILE F 223 -28.72 19.44 -26.14
C ILE F 223 -27.89 18.15 -26.17
N THR F 224 -27.44 17.75 -27.37
CA THR F 224 -26.65 16.54 -27.56
C THR F 224 -25.29 16.87 -28.17
N VAL F 225 -24.21 16.52 -27.45
CA VAL F 225 -22.85 16.78 -27.90
C VAL F 225 -22.13 15.45 -28.16
N ASP F 226 -21.74 15.24 -29.42
CA ASP F 226 -21.07 14.04 -29.87
C ASP F 226 -19.65 14.33 -30.31
N ASP F 227 -18.77 13.34 -30.17
CA ASP F 227 -17.38 13.42 -30.59
C ASP F 227 -16.97 12.07 -31.16
N ASP F 228 -16.02 12.08 -32.10
CA ASP F 228 -15.54 10.88 -32.76
C ASP F 228 -14.31 10.29 -32.04
N GLY F 229 -14.03 10.77 -30.82
CA GLY F 229 -12.91 10.31 -30.02
C GLY F 229 -13.04 8.89 -29.52
N PRO F 230 -12.22 8.50 -28.52
CA PRO F 230 -12.30 7.13 -28.00
C PRO F 230 -13.52 6.94 -27.09
N GLY F 231 -14.25 5.84 -27.29
CA GLY F 231 -15.43 5.50 -26.53
C GLY F 231 -15.21 5.34 -25.02
N VAL F 232 -16.29 5.48 -24.25
CA VAL F 232 -16.26 5.35 -22.78
C VAL F 232 -17.09 4.12 -22.40
N SER F 233 -16.50 3.21 -21.61
CA SER F 233 -17.17 1.98 -21.17
C SER F 233 -18.45 2.26 -20.37
N PRO F 234 -19.51 1.43 -20.57
CA PRO F 234 -20.80 1.63 -19.87
C PRO F 234 -20.74 1.76 -18.35
N GLU F 235 -19.64 1.28 -17.74
CA GLU F 235 -19.41 1.35 -16.30
C GLU F 235 -18.95 2.76 -15.96
N ASP F 236 -17.95 3.26 -16.72
CA ASP F 236 -17.35 4.59 -16.55
C ASP F 236 -18.35 5.69 -16.90
N ARG F 237 -19.21 5.45 -17.90
CA ARG F 237 -20.25 6.39 -18.32
C ARG F 237 -21.24 6.72 -17.20
N GLU F 238 -21.55 5.75 -16.34
CA GLU F 238 -22.46 5.93 -15.23
C GLU F 238 -21.83 6.74 -14.09
N GLN F 239 -20.50 6.68 -13.97
CA GLN F 239 -19.78 7.37 -12.91
C GLN F 239 -18.77 8.38 -13.49
N ILE F 240 -19.14 9.09 -14.56
CA ILE F 240 -18.26 10.08 -15.21
C ILE F 240 -18.44 11.47 -14.57
N PHE F 241 -19.60 11.68 -13.94
CA PHE F 241 -19.92 12.96 -13.30
C PHE F 241 -19.51 12.95 -11.85
N ARG F 242 -18.79 11.91 -11.45
CA ARG F 242 -18.29 11.81 -10.10
C ARG F 242 -17.15 12.77 -9.93
N PRO F 243 -17.15 13.48 -8.80
CA PRO F 243 -16.01 14.32 -8.49
C PRO F 243 -14.77 13.42 -8.33
N PHE F 244 -13.64 13.85 -8.92
CA PHE F 244 -12.32 13.21 -8.84
C PHE F 244 -12.21 11.80 -9.47
N TYR F 245 -13.32 11.22 -9.91
CA TYR F 245 -13.29 9.91 -10.55
C TYR F 245 -13.34 10.13 -12.04
N ARG F 246 -12.21 9.87 -12.72
CA ARG F 246 -12.10 10.10 -14.16
C ARG F 246 -11.18 9.11 -14.83
N THR F 247 -11.70 8.43 -15.87
CA THR F 247 -10.92 7.46 -16.65
C THR F 247 -10.20 8.17 -17.80
N ASP F 248 -8.08 6.51 -15.85
CA ASP F 248 -6.85 5.87 -16.27
C ASP F 248 -6.55 6.22 -17.72
N GLU F 249 -7.56 6.16 -18.62
CA GLU F 249 -7.42 6.44 -20.05
C GLU F 249 -7.10 7.92 -20.31
N ALA F 250 -7.53 8.83 -19.41
CA ALA F 250 -7.23 10.25 -19.53
C ALA F 250 -6.25 10.67 -18.44
N ARG F 251 -6.01 9.77 -17.45
CA ARG F 251 -5.09 10.00 -16.33
C ARG F 251 -3.63 9.94 -16.77
N ASP F 252 -3.31 9.03 -17.71
CA ASP F 252 -1.95 8.82 -18.22
C ASP F 252 -1.51 9.97 -19.13
N ARG F 253 -2.47 10.74 -19.69
CA ARG F 253 -2.20 11.92 -20.51
C ARG F 253 -1.44 12.97 -19.69
N GLU F 254 -1.58 12.89 -18.34
CA GLU F 254 -0.97 13.77 -17.34
C GLU F 254 -1.54 15.15 -17.44
N SER F 255 -1.01 16.09 -16.63
CA SER F 255 -1.45 17.48 -16.54
C SER F 255 -2.95 17.49 -16.25
N GLY F 256 -3.36 16.63 -15.29
CA GLY F 256 -4.74 16.48 -14.86
C GLY F 256 -5.31 17.82 -14.47
N GLY F 257 -6.49 18.13 -15.01
CA GLY F 257 -7.17 19.40 -14.79
C GLY F 257 -7.62 19.58 -13.35
N THR F 258 -8.91 19.34 -13.09
CA THR F 258 -9.45 19.51 -11.76
C THR F 258 -10.08 18.22 -11.22
N GLY F 259 -10.79 17.50 -12.09
CA GLY F 259 -11.53 16.31 -11.73
C GLY F 259 -12.99 16.65 -11.49
N LEU F 260 -13.24 17.93 -11.18
CA LEU F 260 -14.55 18.45 -10.88
C LEU F 260 -15.39 18.86 -12.11
N GLY F 261 -14.77 19.33 -13.21
CA GLY F 261 -15.44 19.81 -14.43
C GLY F 261 -16.86 19.33 -14.71
N LEU F 262 -16.96 18.04 -15.10
CA LEU F 262 -18.23 17.39 -15.37
C LEU F 262 -19.14 17.30 -14.14
N ALA F 263 -18.57 17.12 -12.93
CA ALA F 263 -19.35 17.10 -11.68
C ALA F 263 -20.00 18.47 -11.45
N ILE F 264 -19.27 19.56 -11.82
CA ILE F 264 -19.77 20.94 -11.74
C ILE F 264 -20.93 21.09 -12.74
N VAL F 265 -20.75 20.57 -13.97
CA VAL F 265 -21.76 20.60 -15.03
C VAL F 265 -23.07 19.95 -14.50
N GLU F 266 -22.96 18.73 -13.96
CA GLU F 266 -24.07 17.95 -13.45
C GLU F 266 -24.81 18.69 -12.34
N THR F 267 -24.09 19.18 -11.31
CA THR F 267 -24.70 19.90 -10.18
C THR F 267 -25.36 21.20 -10.63
N ALA F 268 -24.75 21.90 -11.61
CA ALA F 268 -25.29 23.15 -12.17
C ALA F 268 -26.60 22.91 -12.94
N ILE F 269 -26.67 21.86 -13.76
CA ILE F 269 -27.88 21.55 -14.53
C ILE F 269 -28.97 20.96 -13.62
N GLN F 270 -28.57 20.13 -12.63
CA GLN F 270 -29.51 19.51 -11.68
C GLN F 270 -30.18 20.56 -10.81
N GLN F 271 -29.45 21.64 -10.46
CA GLN F 271 -30.00 22.74 -9.68
C GLN F 271 -30.89 23.62 -10.58
N HIS F 272 -30.74 23.48 -11.91
CA HIS F 272 -31.58 24.17 -12.89
C HIS F 272 -32.77 23.27 -13.28
N ARG F 273 -33.11 22.30 -12.39
CA ARG F 273 -34.22 21.34 -12.51
C ARG F 273 -34.12 20.42 -13.74
N GLY F 274 -32.92 20.36 -14.34
CA GLY F 274 -32.66 19.53 -15.50
C GLY F 274 -31.92 18.26 -15.16
N TRP F 275 -31.27 17.65 -16.16
CA TRP F 275 -30.46 16.45 -15.96
C TRP F 275 -29.40 16.32 -17.05
N VAL F 276 -28.39 15.49 -16.77
CA VAL F 276 -27.30 15.22 -17.69
C VAL F 276 -27.14 13.69 -17.80
N LYS F 277 -26.88 13.21 -19.02
CA LYS F 277 -26.67 11.79 -19.32
C LYS F 277 -25.43 11.60 -20.20
N ALA F 278 -24.76 10.47 -20.04
CA ALA F 278 -23.58 10.12 -20.83
C ALA F 278 -23.82 8.79 -21.51
N GLU F 279 -23.86 8.82 -22.84
CA GLU F 279 -24.11 7.64 -23.67
C GLU F 279 -22.99 7.43 -24.67
N ASP F 280 -23.08 6.36 -25.48
CA ASP F 280 -22.11 6.07 -26.52
C ASP F 280 -22.52 6.84 -27.75
N SER F 281 -21.59 7.61 -28.28
CA SER F 281 -21.87 8.44 -29.45
C SER F 281 -21.88 7.62 -30.74
N PRO F 282 -22.80 7.96 -31.69
CA PRO F 282 -22.80 7.31 -33.00
C PRO F 282 -21.55 7.69 -33.81
N LEU F 283 -20.85 8.76 -33.38
CA LEU F 283 -19.60 9.21 -33.99
C LEU F 283 -18.46 8.30 -33.55
N GLY F 284 -18.69 7.54 -32.47
CA GLY F 284 -17.75 6.57 -31.93
C GLY F 284 -17.19 6.89 -30.56
N GLY F 285 -17.20 8.18 -30.20
CA GLY F 285 -16.69 8.66 -28.92
C GLY F 285 -17.73 8.68 -27.82
N LEU F 286 -17.90 9.84 -27.20
CA LEU F 286 -18.83 10.02 -26.11
C LEU F 286 -19.96 10.99 -26.49
N ARG F 287 -21.18 10.60 -26.11
CA ARG F 287 -22.37 11.41 -26.31
C ARG F 287 -22.76 12.01 -24.96
N LEU F 288 -22.92 13.33 -24.90
CA LEU F 288 -23.34 14.00 -23.68
C LEU F 288 -24.65 14.70 -23.91
N VAL F 289 -25.65 14.35 -23.09
CA VAL F 289 -27.00 14.89 -23.24
C VAL F 289 -27.36 15.76 -22.06
N ILE F 290 -27.77 17.00 -22.34
CA ILE F 290 -28.22 17.95 -21.33
C ILE F 290 -29.70 18.21 -21.56
N TRP F 291 -30.49 18.18 -20.50
CA TRP F 291 -31.89 18.51 -20.62
C TRP F 291 -32.25 19.58 -19.61
N LEU F 292 -32.97 20.60 -20.08
CA LEU F 292 -33.44 21.68 -19.25
C LEU F 292 -34.91 21.95 -19.52
N PRO F 293 -35.72 22.16 -18.46
CA PRO F 293 -37.14 22.43 -18.68
C PRO F 293 -37.39 23.86 -19.14
N LEU F 294 -38.52 24.07 -19.84
CA LEU F 294 -38.88 25.40 -20.35
C LEU F 294 -39.59 26.21 -19.26
N TYR F 295 -39.37 27.52 -19.28
CA TYR F 295 -40.01 28.44 -18.33
C TYR F 295 -41.43 28.76 -18.77
PB ADP G . -6.54 -10.39 -3.80
O1B ADP G . -6.90 -11.81 -4.26
O2B ADP G . -6.79 -10.26 -2.30
O3B ADP G . -5.10 -10.14 -4.07
PA ADP G . -8.23 -9.41 -6.00
O1A ADP G . -8.39 -10.91 -6.39
O2A ADP G . -7.46 -8.74 -7.06
O3A ADP G . -7.43 -9.34 -4.61
O5' ADP G . -9.63 -8.69 -5.85
C5' ADP G . -9.66 -7.38 -5.26
C4' ADP G . -10.57 -7.33 -4.05
O4' ADP G . -11.88 -7.68 -4.50
C3' ADP G . -10.27 -8.32 -2.92
O3' ADP G . -9.38 -7.72 -1.97
C2' ADP G . -11.66 -8.59 -2.32
O2' ADP G . -11.91 -7.88 -1.12
C1' ADP G . -12.63 -8.20 -3.44
N9 ADP G . -13.41 -9.33 -3.97
C8 ADP G . -13.13 -10.04 -5.11
N7 ADP G . -13.99 -11.00 -5.36
C5 ADP G . -14.87 -10.92 -4.30
C6 ADP G . -16.01 -11.67 -3.96
N6 ADP G . -16.47 -12.74 -4.63
N1 ADP G . -16.69 -11.33 -2.86
C2 ADP G . -16.27 -10.29 -2.15
N3 ADP G . -15.21 -9.50 -2.34
C4 ADP G . -14.55 -9.89 -3.43
S SO4 H . 17.44 25.30 -44.82
O1 SO4 H . 15.99 25.08 -44.80
O2 SO4 H . 18.13 24.30 -44.02
O3 SO4 H . 17.88 25.19 -46.19
O4 SO4 H . 17.72 26.64 -44.29
S SO4 I . 21.07 3.08 -21.98
O1 SO4 I . 20.59 1.87 -22.67
O2 SO4 I . 22.49 2.91 -21.65
O3 SO4 I . 20.91 4.23 -22.88
O4 SO4 I . 20.31 3.30 -20.75
PB ADP J . -9.99 20.39 19.07
O1B ADP J . -8.72 21.10 19.54
O2B ADP J . -9.62 19.23 18.17
O3B ADP J . -10.72 19.86 20.26
PA ADP J . -10.41 22.75 17.50
O1A ADP J . -11.16 22.91 16.15
O2A ADP J . -8.99 22.58 17.18
O3A ADP J . -10.90 21.43 18.26
O5' ADP J . -10.61 24.01 18.41
C5' ADP J . -9.77 24.18 19.54
C4' ADP J . -9.66 25.63 19.95
O4' ADP J . -10.69 25.89 20.93
C3' ADP J . -8.32 26.06 20.57
O3' ADP J . -7.71 27.16 19.89
C2' ADP J . -8.65 26.28 22.06
O2' ADP J . -7.96 27.40 22.56
C1' ADP J . -10.14 26.58 22.02
N9 ADP J . -10.87 26.13 23.23
C8 ADP J . -11.83 25.14 23.28
N7 ADP J . -12.30 24.94 24.48
C5 ADP J . -11.60 25.84 25.28
C6 ADP J . -11.63 26.09 26.64
N6 ADP J . -12.38 25.44 27.55
N1 ADP J . -10.81 27.04 27.10
C2 ADP J . -10.03 27.69 26.25
N3 ADP J . -9.91 27.55 24.94
C4 ADP J . -10.72 26.58 24.50
PB ADP K . -11.21 18.14 -17.14
O1B ADP K . -12.08 18.96 -18.06
O2B ADP K . -9.87 17.83 -17.80
O3B ADP K . -10.95 18.92 -15.90
PA ADP K . -13.55 16.52 -16.57
O1A ADP K . -14.34 17.42 -17.54
O2A ADP K . -13.93 16.88 -15.20
O3A ADP K . -11.99 16.78 -16.79
O5' ADP K . -13.92 15.02 -16.86
C5' ADP K . -13.98 14.50 -18.18
C4' ADP K . -13.44 13.11 -18.27
O4' ADP K . -14.34 12.32 -19.06
C3' ADP K . -12.07 13.00 -18.94
O3' ADP K . -11.05 12.99 -17.93
C2' ADP K . -12.15 11.69 -19.73
O2' ADP K . -11.65 10.58 -19.02
C1' ADP K . -13.64 11.54 -20.00
N9 ADP K . -14.04 11.94 -21.33
C8 ADP K . -14.70 13.09 -21.71
N7 ADP K . -14.94 13.22 -22.99
C5 ADP K . -14.37 12.05 -23.52
C6 ADP K . -14.26 11.60 -24.83
N6 ADP K . -14.68 12.22 -25.93
N1 ADP K . -13.64 10.42 -25.02
C2 ADP K . -13.18 9.76 -23.96
N3 ADP K . -13.22 10.08 -22.67
C4 ADP K . -13.84 11.27 -22.53
S SO4 L . -37.83 28.21 -33.37
O1 SO4 L . -37.74 27.48 -34.63
O2 SO4 L . -36.52 28.13 -32.76
O3 SO4 L . -38.17 29.62 -33.63
O4 SO4 L . -38.81 27.60 -32.47
#